data_5SDL
#
_entry.id   5SDL
#
_cell.length_a   101.920
_cell.length_b   117.470
_cell.length_c   147.780
_cell.angle_alpha   90.000
_cell.angle_beta   90.000
_cell.angle_gamma   90.000
#
_symmetry.space_group_name_H-M   'P 21 21 21'
#
loop_
_entity.id
_entity.type
_entity.pdbx_description
1 polymer 'Asp/Glu-specific dipeptidyl-peptidase'
2 non-polymer "N-(4-methoxyphenyl)-N'-pyridin-4-ylurea"
3 non-polymer 'CHLORIDE ION'
4 water water
#
_entity_poly.entity_id   1
_entity_poly.type   'polypeptide(L)'
_entity_poly.pdbx_seq_one_letter_code
;MDEGMWLMQQLGRKYAQMKERGLKMKEYDLYNPNGTSLKDAVVLFDGGCTGEVVSDRGLVLTNHHCGYDMIQAHSTLEHN
YLENGFWAMREADELPNKDISVVFIDKIEDVTDYVKKELKAIKDPNSMDYLSPKYLQKLADKKAGKNFSAKNPGLSVEIK
AFYGGNLYLMFTKKTYTDVRLVGAPPSSIGKFGADTDNWIWPRHTGDFSIFRIYADKNGNPAPYSEDNVPLKPKRFFNIS
LGGVQENDYAMIMGFPGTTHRYFTASEVDEWKSIDNDIRIRMRDIRQGVMLREMLADPQIKIMYSAKYAASQNAYKRAIG
ANWAIKTRGLRQNKQAMQDRLIAWGAKQGTPRYEEAVHEIDATVAKRADLRRRYWMIEEGIIRGIEFARSPIPTEDETKA
LQGNDASARKEAIDKIRTRYSKFANKDYSAEVDKKVAVAMLTEYLKEIPYENLPLHLRLVKDRFAGDVQAYVDDIFARSV
FGSEAQFDAFAAVPSVEKLAEDPMVLFASSVFDEYRKLYNELRPYDDPILRAQRTYIAGLLEMDGDQDQFPDANLTLRFT
YGQVKGYSPRDNVYYGHQTTLDGVMEKEDPDNWEFVVDPKLKAVYERKDFGRYADRSGRMPVAFCATTHTTGGNSGSPVM
NANGELIGLNFDRNWEGVGGDIQYLADYQRSIIVDIRYVLLVIDKVGGCQRLLDEMNIVPAHHHHHH
;
_entity_poly.pdbx_strand_id   A,B
#
# COMPACT_ATOMS: atom_id res chain seq x y z
N ASP A 2 24.32 7.76 14.89
CA ASP A 2 25.03 9.05 14.64
C ASP A 2 24.50 10.22 15.50
N GLU A 3 23.34 10.92 15.15
CA GLU A 3 22.78 12.07 15.95
C GLU A 3 22.22 11.59 17.27
N GLY A 4 23.07 11.57 18.25
CA GLY A 4 22.88 10.92 19.53
C GLY A 4 21.72 10.96 20.49
N MET A 5 21.90 10.04 21.43
CA MET A 5 21.18 9.78 22.65
C MET A 5 22.25 10.08 23.71
N TRP A 6 22.27 11.33 24.15
CA TRP A 6 23.30 11.87 25.00
C TRP A 6 23.10 11.70 26.50
N LEU A 7 24.19 11.47 27.20
CA LEU A 7 24.18 11.41 28.66
C LEU A 7 23.82 12.81 29.21
N MET A 8 23.21 12.90 30.41
CA MET A 8 22.94 14.22 31.00
C MET A 8 24.23 14.99 31.25
N GLN A 9 25.32 14.29 31.62
CA GLN A 9 26.70 14.79 31.82
C GLN A 9 27.16 15.56 30.55
N GLN A 10 26.68 15.15 29.36
CA GLN A 10 27.07 15.75 28.08
C GLN A 10 26.26 16.98 27.69
N LEU A 11 25.26 17.39 28.49
CA LEU A 11 24.49 18.60 28.17
C LEU A 11 25.39 19.84 28.12
N GLY A 12 26.36 19.92 29.02
CA GLY A 12 27.31 21.02 29.06
C GLY A 12 28.06 21.24 27.75
N ARG A 13 28.70 20.19 27.22
CA ARG A 13 29.48 20.32 25.99
C ARG A 13 28.61 20.36 24.70
N LYS A 14 27.29 20.10 24.80
CA LYS A 14 26.42 20.21 23.62
C LYS A 14 25.61 21.52 23.60
N TYR A 15 25.41 22.15 24.78
CA TYR A 15 24.58 23.34 24.98
C TYR A 15 24.69 24.43 23.89
N ALA A 16 25.92 24.80 23.49
CA ALA A 16 26.11 25.82 22.46
C ALA A 16 25.55 25.42 21.11
N GLN A 17 25.65 24.12 20.73
CA GLN A 17 25.08 23.63 19.47
C GLN A 17 23.57 23.64 19.54
N MET A 18 23.00 23.19 20.70
CA MET A 18 21.55 23.18 20.89
C MET A 18 20.97 24.59 20.85
N LYS A 19 21.68 25.57 21.46
CA LYS A 19 21.26 26.98 21.46
C LYS A 19 21.34 27.51 20.03
N GLU A 20 22.43 27.20 19.32
CA GLU A 20 22.60 27.61 17.93
C GLU A 20 21.47 27.03 17.04
N ARG A 21 20.96 25.83 17.38
CA ARG A 21 19.87 25.15 16.68
C ARG A 21 18.46 25.61 17.11
N GLY A 22 18.38 26.51 18.09
CA GLY A 22 17.12 27.08 18.51
C GLY A 22 16.74 27.00 19.97
N LEU A 23 17.51 26.27 20.81
CA LEU A 23 17.21 26.17 22.24
C LEU A 23 17.31 27.54 22.93
N LYS A 24 16.29 27.89 23.72
CA LYS A 24 16.25 29.18 24.41
C LYS A 24 16.38 29.07 25.92
N MET A 25 16.05 27.91 26.50
CA MET A 25 16.10 27.77 27.96
C MET A 25 17.53 27.72 28.51
N LYS A 26 17.72 28.09 29.82
CA LYS A 26 19.05 28.04 30.44
C LYS A 26 19.46 26.56 30.68
N GLU A 27 20.77 26.27 30.57
CA GLU A 27 21.33 24.92 30.69
C GLU A 27 20.88 24.18 31.95
N TYR A 28 20.96 24.86 33.08
CA TYR A 28 20.65 24.27 34.36
C TYR A 28 19.15 24.22 34.67
N ASP A 29 18.30 24.86 33.85
CA ASP A 29 16.86 24.71 33.98
C ASP A 29 16.43 23.35 33.35
N LEU A 30 17.24 22.79 32.40
CA LEU A 30 17.00 21.50 31.76
C LEU A 30 17.68 20.36 32.52
N TYR A 31 18.90 20.61 32.98
CA TYR A 31 19.62 19.64 33.81
C TYR A 31 20.66 20.30 34.67
N ASN A 32 20.57 20.05 35.95
CA ASN A 32 21.52 20.55 36.93
C ASN A 32 21.80 19.41 37.89
N PRO A 33 23.07 19.04 38.06
CA PRO A 33 23.39 17.93 38.98
C PRO A 33 23.27 18.28 40.46
N ASN A 34 23.29 19.57 40.81
CA ASN A 34 23.19 19.98 42.20
C ASN A 34 21.93 20.79 42.47
N GLY A 35 20.83 20.48 41.77
CA GLY A 35 19.59 21.20 41.98
C GLY A 35 18.52 20.91 40.95
N THR A 36 17.24 21.24 41.28
CA THR A 36 16.04 21.04 40.47
C THR A 36 16.18 21.54 39.03
N SER A 37 15.67 20.72 38.11
CA SER A 37 15.71 20.93 36.67
C SER A 37 14.59 20.09 36.04
N LEU A 38 14.28 20.33 34.76
CA LEU A 38 13.24 19.61 34.00
C LEU A 38 13.45 18.08 34.00
N LYS A 39 14.72 17.64 34.17
CA LYS A 39 15.12 16.25 34.32
C LYS A 39 14.32 15.58 35.46
N ASP A 40 13.95 16.34 36.50
CA ASP A 40 13.19 15.82 37.65
C ASP A 40 11.74 15.50 37.32
N ALA A 41 11.21 15.98 36.19
CA ALA A 41 9.84 15.68 35.81
C ALA A 41 9.76 14.46 34.86
N VAL A 42 10.88 13.79 34.55
CA VAL A 42 10.93 12.64 33.65
C VAL A 42 10.98 11.36 34.48
N VAL A 43 10.18 10.34 34.08
CA VAL A 43 10.13 9.08 34.81
C VAL A 43 10.27 7.88 33.90
N LEU A 44 10.74 6.76 34.45
CA LEU A 44 10.75 5.49 33.75
C LEU A 44 9.41 4.90 34.21
N PHE A 45 8.46 4.80 33.30
CA PHE A 45 7.11 4.33 33.58
C PHE A 45 7.07 2.83 33.39
N ASP A 46 6.65 2.12 34.43
CA ASP A 46 6.49 0.66 34.44
C ASP A 46 7.67 -0.12 33.82
N GLY A 47 8.88 0.28 34.16
CA GLY A 47 10.09 -0.42 33.72
C GLY A 47 10.57 -0.38 32.28
N GLY A 48 9.72 0.02 31.33
CA GLY A 48 10.13 0.03 29.93
C GLY A 48 9.61 1.15 29.05
N CYS A 49 8.90 2.08 29.64
CA CYS A 49 8.33 3.22 28.92
C CYS A 49 8.88 4.48 29.61
N THR A 50 8.63 5.63 29.01
CA THR A 50 8.95 6.91 29.59
C THR A 50 7.60 7.61 29.94
N GLY A 51 7.66 8.48 30.93
CA GLY A 51 6.53 9.29 31.35
C GLY A 51 7.00 10.67 31.76
N GLU A 52 6.04 11.53 32.08
CA GLU A 52 6.36 12.88 32.52
C GLU A 52 5.32 13.44 33.43
N VAL A 53 5.77 14.14 34.46
CA VAL A 53 4.93 14.79 35.46
C VAL A 53 4.50 16.13 34.87
N VAL A 54 3.18 16.38 34.81
CA VAL A 54 2.59 17.56 34.18
C VAL A 54 1.76 18.43 35.14
N SER A 55 1.84 18.18 36.46
CA SER A 55 1.13 19.00 37.44
C SER A 55 1.76 18.94 38.84
N ASP A 56 1.44 19.95 39.70
CA ASP A 56 1.88 20.03 41.09
C ASP A 56 1.22 18.97 42.01
N ARG A 57 0.30 18.14 41.45
CA ARG A 57 -0.35 17.05 42.17
C ARG A 57 -0.01 15.68 41.59
N GLY A 58 1.15 15.55 40.95
CA GLY A 58 1.67 14.27 40.48
C GLY A 58 1.01 13.60 39.29
N LEU A 59 0.32 14.38 38.44
CA LEU A 59 -0.29 13.82 37.25
C LEU A 59 0.82 13.45 36.26
N VAL A 60 0.69 12.31 35.59
CA VAL A 60 1.70 11.78 34.68
C VAL A 60 1.10 11.42 33.30
N LEU A 61 1.78 11.82 32.22
CA LEU A 61 1.36 11.43 30.88
C LEU A 61 2.38 10.39 30.36
N THR A 62 1.88 9.43 29.61
CA THR A 62 2.63 8.38 28.93
C THR A 62 1.77 7.94 27.73
N ASN A 63 2.20 6.95 26.96
CA ASN A 63 1.45 6.43 25.83
C ASN A 63 0.29 5.57 26.26
N HIS A 64 -0.67 5.37 25.35
CA HIS A 64 -1.80 4.49 25.56
C HIS A 64 -1.25 3.05 25.59
N HIS A 65 -0.34 2.71 24.67
CA HIS A 65 0.26 1.38 24.66
C HIS A 65 1.16 1.12 25.88
N CYS A 66 1.49 2.16 26.67
CA CYS A 66 2.28 2.03 27.89
C CYS A 66 1.40 1.73 29.09
N GLY A 67 0.22 2.33 29.13
CA GLY A 67 -0.76 2.10 30.19
C GLY A 67 -1.84 1.10 29.82
N TYR A 68 -1.72 0.47 28.63
CA TYR A 68 -2.66 -0.51 28.08
C TYR A 68 -3.02 -1.67 29.06
N ASP A 69 -2.03 -2.30 29.72
CA ASP A 69 -2.30 -3.38 30.66
C ASP A 69 -3.08 -2.92 31.87
N MET A 70 -2.81 -1.71 32.37
CA MET A 70 -3.55 -1.16 33.49
C MET A 70 -5.00 -0.88 33.10
N ILE A 71 -5.22 -0.38 31.87
CA ILE A 71 -6.55 -0.08 31.35
C ILE A 71 -7.34 -1.38 31.14
N GLN A 72 -6.66 -2.43 30.67
CA GLN A 72 -7.26 -3.74 30.42
C GLN A 72 -7.62 -4.46 31.71
N ALA A 73 -6.76 -4.35 32.74
CA ALA A 73 -6.99 -5.00 34.04
C ALA A 73 -8.23 -4.44 34.75
N HIS A 74 -8.48 -3.14 34.59
CA HIS A 74 -9.65 -2.51 35.17
C HIS A 74 -10.91 -2.60 34.31
N SER A 75 -10.81 -3.18 33.11
CA SER A 75 -11.94 -3.30 32.20
C SER A 75 -12.73 -4.60 32.43
N THR A 76 -14.05 -4.48 32.40
CA THR A 76 -15.04 -5.55 32.57
C THR A 76 -16.10 -5.46 31.43
N LEU A 77 -17.09 -6.38 31.41
CA LEU A 77 -18.18 -6.28 30.43
C LEU A 77 -19.03 -5.04 30.77
N GLU A 78 -19.24 -4.78 32.06
CA GLU A 78 -20.01 -3.63 32.56
C GLU A 78 -19.29 -2.29 32.31
N HIS A 79 -18.00 -2.20 32.62
CA HIS A 79 -17.23 -0.98 32.34
C HIS A 79 -16.02 -1.29 31.46
N ASN A 80 -16.18 -1.31 30.12
CA ASN A 80 -15.04 -1.60 29.24
C ASN A 80 -14.24 -0.32 28.95
N TYR A 81 -13.27 -0.01 29.83
CA TYR A 81 -12.42 1.19 29.71
C TYR A 81 -11.49 1.11 28.51
N LEU A 82 -11.10 -0.09 28.09
CA LEU A 82 -10.23 -0.25 26.94
C LEU A 82 -10.92 0.22 25.66
N GLU A 83 -12.19 -0.11 25.52
CA GLU A 83 -13.04 0.23 24.38
C GLU A 83 -13.62 1.66 24.44
N ASN A 84 -14.14 2.06 25.59
CA ASN A 84 -14.81 3.36 25.72
C ASN A 84 -13.97 4.48 26.29
N GLY A 85 -12.85 4.13 26.91
CA GLY A 85 -12.03 5.10 27.61
C GLY A 85 -12.40 5.16 29.09
N PHE A 86 -11.62 5.92 29.86
CA PHE A 86 -11.85 6.05 31.30
C PHE A 86 -11.50 7.46 31.70
N TRP A 87 -12.38 8.12 32.46
CA TRP A 87 -12.11 9.48 32.93
C TRP A 87 -12.60 9.62 34.35
N ALA A 88 -11.69 9.48 35.33
CA ALA A 88 -12.01 9.60 36.76
C ALA A 88 -12.42 11.05 37.02
N MET A 89 -13.69 11.27 37.42
CA MET A 89 -14.16 12.65 37.62
C MET A 89 -13.74 13.27 38.98
N ARG A 90 -13.06 12.50 39.82
CA ARG A 90 -12.50 12.96 41.10
C ARG A 90 -11.28 12.08 41.43
N GLU A 91 -10.32 12.62 42.20
CA GLU A 91 -9.12 11.89 42.61
C GLU A 91 -9.41 10.57 43.31
N ALA A 92 -10.50 10.50 44.06
CA ALA A 92 -10.91 9.27 44.75
C ALA A 92 -11.37 8.16 43.78
N ASP A 93 -11.78 8.54 42.57
CA ASP A 93 -12.20 7.61 41.52
C ASP A 93 -11.04 7.02 40.72
N GLU A 94 -9.82 7.58 40.87
CA GLU A 94 -8.63 7.07 40.17
C GLU A 94 -8.27 5.69 40.69
N LEU A 95 -8.15 4.74 39.76
CA LEU A 95 -7.92 3.33 40.05
C LEU A 95 -6.46 2.94 40.37
N PRO A 96 -6.21 2.31 41.53
CA PRO A 96 -4.86 1.82 41.83
C PRO A 96 -4.49 0.67 40.89
N ASN A 97 -3.19 0.40 40.74
CA ASN A 97 -2.74 -0.64 39.83
C ASN A 97 -1.73 -1.52 40.50
N LYS A 98 -1.94 -2.84 40.48
CA LYS A 98 -0.96 -3.74 41.10
C LYS A 98 0.20 -3.92 40.16
N ASP A 99 1.43 -3.94 40.71
CA ASP A 99 2.68 -4.18 39.98
C ASP A 99 3.08 -3.07 39.03
N ILE A 100 2.88 -1.83 39.45
CA ILE A 100 3.25 -0.66 38.67
C ILE A 100 4.35 0.13 39.40
N SER A 101 5.17 0.85 38.63
CA SER A 101 6.18 1.72 39.23
C SER A 101 6.52 2.89 38.35
N VAL A 102 7.03 3.94 38.95
CA VAL A 102 7.55 5.12 38.31
C VAL A 102 8.88 5.39 38.98
N VAL A 103 9.92 5.57 38.17
CA VAL A 103 11.25 5.81 38.71
C VAL A 103 11.78 7.19 38.32
N PHE A 104 12.13 8.00 39.31
CA PHE A 104 12.75 9.29 39.10
C PHE A 104 14.27 9.15 39.19
N ILE A 105 15.02 9.85 38.34
CA ILE A 105 16.47 9.84 38.41
C ILE A 105 16.89 11.04 39.26
N ASP A 106 16.99 10.82 40.56
CA ASP A 106 17.30 11.82 41.58
C ASP A 106 18.67 12.46 41.40
N LYS A 107 19.71 11.63 41.27
CA LYS A 107 21.08 12.08 41.07
C LYS A 107 21.76 11.13 40.06
N ILE A 108 22.74 11.66 39.34
CA ILE A 108 23.56 10.90 38.40
C ILE A 108 24.98 11.35 38.68
N GLU A 109 25.88 10.41 38.91
CA GLU A 109 27.26 10.75 39.24
C GLU A 109 28.24 9.93 38.41
N ASP A 110 29.32 10.56 37.95
CA ASP A 110 30.37 9.85 37.23
C ASP A 110 31.25 9.15 38.27
N VAL A 111 31.28 7.80 38.24
CA VAL A 111 32.08 6.96 39.15
C VAL A 111 33.12 6.13 38.39
N THR A 112 33.59 6.61 37.22
CA THR A 112 34.55 5.92 36.37
C THR A 112 35.85 5.59 37.09
N ASP A 113 36.48 6.59 37.73
CA ASP A 113 37.77 6.38 38.41
C ASP A 113 37.64 5.40 39.54
N TYR A 114 36.55 5.51 40.33
CA TYR A 114 36.24 4.61 41.44
C TYR A 114 36.13 3.15 40.93
N VAL A 115 35.34 2.92 39.87
CA VAL A 115 35.14 1.58 39.31
C VAL A 115 36.43 1.03 38.68
N LYS A 116 37.13 1.85 37.90
CA LYS A 116 38.40 1.46 37.28
C LYS A 116 39.48 1.13 38.32
N LYS A 117 39.44 1.81 39.50
CA LYS A 117 40.36 1.52 40.58
C LYS A 117 39.97 0.20 41.23
N GLU A 118 38.67 -0.01 41.53
CA GLU A 118 38.21 -1.26 42.13
C GLU A 118 38.55 -2.47 41.24
N LEU A 119 38.44 -2.27 39.90
CA LEU A 119 38.70 -3.30 38.89
C LEU A 119 40.18 -3.72 38.82
N LYS A 120 41.12 -2.82 39.20
CA LYS A 120 42.56 -3.10 39.24
C LYS A 120 42.90 -4.33 40.12
N ALA A 121 41.97 -4.77 40.99
CA ALA A 121 42.15 -6.00 41.75
C ALA A 121 41.77 -7.19 40.84
N ILE A 122 42.24 -7.13 39.55
CA ILE A 122 42.15 -8.00 38.37
C ILE A 122 42.79 -9.37 38.65
N LYS A 123 42.02 -10.32 39.19
CA LYS A 123 42.55 -11.67 39.43
C LYS A 123 42.79 -12.46 38.10
N ASP A 124 42.25 -11.94 36.98
CA ASP A 124 42.17 -12.52 35.64
C ASP A 124 41.89 -11.37 34.66
N PRO A 125 42.74 -11.18 33.64
CA PRO A 125 42.50 -10.07 32.67
C PRO A 125 41.27 -10.25 31.78
N ASN A 126 40.80 -11.48 31.67
CA ASN A 126 39.63 -11.83 30.88
C ASN A 126 38.32 -11.82 31.69
N SER A 127 38.36 -11.35 32.96
CA SER A 127 37.18 -11.25 33.81
C SER A 127 36.11 -10.34 33.22
N MET A 128 34.86 -10.81 33.24
CA MET A 128 33.74 -10.00 32.73
C MET A 128 33.01 -9.25 33.86
N ASP A 129 33.65 -9.11 35.03
CA ASP A 129 33.08 -8.40 36.16
C ASP A 129 32.84 -6.95 35.85
N TYR A 130 33.64 -6.33 34.95
CA TYR A 130 33.48 -4.93 34.55
C TYR A 130 32.09 -4.65 33.90
N LEU A 131 31.41 -5.70 33.41
CA LEU A 131 30.06 -5.59 32.85
C LEU A 131 29.01 -6.31 33.70
N SER A 132 29.40 -6.86 34.86
CA SER A 132 28.51 -7.64 35.68
C SER A 132 27.59 -6.81 36.57
N PRO A 133 26.27 -7.01 36.43
CA PRO A 133 25.32 -6.32 37.31
C PRO A 133 25.54 -6.66 38.78
N LYS A 134 25.94 -7.90 39.10
CA LYS A 134 26.22 -8.30 40.49
C LYS A 134 27.45 -7.57 41.03
N TYR A 135 28.55 -7.55 40.26
CA TYR A 135 29.77 -6.87 40.69
C TYR A 135 29.56 -5.37 40.85
N LEU A 136 28.92 -4.74 39.87
CA LEU A 136 28.67 -3.29 39.91
C LEU A 136 27.72 -2.93 41.02
N GLN A 137 26.75 -3.80 41.37
CA GLN A 137 25.86 -3.53 42.49
C GLN A 137 26.63 -3.59 43.82
N LYS A 138 27.60 -4.51 43.95
CA LYS A 138 28.45 -4.58 45.14
C LYS A 138 29.25 -3.27 45.27
N LEU A 139 29.71 -2.71 44.14
CA LEU A 139 30.48 -1.45 44.13
C LEU A 139 29.61 -0.26 44.47
N ALA A 140 28.36 -0.26 43.97
CA ALA A 140 27.39 0.79 44.22
C ALA A 140 27.03 0.80 45.71
N ASP A 141 26.81 -0.40 46.31
CA ASP A 141 26.49 -0.54 47.73
C ASP A 141 27.67 -0.10 48.61
N LYS A 142 28.90 -0.43 48.21
CA LYS A 142 30.08 -0.01 48.95
C LYS A 142 30.19 1.52 48.94
N LYS A 143 29.95 2.15 47.79
CA LYS A 143 30.01 3.61 47.69
C LYS A 143 28.85 4.33 48.42
N ALA A 144 27.59 3.90 48.21
CA ALA A 144 26.43 4.54 48.84
C ALA A 144 26.43 4.39 50.37
N GLY A 145 26.79 3.21 50.86
CA GLY A 145 26.89 3.00 52.29
C GLY A 145 26.12 1.85 52.91
N LYS A 146 26.33 1.69 54.25
CA LYS A 146 25.71 0.68 55.11
C LYS A 146 24.20 0.89 55.19
N ASN A 147 23.43 -0.11 54.68
CA ASN A 147 21.95 -0.10 54.63
C ASN A 147 21.39 1.24 54.15
N PHE A 148 21.81 1.68 52.95
CA PHE A 148 21.39 2.94 52.33
C PHE A 148 19.87 3.03 52.15
N SER A 149 19.25 1.94 51.65
CA SER A 149 17.81 1.86 51.38
C SER A 149 16.96 2.00 52.64
N ALA A 150 17.45 1.45 53.77
CA ALA A 150 16.77 1.53 55.06
C ALA A 150 16.87 2.94 55.62
N LYS A 151 18.04 3.59 55.45
CA LYS A 151 18.32 4.96 55.90
C LYS A 151 17.71 6.05 54.99
N ASN A 152 17.34 5.70 53.74
CA ASN A 152 16.72 6.61 52.79
C ASN A 152 15.55 5.87 52.10
N PRO A 153 14.41 5.66 52.80
CA PRO A 153 13.30 4.90 52.19
C PRO A 153 12.75 5.50 50.89
N GLY A 154 12.76 4.70 49.85
CA GLY A 154 12.33 5.13 48.54
C GLY A 154 13.49 5.22 47.56
N LEU A 155 14.69 5.49 48.06
CA LEU A 155 15.90 5.62 47.29
C LEU A 155 16.66 4.29 47.08
N SER A 156 17.36 4.22 45.95
CA SER A 156 18.21 3.10 45.63
C SER A 156 19.32 3.56 44.70
N VAL A 157 20.41 2.84 44.71
CA VAL A 157 21.60 3.17 43.97
C VAL A 157 21.93 2.08 42.88
N GLU A 158 22.52 2.50 41.74
CA GLU A 158 22.85 1.55 40.68
C GLU A 158 24.01 2.06 39.82
N ILE A 159 24.97 1.19 39.48
CA ILE A 159 26.06 1.57 38.59
C ILE A 159 25.90 0.86 37.27
N LYS A 160 26.05 1.59 36.15
CA LYS A 160 25.97 1.03 34.83
C LYS A 160 27.24 1.32 34.05
N ALA A 161 27.63 0.40 33.16
CA ALA A 161 28.77 0.59 32.28
C ALA A 161 28.25 1.29 31.01
N PHE A 162 29.10 2.14 30.44
CA PHE A 162 28.81 2.90 29.23
C PHE A 162 30.05 2.81 28.36
N TYR A 163 29.89 3.08 27.05
CA TYR A 163 31.01 3.04 26.11
C TYR A 163 31.82 1.75 26.15
N GLY A 164 31.13 0.61 26.30
CA GLY A 164 31.75 -0.70 26.36
C GLY A 164 32.63 -0.98 27.57
N GLY A 165 32.39 -0.26 28.67
CA GLY A 165 33.17 -0.42 29.89
C GLY A 165 34.22 0.67 30.11
N ASN A 166 34.10 1.78 29.37
CA ASN A 166 35.04 2.91 29.46
C ASN A 166 34.53 4.10 30.28
N LEU A 167 33.26 4.07 30.68
CA LEU A 167 32.66 5.12 31.50
C LEU A 167 31.63 4.45 32.42
N TYR A 168 31.52 4.88 33.68
CA TYR A 168 30.56 4.30 34.61
C TYR A 168 29.79 5.41 35.29
N LEU A 169 28.47 5.26 35.43
CA LEU A 169 27.65 6.25 36.11
C LEU A 169 26.86 5.59 37.22
N MET A 170 26.71 6.26 38.34
CA MET A 170 25.90 5.78 39.44
C MET A 170 24.63 6.62 39.46
N PHE A 171 23.49 5.97 39.53
CA PHE A 171 22.21 6.64 39.53
C PHE A 171 21.56 6.42 40.87
N THR A 172 21.03 7.51 41.42
CA THR A 172 20.26 7.42 42.65
C THR A 172 18.81 7.55 42.15
N LYS A 173 18.04 6.48 42.29
CA LYS A 173 16.68 6.38 41.81
C LYS A 173 15.66 6.46 42.95
N LYS A 174 14.54 7.11 42.71
CA LYS A 174 13.45 7.18 43.68
C LYS A 174 12.28 6.47 43.03
N THR A 175 11.77 5.38 43.65
CA THR A 175 10.71 4.56 43.05
C THR A 175 9.38 4.65 43.80
N TYR A 176 8.29 4.96 43.07
CA TYR A 176 6.93 5.06 43.62
C TYR A 176 6.11 3.92 43.04
N THR A 177 5.41 3.17 43.89
CA THR A 177 4.64 2.02 43.40
C THR A 177 3.13 2.19 43.52
N ASP A 178 2.64 3.32 44.05
CA ASP A 178 1.22 3.61 44.07
C ASP A 178 0.99 4.61 42.91
N VAL A 179 0.76 4.10 41.70
CA VAL A 179 0.57 4.95 40.52
C VAL A 179 -0.79 4.59 39.97
N ARG A 180 -1.75 5.51 40.09
CA ARG A 180 -3.14 5.26 39.74
C ARG A 180 -3.57 5.73 38.35
N LEU A 181 -4.50 5.01 37.74
CA LEU A 181 -5.03 5.34 36.43
C LEU A 181 -5.99 6.50 36.59
N VAL A 182 -5.80 7.57 35.80
CA VAL A 182 -6.63 8.78 35.88
C VAL A 182 -7.51 8.94 34.64
N GLY A 183 -6.93 8.71 33.47
CA GLY A 183 -7.67 8.88 32.22
C GLY A 183 -7.06 8.18 31.04
N ALA A 184 -7.88 7.82 30.06
CA ALA A 184 -7.42 7.14 28.86
C ALA A 184 -8.44 7.35 27.77
N PRO A 185 -7.99 7.59 26.53
CA PRO A 185 -8.95 7.71 25.43
C PRO A 185 -9.46 6.31 25.07
N PRO A 186 -10.56 6.21 24.30
CA PRO A 186 -10.99 4.87 23.83
C PRO A 186 -9.91 4.30 22.91
N SER A 187 -9.86 2.97 22.76
CA SER A 187 -8.85 2.37 21.87
C SER A 187 -8.91 2.90 20.43
N SER A 188 -10.09 3.32 19.95
CA SER A 188 -10.22 3.86 18.58
C SER A 188 -9.39 5.17 18.34
N ILE A 189 -8.89 5.79 19.42
CA ILE A 189 -8.07 6.99 19.40
C ILE A 189 -6.66 6.58 19.83
N GLY A 190 -6.55 5.88 20.97
CA GLY A 190 -5.27 5.45 21.54
C GLY A 190 -4.45 4.55 20.65
N LYS A 191 -5.13 3.76 19.82
CA LYS A 191 -4.45 2.86 18.90
C LYS A 191 -5.11 2.89 17.52
N PHE A 192 -5.45 4.09 17.01
CA PHE A 192 -6.12 4.29 15.73
C PHE A 192 -5.55 3.49 14.54
N GLY A 193 -4.27 3.60 14.25
CA GLY A 193 -3.73 2.85 13.11
C GLY A 193 -3.73 1.35 13.35
N ALA A 194 -3.58 0.96 14.62
CA ALA A 194 -3.47 -0.38 15.18
C ALA A 194 -2.26 -1.10 14.49
N ASP A 195 -2.32 -2.33 13.91
CA ASP A 195 -1.17 -2.96 13.31
C ASP A 195 -0.84 -2.43 11.94
N THR A 196 -1.86 -1.99 11.16
CA THR A 196 -1.62 -1.46 9.82
C THR A 196 -0.68 -0.25 9.84
N ASP A 197 -0.92 0.70 10.75
CA ASP A 197 -0.11 1.88 10.82
C ASP A 197 1.09 1.78 11.76
N ASN A 198 1.42 0.59 12.30
CA ASN A 198 2.62 0.46 13.15
C ASN A 198 3.87 0.72 12.30
N TRP A 199 4.81 1.52 12.85
CA TRP A 199 6.02 1.96 12.17
C TRP A 199 5.75 2.87 10.98
N ILE A 200 4.51 3.40 10.84
CA ILE A 200 4.15 4.20 9.68
C ILE A 200 4.07 5.71 9.96
N TRP A 201 4.59 6.49 9.04
CA TRP A 201 4.42 7.94 9.00
C TRP A 201 3.95 8.21 7.57
N PRO A 202 2.87 8.99 7.32
CA PRO A 202 2.02 9.75 8.26
C PRO A 202 1.28 8.87 9.26
N ARG A 203 1.04 9.39 10.47
CA ARG A 203 0.41 8.65 11.55
C ARG A 203 -0.68 9.52 12.19
N HIS A 204 -1.83 8.92 12.58
CA HIS A 204 -2.97 9.68 13.12
C HIS A 204 -3.50 9.18 14.46
N THR A 205 -2.61 8.55 15.23
CA THR A 205 -2.89 7.92 16.51
C THR A 205 -2.76 8.84 17.74
N GLY A 206 -3.78 8.89 18.58
CA GLY A 206 -3.74 9.67 19.81
C GLY A 206 -3.29 8.81 20.98
N ASP A 207 -2.04 8.35 20.89
CA ASP A 207 -1.38 7.44 21.79
C ASP A 207 -1.00 8.07 23.11
N PHE A 208 -1.99 8.20 24.01
CA PHE A 208 -1.75 8.73 25.35
C PHE A 208 -2.70 8.08 26.38
N SER A 209 -2.25 8.08 27.63
CA SER A 209 -2.96 7.67 28.83
C SER A 209 -2.40 8.51 30.01
N ILE A 210 -3.22 8.70 31.04
CA ILE A 210 -2.93 9.58 32.16
C ILE A 210 -2.95 8.79 33.47
N PHE A 211 -1.92 9.00 34.28
CA PHE A 211 -1.79 8.36 35.58
C PHE A 211 -1.51 9.42 36.66
N ARG A 212 -1.41 9.02 37.94
CA ARG A 212 -1.06 9.95 39.01
C ARG A 212 -0.24 9.21 40.02
N ILE A 213 0.88 9.79 40.42
CA ILE A 213 1.74 9.23 41.44
C ILE A 213 1.17 9.57 42.81
N TYR A 214 1.07 8.55 43.67
CA TYR A 214 0.64 8.70 45.05
C TYR A 214 1.81 8.38 45.97
N ALA A 215 1.84 9.00 47.15
CA ALA A 215 2.92 8.86 48.13
C ALA A 215 2.35 9.02 49.59
N ASP A 216 3.21 8.88 50.64
CA ASP A 216 2.76 9.09 52.01
C ASP A 216 2.63 10.62 52.28
N LYS A 217 2.20 11.01 53.50
CA LYS A 217 2.02 12.39 53.92
C LYS A 217 3.21 13.33 53.61
N ASN A 218 4.44 12.77 53.61
CA ASN A 218 5.65 13.57 53.36
C ASN A 218 6.15 13.55 51.91
N GLY A 219 5.41 12.91 51.01
CA GLY A 219 5.82 12.77 49.62
C GLY A 219 6.82 11.64 49.38
N ASN A 220 7.00 10.76 50.37
CA ASN A 220 7.92 9.63 50.28
C ASN A 220 7.22 8.45 49.65
N PRO A 221 7.97 7.62 48.89
CA PRO A 221 7.33 6.45 48.28
C PRO A 221 6.67 5.54 49.29
N ALA A 222 5.51 5.04 48.94
CA ALA A 222 4.76 4.13 49.76
C ALA A 222 3.94 3.22 48.84
N PRO A 223 3.83 1.92 49.15
CA PRO A 223 2.98 1.05 48.32
C PRO A 223 1.51 1.45 48.48
N TYR A 224 0.62 0.93 47.61
CA TYR A 224 -0.80 1.26 47.71
C TYR A 224 -1.39 1.16 49.13
N SER A 225 -1.97 2.27 49.59
CA SER A 225 -2.68 2.43 50.85
C SER A 225 -3.82 3.39 50.59
N GLU A 226 -5.01 3.11 51.15
CA GLU A 226 -6.16 4.00 51.01
C GLU A 226 -5.88 5.40 51.62
N ASP A 227 -4.82 5.52 52.46
CA ASP A 227 -4.39 6.76 53.12
C ASP A 227 -3.37 7.57 52.29
N ASN A 228 -2.88 7.03 51.15
CA ASN A 228 -1.93 7.73 50.30
C ASN A 228 -2.54 8.97 49.67
N VAL A 229 -1.71 9.98 49.51
CA VAL A 229 -2.05 11.30 49.01
C VAL A 229 -1.21 11.60 47.73
N PRO A 230 -1.74 12.37 46.77
CA PRO A 230 -0.97 12.67 45.55
C PRO A 230 0.40 13.28 45.85
N LEU A 231 1.38 12.98 45.00
CA LEU A 231 2.73 13.49 45.19
C LEU A 231 2.86 14.96 44.74
N LYS A 232 3.52 15.80 45.56
CA LYS A 232 3.85 17.16 45.16
C LYS A 232 5.28 17.02 44.67
N PRO A 233 5.50 17.10 43.36
CA PRO A 233 6.85 16.91 42.83
C PRO A 233 7.75 18.15 42.91
N LYS A 234 9.07 17.93 42.82
CA LYS A 234 10.12 18.97 42.75
C LYS A 234 9.90 19.83 41.48
N ARG A 235 9.40 19.22 40.40
CA ARG A 235 9.32 19.82 39.08
C ARG A 235 8.23 19.13 38.22
N PHE A 236 7.62 19.90 37.33
CA PHE A 236 6.64 19.38 36.40
C PHE A 236 6.67 20.20 35.12
N PHE A 237 6.21 19.62 34.02
CA PHE A 237 6.21 20.29 32.74
C PHE A 237 5.05 21.25 32.57
N ASN A 238 5.31 22.40 31.94
CA ASN A 238 4.22 23.29 31.56
C ASN A 238 3.77 22.77 30.16
N ILE A 239 2.49 22.91 29.84
CA ILE A 239 1.96 22.49 28.55
C ILE A 239 1.93 23.70 27.63
N SER A 240 2.50 23.60 26.42
CA SER A 240 2.46 24.73 25.48
C SER A 240 1.28 24.57 24.53
N LEU A 241 0.65 25.69 24.16
CA LEU A 241 -0.41 25.67 23.16
C LEU A 241 -0.02 26.40 21.85
N GLY A 242 1.23 26.89 21.77
CA GLY A 242 1.80 27.54 20.60
C GLY A 242 2.02 26.60 19.43
N GLY A 243 2.07 25.30 19.72
CA GLY A 243 2.20 24.25 18.73
C GLY A 243 3.55 24.14 18.08
N VAL A 244 3.58 23.59 16.86
CA VAL A 244 4.81 23.41 16.10
C VAL A 244 4.68 23.96 14.68
N GLN A 245 5.82 24.32 14.11
CA GLN A 245 5.99 24.77 12.74
C GLN A 245 7.17 24.01 12.13
N GLU A 246 7.22 23.91 10.82
CA GLU A 246 8.33 23.20 10.15
C GLU A 246 9.66 23.87 10.52
N ASN A 247 10.65 23.06 10.89
CA ASN A 247 12.00 23.46 11.28
C ASN A 247 12.09 23.93 12.73
N ASP A 248 11.00 23.91 13.51
CA ASP A 248 11.08 24.29 14.92
C ASP A 248 12.01 23.34 15.67
N TYR A 249 12.74 23.85 16.65
CA TYR A 249 13.61 23.05 17.48
C TYR A 249 12.73 22.19 18.38
N ALA A 250 13.12 20.92 18.55
CA ALA A 250 12.45 20.01 19.47
C ALA A 250 13.49 19.13 20.21
N MET A 251 13.20 18.77 21.45
CA MET A 251 14.09 17.90 22.23
C MET A 251 13.31 16.90 23.04
N ILE A 252 13.93 15.77 23.34
CA ILE A 252 13.30 14.70 24.11
C ILE A 252 14.23 14.22 25.21
N MET A 253 13.67 13.78 26.32
CA MET A 253 14.34 13.10 27.43
C MET A 253 13.57 11.78 27.62
N GLY A 254 14.30 10.71 27.88
CA GLY A 254 13.68 9.41 28.06
C GLY A 254 14.68 8.30 28.29
N PHE A 255 14.22 7.07 28.20
CA PHE A 255 15.05 5.92 28.49
C PHE A 255 15.20 4.99 27.29
N PRO A 256 15.96 5.39 26.24
CA PRO A 256 16.17 4.47 25.11
C PRO A 256 16.89 3.21 25.61
N GLY A 257 16.41 2.06 25.17
CA GLY A 257 16.87 0.77 25.64
C GLY A 257 18.17 0.24 25.07
N THR A 258 18.27 0.08 23.74
CA THR A 258 19.48 -0.50 23.13
C THR A 258 19.74 0.10 21.76
N THR A 259 21.03 0.24 21.42
CA THR A 259 21.54 0.62 20.11
C THR A 259 22.80 -0.24 19.87
N HIS A 260 23.31 -0.26 18.64
CA HIS A 260 24.51 -0.98 18.27
C HIS A 260 25.30 -0.07 17.35
N ARG A 261 25.65 1.11 17.88
CA ARG A 261 26.36 2.16 17.15
C ARG A 261 27.83 1.83 16.88
N TYR A 262 28.40 0.87 17.63
CA TYR A 262 29.80 0.53 17.45
C TYR A 262 30.00 -0.86 16.88
N PHE A 263 29.03 -1.33 16.08
CA PHE A 263 29.10 -2.60 15.38
C PHE A 263 30.25 -2.47 14.37
N THR A 264 30.99 -3.57 14.15
CA THR A 264 31.98 -3.58 13.06
C THR A 264 31.16 -3.87 11.78
N ALA A 265 31.78 -3.71 10.60
CA ALA A 265 31.14 -4.04 9.34
C ALA A 265 30.78 -5.54 9.30
N SER A 266 31.61 -6.43 9.88
CA SER A 266 31.30 -7.85 9.91
C SER A 266 30.07 -8.19 10.76
N GLU A 267 29.81 -7.41 11.83
CA GLU A 267 28.64 -7.56 12.68
C GLU A 267 27.38 -7.11 11.97
N VAL A 268 27.50 -6.09 11.09
CA VAL A 268 26.39 -5.62 10.26
C VAL A 268 26.06 -6.72 9.25
N ASP A 269 27.09 -7.37 8.65
CA ASP A 269 26.87 -8.44 7.66
C ASP A 269 26.16 -9.62 8.27
N GLU A 270 26.55 -9.98 9.49
CA GLU A 270 25.99 -11.06 10.27
C GLU A 270 24.53 -10.79 10.61
N TRP A 271 24.22 -9.57 11.05
CA TRP A 271 22.89 -9.13 11.41
C TRP A 271 21.96 -9.22 10.21
N LYS A 272 22.46 -8.85 9.03
CA LYS A 272 21.70 -8.91 7.80
C LYS A 272 21.49 -10.37 7.32
N SER A 273 22.60 -11.12 7.14
CA SER A 273 22.62 -12.43 6.49
C SER A 273 22.22 -13.60 7.35
N ILE A 274 22.30 -13.45 8.66
CA ILE A 274 21.90 -14.51 9.56
C ILE A 274 20.59 -14.06 10.25
N ASP A 275 20.69 -13.14 11.21
CA ASP A 275 19.58 -12.67 12.02
C ASP A 275 18.37 -12.26 11.19
N ASN A 276 18.51 -11.21 10.37
CA ASN A 276 17.42 -10.67 9.59
C ASN A 276 16.94 -11.59 8.46
N ASP A 277 17.83 -12.10 7.61
CA ASP A 277 17.39 -12.98 6.51
C ASP A 277 16.64 -14.23 7.00
N ILE A 278 17.12 -14.87 8.09
CA ILE A 278 16.43 -16.04 8.65
C ILE A 278 15.07 -15.63 9.21
N ARG A 279 15.01 -14.58 10.05
CA ARG A 279 13.73 -14.09 10.58
C ARG A 279 12.74 -13.75 9.45
N ILE A 280 13.21 -13.08 8.37
CA ILE A 280 12.38 -12.72 7.22
C ILE A 280 11.86 -13.96 6.50
N ARG A 281 12.75 -14.87 6.13
CA ARG A 281 12.36 -16.08 5.41
C ARG A 281 11.41 -16.97 6.23
N MET A 282 11.73 -17.22 7.51
CA MET A 282 10.93 -18.10 8.35
C MET A 282 9.56 -17.53 8.72
N ARG A 283 9.51 -16.25 9.10
CA ARG A 283 8.22 -15.62 9.43
C ARG A 283 7.36 -15.42 8.19
N ASP A 284 7.97 -15.28 7.01
CA ASP A 284 7.20 -15.17 5.79
C ASP A 284 6.49 -16.50 5.47
N ILE A 285 7.13 -17.64 5.74
CA ILE A 285 6.50 -18.94 5.52
C ILE A 285 5.37 -19.16 6.53
N ARG A 286 5.63 -18.88 7.79
CA ARG A 286 4.70 -19.02 8.90
C ARG A 286 3.45 -18.18 8.72
N GLN A 287 3.62 -16.87 8.45
CA GLN A 287 2.56 -15.89 8.25
C GLN A 287 1.73 -16.22 7.00
N GLY A 288 2.38 -16.70 5.95
CA GLY A 288 1.71 -17.12 4.74
C GLY A 288 0.70 -18.22 4.97
N VAL A 289 1.08 -19.26 5.75
CA VAL A 289 0.16 -20.39 6.02
C VAL A 289 -0.96 -19.94 6.95
N MET A 290 -0.61 -19.18 7.97
CA MET A 290 -1.53 -18.64 8.95
C MET A 290 -2.60 -17.78 8.28
N LEU A 291 -2.20 -16.91 7.34
CA LEU A 291 -3.11 -16.04 6.59
C LEU A 291 -4.11 -16.84 5.76
N ARG A 292 -3.66 -17.85 4.95
CA ARG A 292 -4.57 -18.69 4.15
C ARG A 292 -5.65 -19.32 5.05
N GLU A 293 -5.25 -19.81 6.22
CA GLU A 293 -6.17 -20.47 7.13
C GLU A 293 -7.13 -19.50 7.80
N MET A 294 -6.64 -18.31 8.15
CA MET A 294 -7.48 -17.29 8.77
C MET A 294 -8.53 -16.77 7.79
N LEU A 295 -8.13 -16.58 6.50
CA LEU A 295 -9.03 -16.11 5.44
C LEU A 295 -10.07 -17.16 5.00
N ALA A 296 -9.80 -18.44 5.25
CA ALA A 296 -10.70 -19.51 4.85
C ALA A 296 -11.74 -19.84 5.94
N ASP A 297 -11.36 -19.70 7.21
CA ASP A 297 -12.25 -20.02 8.32
C ASP A 297 -12.30 -18.84 9.28
N PRO A 298 -13.45 -18.16 9.39
CA PRO A 298 -13.56 -17.01 10.31
C PRO A 298 -13.26 -17.32 11.77
N GLN A 299 -13.47 -18.57 12.19
CA GLN A 299 -13.17 -18.99 13.54
C GLN A 299 -11.63 -19.05 13.73
N ILE A 300 -10.86 -19.45 12.70
CA ILE A 300 -9.38 -19.48 12.73
C ILE A 300 -8.81 -18.05 12.77
N LYS A 301 -9.49 -17.09 12.11
CA LYS A 301 -9.10 -15.69 12.13
C LYS A 301 -9.20 -15.15 13.57
N ILE A 302 -10.24 -15.54 14.30
CA ILE A 302 -10.40 -15.11 15.69
C ILE A 302 -9.30 -15.72 16.56
N MET A 303 -9.03 -17.02 16.39
CA MET A 303 -8.03 -17.72 17.17
C MET A 303 -6.57 -17.34 16.88
N TYR A 304 -6.23 -17.07 15.63
CA TYR A 304 -4.84 -16.82 15.25
C TYR A 304 -4.45 -15.36 15.00
N SER A 305 -5.38 -14.40 15.16
CA SER A 305 -5.13 -12.98 14.90
C SER A 305 -4.03 -12.35 15.74
N ALA A 306 -4.03 -12.60 17.03
CA ALA A 306 -3.00 -12.05 17.91
C ALA A 306 -1.65 -12.70 17.61
N LYS A 307 -1.61 -14.02 17.32
CA LYS A 307 -0.38 -14.74 16.96
C LYS A 307 0.19 -14.23 15.65
N TYR A 308 -0.68 -13.94 14.68
CA TYR A 308 -0.26 -13.43 13.38
C TYR A 308 0.35 -12.02 13.53
N ALA A 309 -0.36 -11.14 14.27
CA ALA A 309 0.08 -9.77 14.52
C ALA A 309 1.42 -9.75 15.30
N ALA A 310 1.56 -10.59 16.32
CA ALA A 310 2.79 -10.68 17.10
C ALA A 310 4.00 -11.07 16.21
N SER A 311 3.80 -12.02 15.30
CA SER A 311 4.86 -12.48 14.42
C SER A 311 5.27 -11.39 13.41
N GLN A 312 4.27 -10.61 12.89
CA GLN A 312 4.48 -9.55 11.92
C GLN A 312 5.31 -8.39 12.44
N ASN A 313 5.18 -8.06 13.71
CA ASN A 313 5.90 -6.92 14.31
C ASN A 313 7.43 -6.95 14.09
N ALA A 314 8.13 -8.01 14.53
CA ALA A 314 9.58 -8.11 14.35
C ALA A 314 9.96 -8.44 12.89
N TYR A 315 9.04 -9.06 12.13
CA TYR A 315 9.20 -9.32 10.73
C TYR A 315 9.29 -7.96 9.96
N LYS A 316 8.39 -7.00 10.26
CA LYS A 316 8.40 -5.68 9.64
C LYS A 316 9.66 -4.91 10.03
N ARG A 317 10.12 -5.08 11.29
CA ARG A 317 11.33 -4.43 11.78
C ARG A 317 12.53 -4.94 10.99
N ALA A 318 12.59 -6.24 10.73
CA ALA A 318 13.68 -6.86 9.97
C ALA A 318 13.69 -6.39 8.52
N ILE A 319 12.51 -6.23 7.89
CA ILE A 319 12.40 -5.71 6.53
C ILE A 319 12.94 -4.25 6.50
N GLY A 320 12.56 -3.44 7.48
CA GLY A 320 13.00 -2.06 7.59
C GLY A 320 14.49 -1.93 7.81
N ALA A 321 15.06 -2.83 8.65
CA ALA A 321 16.48 -2.86 8.97
C ALA A 321 17.29 -3.30 7.75
N ASN A 322 16.82 -4.34 7.04
CA ASN A 322 17.50 -4.81 5.84
C ASN A 322 17.43 -3.80 4.70
N TRP A 323 16.36 -2.99 4.63
CA TRP A 323 16.27 -1.93 3.62
C TRP A 323 17.39 -0.90 3.89
N ALA A 324 17.63 -0.54 5.16
CA ALA A 324 18.66 0.43 5.50
C ALA A 324 20.06 -0.13 5.19
N ILE A 325 20.33 -1.40 5.51
CA ILE A 325 21.62 -2.01 5.21
C ILE A 325 21.87 -2.00 3.70
N LYS A 326 20.84 -2.30 2.94
CA LYS A 326 20.90 -2.38 1.49
C LYS A 326 20.99 -1.03 0.78
N THR A 327 20.25 -0.02 1.26
CA THR A 327 20.17 1.25 0.56
C THR A 327 20.91 2.42 1.20
N ARG A 328 21.21 2.38 2.50
CA ARG A 328 21.83 3.53 3.16
C ARG A 328 23.32 3.34 3.49
N GLY A 329 23.91 2.24 3.08
CA GLY A 329 25.33 1.96 3.27
C GLY A 329 25.76 1.87 4.72
N LEU A 330 25.04 1.06 5.51
CA LEU A 330 25.38 0.91 6.92
C LEU A 330 26.70 0.18 7.09
N ARG A 331 26.90 -0.87 6.31
CA ARG A 331 28.11 -1.68 6.34
C ARG A 331 29.33 -0.85 5.99
N GLN A 332 29.22 -0.01 4.97
CA GLN A 332 30.28 0.84 4.45
C GLN A 332 30.70 1.88 5.45
N ASN A 333 29.74 2.47 6.14
CA ASN A 333 30.04 3.49 7.14
C ASN A 333 30.69 2.90 8.39
N LYS A 334 30.39 1.64 8.73
CA LYS A 334 31.05 0.99 9.85
C LYS A 334 32.48 0.65 9.47
N GLN A 335 32.68 0.20 8.22
CA GLN A 335 33.98 -0.13 7.64
C GLN A 335 34.84 1.13 7.61
N ALA A 336 34.27 2.28 7.26
CA ALA A 336 35.01 3.55 7.22
C ALA A 336 35.42 4.02 8.62
N MET A 337 34.58 3.78 9.61
CA MET A 337 34.80 4.13 11.00
C MET A 337 36.01 3.33 11.52
N GLN A 338 35.99 2.01 11.34
CA GLN A 338 37.06 1.14 11.83
C GLN A 338 38.36 1.33 11.04
N ASP A 339 38.28 1.69 9.74
CA ASP A 339 39.51 1.95 8.96
C ASP A 339 40.18 3.25 9.39
N ARG A 340 39.36 4.25 9.78
CA ARG A 340 39.84 5.54 10.30
C ARG A 340 40.63 5.29 11.58
N LEU A 341 40.08 4.45 12.47
CA LEU A 341 40.74 4.13 13.73
C LEU A 341 42.03 3.33 13.54
N ILE A 342 42.03 2.35 12.62
CA ILE A 342 43.20 1.52 12.33
C ILE A 342 44.36 2.37 11.78
N ALA A 343 44.04 3.36 10.93
CA ALA A 343 45.03 4.27 10.32
C ALA A 343 45.61 5.21 11.37
N TRP A 344 44.78 5.67 12.30
CA TRP A 344 45.21 6.55 13.38
C TRP A 344 46.05 5.81 14.41
N GLY A 345 45.67 4.56 14.71
CA GLY A 345 46.41 3.70 15.61
C GLY A 345 47.78 3.36 15.05
N ALA A 346 47.89 3.21 13.72
CA ALA A 346 49.17 2.94 13.05
C ALA A 346 50.10 4.18 13.18
N LYS A 347 49.52 5.39 13.06
CA LYS A 347 50.27 6.64 13.22
C LYS A 347 50.74 6.78 14.68
N GLN A 348 49.89 6.50 15.68
CA GLN A 348 50.30 6.62 17.09
C GLN A 348 51.27 5.52 17.56
N GLY A 349 51.47 4.48 16.76
CA GLY A 349 52.33 3.36 17.14
C GLY A 349 51.69 2.40 18.13
N THR A 350 50.34 2.44 18.27
CA THR A 350 49.56 1.57 19.17
C THR A 350 48.74 0.62 18.31
N PRO A 351 49.13 -0.66 18.20
CA PRO A 351 48.37 -1.59 17.35
C PRO A 351 47.17 -2.26 17.99
N ARG A 352 46.86 -1.97 19.27
CA ARG A 352 45.79 -2.66 19.98
C ARG A 352 44.37 -2.47 19.40
N TYR A 353 44.13 -1.37 18.68
CA TYR A 353 42.82 -1.08 18.10
C TYR A 353 42.60 -1.94 16.88
N GLU A 354 43.62 -2.07 16.02
CA GLU A 354 43.51 -2.94 14.85
C GLU A 354 43.38 -4.41 15.30
N GLU A 355 44.09 -4.79 16.37
CA GLU A 355 44.01 -6.13 16.95
C GLU A 355 42.61 -6.42 17.51
N ALA A 356 41.94 -5.40 18.08
CA ALA A 356 40.59 -5.50 18.61
C ALA A 356 39.55 -5.73 17.52
N VAL A 357 39.64 -4.99 16.39
CA VAL A 357 38.72 -5.17 15.27
C VAL A 357 38.92 -6.56 14.64
N HIS A 358 40.20 -7.02 14.53
CA HIS A 358 40.52 -8.36 14.05
C HIS A 358 39.88 -9.44 14.94
N GLU A 359 39.94 -9.27 16.27
CA GLU A 359 39.33 -10.21 17.20
C GLU A 359 37.83 -10.35 16.98
N ILE A 360 37.14 -9.21 16.80
CA ILE A 360 35.70 -9.18 16.55
C ILE A 360 35.37 -9.88 15.23
N ASP A 361 36.13 -9.57 14.18
CA ASP A 361 35.93 -10.17 12.85
C ASP A 361 36.12 -11.68 12.90
N ALA A 362 37.19 -12.14 13.57
CA ALA A 362 37.50 -13.55 13.65
C ALA A 362 36.44 -14.31 14.45
N THR A 363 35.89 -13.67 15.50
CA THR A 363 34.88 -14.29 16.34
C THR A 363 33.59 -14.42 15.54
N VAL A 364 33.18 -13.35 14.83
CA VAL A 364 31.98 -13.36 14.00
C VAL A 364 32.10 -14.48 12.94
N ALA A 365 33.27 -14.57 12.28
CA ALA A 365 33.50 -15.60 11.26
C ALA A 365 33.44 -17.02 11.83
N LYS A 366 34.01 -17.22 13.03
CA LYS A 366 34.05 -18.50 13.70
C LYS A 366 32.69 -19.01 14.15
N ARG A 367 31.77 -18.12 14.57
CA ARG A 367 30.46 -18.56 15.07
C ARG A 367 29.34 -18.60 14.01
N ALA A 368 29.65 -18.27 12.75
CA ALA A 368 28.66 -18.19 11.66
C ALA A 368 27.75 -19.41 11.49
N ASP A 369 28.30 -20.62 11.42
CA ASP A 369 27.50 -21.82 11.24
C ASP A 369 26.62 -22.10 12.45
N LEU A 370 27.16 -21.97 13.67
CA LEU A 370 26.39 -22.16 14.91
C LEU A 370 25.22 -21.14 15.02
N ARG A 371 25.50 -19.83 14.77
CA ARG A 371 24.51 -18.76 14.84
C ARG A 371 23.38 -18.96 13.79
N ARG A 372 23.74 -19.45 12.61
CA ARG A 372 22.80 -19.76 11.55
C ARG A 372 21.88 -20.91 12.01
N ARG A 373 22.47 -21.95 12.61
CA ARG A 373 21.71 -23.07 13.13
C ARG A 373 20.78 -22.65 14.30
N TYR A 374 21.24 -21.73 15.14
CA TYR A 374 20.47 -21.21 16.26
C TYR A 374 19.24 -20.40 15.78
N TRP A 375 19.45 -19.48 14.84
CA TRP A 375 18.38 -18.68 14.30
C TRP A 375 17.39 -19.53 13.48
N MET A 376 17.92 -20.53 12.77
CA MET A 376 17.11 -21.45 11.99
C MET A 376 16.16 -22.23 12.89
N ILE A 377 16.64 -22.75 14.03
CA ILE A 377 15.78 -23.49 14.96
C ILE A 377 14.87 -22.58 15.77
N GLU A 378 15.35 -21.40 16.15
CA GLU A 378 14.56 -20.47 16.94
C GLU A 378 13.39 -19.90 16.14
N GLU A 379 13.66 -19.36 14.95
CA GLU A 379 12.60 -18.82 14.08
C GLU A 379 11.77 -19.92 13.44
N GLY A 380 12.45 -20.99 13.02
CA GLY A 380 11.79 -22.10 12.36
C GLY A 380 10.95 -23.01 13.22
N ILE A 381 11.41 -23.35 14.42
CA ILE A 381 10.71 -24.33 15.24
C ILE A 381 10.23 -23.80 16.59
N ILE A 382 11.15 -23.24 17.41
CA ILE A 382 10.85 -22.75 18.76
C ILE A 382 9.70 -21.72 18.73
N ARG A 383 9.77 -20.78 17.78
CA ARG A 383 8.72 -19.78 17.58
C ARG A 383 7.77 -20.19 16.46
N GLY A 384 8.26 -20.90 15.47
CA GLY A 384 7.49 -21.23 14.29
C GLY A 384 6.41 -22.29 14.44
N ILE A 385 6.68 -23.35 15.24
CA ILE A 385 5.76 -24.47 15.43
C ILE A 385 5.21 -24.54 16.85
N GLU A 386 3.89 -24.46 16.99
CA GLU A 386 3.23 -24.47 18.28
C GLU A 386 3.45 -25.74 19.09
N PHE A 387 3.45 -26.93 18.43
CA PHE A 387 3.64 -28.17 19.20
C PHE A 387 5.08 -28.37 19.66
N ALA A 388 6.01 -27.43 19.34
CA ALA A 388 7.35 -27.46 19.91
C ALA A 388 7.21 -27.11 21.42
N ARG A 389 6.23 -26.28 21.80
CA ARG A 389 5.97 -25.90 23.18
C ARG A 389 4.84 -26.75 23.81
N SER A 390 4.71 -28.00 23.36
CA SER A 390 3.73 -28.93 23.91
C SER A 390 4.33 -29.49 25.24
N PRO A 391 3.52 -30.15 26.11
CA PRO A 391 4.06 -30.60 27.40
C PRO A 391 5.17 -31.64 27.36
N ILE A 392 6.19 -31.43 28.20
CA ILE A 392 7.27 -32.38 28.40
C ILE A 392 7.20 -32.79 29.87
N PRO A 393 7.01 -34.10 30.14
CA PRO A 393 6.96 -34.57 31.54
C PRO A 393 8.26 -34.27 32.28
N THR A 394 8.16 -33.64 33.45
CA THR A 394 9.36 -33.30 34.24
C THR A 394 10.09 -34.56 34.80
N GLU A 395 11.31 -34.42 35.35
CA GLU A 395 12.03 -35.57 35.94
C GLU A 395 11.23 -36.16 37.14
N ASP A 396 10.60 -35.25 37.95
CA ASP A 396 9.77 -35.58 39.09
C ASP A 396 8.40 -36.15 38.66
N GLU A 397 7.76 -35.56 37.59
CA GLU A 397 6.48 -36.04 37.06
C GLU A 397 6.65 -37.46 36.49
N THR A 398 7.74 -37.70 35.75
CA THR A 398 8.08 -39.02 35.21
C THR A 398 8.25 -40.03 36.35
N LYS A 399 9.01 -39.64 37.40
CA LYS A 399 9.29 -40.49 38.58
C LYS A 399 8.01 -40.83 39.34
N ALA A 400 7.09 -39.86 39.47
CA ALA A 400 5.82 -40.08 40.16
C ALA A 400 4.99 -41.18 39.47
N LEU A 401 4.94 -41.20 38.14
CA LEU A 401 4.18 -42.22 37.40
C LEU A 401 4.80 -43.64 37.45
N GLN A 402 6.07 -43.75 37.84
CA GLN A 402 6.75 -45.04 37.94
C GLN A 402 6.82 -45.53 39.39
N ASP A 405 4.21 -45.53 42.48
CA ASP A 405 3.57 -46.36 43.50
C ASP A 405 3.06 -45.55 44.71
N ALA A 406 2.28 -44.47 44.46
CA ALA A 406 1.70 -43.58 45.49
C ALA A 406 0.54 -42.73 44.89
N SER A 407 -0.20 -41.95 45.72
CA SER A 407 -1.22 -41.02 45.16
C SER A 407 -0.58 -39.84 44.39
N ALA A 408 0.76 -39.73 44.39
CA ALA A 408 1.53 -38.72 43.65
C ALA A 408 1.35 -38.86 42.12
N ARG A 409 0.86 -40.03 41.65
CA ARG A 409 0.53 -40.38 40.27
C ARG A 409 -0.61 -39.49 39.79
N LYS A 410 -1.68 -39.35 40.57
CA LYS A 410 -2.81 -38.50 40.19
C LYS A 410 -2.46 -37.00 40.23
N GLU A 411 -1.47 -36.63 41.03
CA GLU A 411 -0.99 -35.24 41.10
C GLU A 411 -0.16 -34.94 39.84
N ALA A 412 0.63 -35.93 39.37
CA ALA A 412 1.47 -35.82 38.17
C ALA A 412 0.58 -35.69 36.92
N ILE A 413 -0.51 -36.44 36.86
CA ILE A 413 -1.44 -36.36 35.75
C ILE A 413 -2.20 -35.05 35.76
N ASP A 414 -2.53 -34.51 36.95
CA ASP A 414 -3.24 -33.23 37.02
C ASP A 414 -2.33 -32.07 36.60
N LYS A 415 -1.03 -32.17 36.87
CA LYS A 415 -0.07 -31.13 36.50
C LYS A 415 0.14 -31.16 34.98
N ILE A 416 0.31 -32.38 34.40
CA ILE A 416 0.49 -32.59 32.97
C ILE A 416 -0.75 -32.13 32.20
N ARG A 417 -1.95 -32.43 32.71
CA ARG A 417 -3.23 -32.04 32.12
C ARG A 417 -3.33 -30.52 32.06
N THR A 418 -2.93 -29.84 33.14
CA THR A 418 -2.97 -28.38 33.23
C THR A 418 -2.14 -27.76 32.10
N ARG A 419 -0.92 -28.28 31.87
CA ARG A 419 -0.02 -27.83 30.82
C ARG A 419 -0.55 -28.19 29.46
N TYR A 420 -1.20 -29.34 29.30
CA TYR A 420 -1.77 -29.74 28.03
C TYR A 420 -2.93 -28.76 27.67
N SER A 421 -3.75 -28.41 28.65
CA SER A 421 -4.87 -27.49 28.48
C SER A 421 -4.42 -26.08 28.07
N LYS A 422 -3.25 -25.66 28.55
CA LYS A 422 -2.69 -24.35 28.19
C LYS A 422 -2.10 -24.38 26.77
N PHE A 423 -1.58 -25.54 26.33
CA PHE A 423 -1.04 -25.71 24.97
C PHE A 423 -2.21 -25.80 23.97
N ALA A 424 -3.14 -26.73 24.19
CA ALA A 424 -4.28 -26.89 23.31
C ALA A 424 -5.43 -26.05 23.89
N ASN A 425 -5.25 -24.71 23.90
CA ASN A 425 -6.26 -23.80 24.44
C ASN A 425 -7.37 -23.46 23.42
N LYS A 426 -8.26 -22.48 23.73
CA LYS A 426 -9.34 -22.04 22.86
C LYS A 426 -8.84 -21.46 21.53
N ASP A 427 -7.59 -20.97 21.50
CA ASP A 427 -6.99 -20.39 20.31
C ASP A 427 -6.08 -21.37 19.54
N TYR A 428 -5.94 -22.62 20.01
CA TYR A 428 -5.05 -23.57 19.35
C TYR A 428 -5.78 -24.48 18.38
N SER A 429 -5.33 -24.51 17.14
CA SER A 429 -5.89 -25.42 16.14
C SER A 429 -4.79 -26.42 15.73
N ALA A 430 -5.02 -27.72 15.97
CA ALA A 430 -4.06 -28.78 15.60
C ALA A 430 -3.91 -28.86 14.07
N GLU A 431 -5.01 -28.65 13.34
CA GLU A 431 -5.01 -28.67 11.88
C GLU A 431 -4.16 -27.51 11.29
N VAL A 432 -4.31 -26.31 11.84
CA VAL A 432 -3.53 -25.15 11.40
C VAL A 432 -2.05 -25.35 11.81
N ASP A 433 -1.80 -25.90 13.00
CA ASP A 433 -0.45 -26.19 13.46
C ASP A 433 0.26 -27.26 12.63
N LYS A 434 -0.46 -28.31 12.18
CA LYS A 434 0.12 -29.31 11.30
C LYS A 434 0.48 -28.67 9.95
N LYS A 435 -0.34 -27.70 9.46
CA LYS A 435 -0.07 -27.03 8.19
C LYS A 435 1.13 -26.12 8.29
N VAL A 436 1.23 -25.37 9.39
CA VAL A 436 2.39 -24.50 9.61
C VAL A 436 3.66 -25.37 9.75
N ALA A 437 3.62 -26.42 10.60
CA ALA A 437 4.78 -27.28 10.81
C ALA A 437 5.28 -27.93 9.54
N VAL A 438 4.39 -28.38 8.66
CA VAL A 438 4.82 -29.01 7.41
C VAL A 438 5.61 -28.01 6.54
N ALA A 439 5.15 -26.75 6.46
CA ALA A 439 5.85 -25.74 5.68
C ALA A 439 7.18 -25.29 6.33
N MET A 440 7.15 -25.10 7.65
CA MET A 440 8.31 -24.66 8.44
C MET A 440 9.41 -25.72 8.47
N LEU A 441 9.02 -26.99 8.69
CA LEU A 441 9.96 -28.10 8.72
C LEU A 441 10.55 -28.39 7.35
N THR A 442 9.77 -28.21 6.28
CA THR A 442 10.27 -28.43 4.91
C THR A 442 11.44 -27.48 4.60
N GLU A 443 11.31 -26.21 5.01
CA GLU A 443 12.33 -25.19 4.80
C GLU A 443 13.54 -25.44 5.69
N TYR A 444 13.28 -25.87 6.94
CA TYR A 444 14.30 -26.20 7.95
C TYR A 444 15.13 -27.40 7.50
N LEU A 445 14.47 -28.47 7.07
CA LEU A 445 15.16 -29.68 6.60
C LEU A 445 15.99 -29.41 5.35
N LYS A 446 15.57 -28.43 4.54
CA LYS A 446 16.27 -27.98 3.35
C LYS A 446 17.59 -27.27 3.75
N GLU A 447 17.56 -26.41 4.79
CA GLU A 447 18.72 -25.63 5.24
C GLU A 447 19.70 -26.35 6.18
N ILE A 448 19.16 -27.13 7.13
CA ILE A 448 19.95 -27.82 8.15
C ILE A 448 20.24 -29.25 7.76
N PRO A 449 21.52 -29.61 7.64
CA PRO A 449 21.85 -31.00 7.24
C PRO A 449 21.52 -32.04 8.30
N TYR A 450 21.35 -33.31 7.88
CA TYR A 450 21.03 -34.46 8.72
C TYR A 450 21.88 -34.54 10.00
N GLU A 451 23.21 -34.43 9.86
CA GLU A 451 24.11 -34.52 11.03
C GLU A 451 23.98 -33.35 12.02
N ASN A 452 23.26 -32.30 11.67
CA ASN A 452 23.05 -31.14 12.54
C ASN A 452 21.60 -31.01 13.06
N LEU A 453 20.71 -31.92 12.67
CA LEU A 453 19.30 -31.90 13.04
C LEU A 453 19.05 -32.31 14.48
N PRO A 454 17.99 -31.76 15.12
CA PRO A 454 17.56 -32.33 16.41
C PRO A 454 17.21 -33.82 16.19
N LEU A 455 17.66 -34.69 17.12
CA LEU A 455 17.53 -36.16 17.01
C LEU A 455 16.23 -36.68 16.38
N HIS A 456 15.05 -36.22 16.83
CA HIS A 456 13.77 -36.70 16.30
C HIS A 456 13.54 -36.37 14.84
N LEU A 457 14.08 -35.24 14.35
CA LEU A 457 13.91 -34.83 12.96
C LEU A 457 14.67 -35.72 11.96
N ARG A 458 15.60 -36.54 12.46
CA ARG A 458 16.31 -37.52 11.65
C ARG A 458 15.35 -38.60 11.12
N LEU A 459 14.24 -38.86 11.86
CA LEU A 459 13.20 -39.80 11.49
C LEU A 459 12.53 -39.45 10.18
N VAL A 460 12.55 -38.15 9.76
CA VAL A 460 11.93 -37.77 8.48
C VAL A 460 12.57 -38.54 7.32
N LYS A 461 13.91 -38.57 7.27
CA LYS A 461 14.63 -39.31 6.24
C LYS A 461 14.63 -40.83 6.51
N ASP A 462 14.97 -41.23 7.74
CA ASP A 462 15.11 -42.64 8.10
C ASP A 462 13.83 -43.48 8.15
N ARG A 463 12.80 -42.98 8.83
CA ARG A 463 11.55 -43.71 9.02
C ARG A 463 10.47 -43.31 8.03
N PHE A 464 10.41 -42.04 7.63
CA PHE A 464 9.32 -41.56 6.77
C PHE A 464 9.68 -41.33 5.30
N ALA A 465 10.91 -41.70 4.90
CA ALA A 465 11.38 -41.53 3.53
C ALA A 465 11.18 -40.09 2.98
N GLY A 466 11.53 -39.10 3.77
CA GLY A 466 11.42 -37.70 3.39
C GLY A 466 10.04 -37.09 3.41
N ASP A 467 9.01 -37.85 3.80
CA ASP A 467 7.64 -37.32 3.82
C ASP A 467 7.38 -36.57 5.13
N VAL A 468 7.51 -35.23 5.06
CA VAL A 468 7.30 -34.32 6.17
C VAL A 468 5.85 -34.36 6.64
N GLN A 469 4.90 -34.42 5.69
CA GLN A 469 3.49 -34.51 6.02
C GLN A 469 3.19 -35.80 6.80
N ALA A 470 3.81 -36.93 6.43
CA ALA A 470 3.62 -38.19 7.13
C ALA A 470 4.20 -38.15 8.54
N TYR A 471 5.36 -37.52 8.70
CA TYR A 471 6.01 -37.39 9.99
C TYR A 471 5.13 -36.57 10.95
N VAL A 472 4.61 -35.43 10.49
CA VAL A 472 3.75 -34.56 11.28
C VAL A 472 2.39 -35.26 11.56
N ASP A 473 1.84 -35.95 10.55
CA ASP A 473 0.58 -36.68 10.71
C ASP A 473 0.72 -37.76 11.77
N ASP A 474 1.87 -38.47 11.78
CA ASP A 474 2.17 -39.52 12.74
C ASP A 474 2.32 -38.99 14.18
N ILE A 475 2.95 -37.79 14.34
CA ILE A 475 3.15 -37.13 15.65
C ILE A 475 1.79 -36.92 16.32
N PHE A 476 0.81 -36.41 15.57
CA PHE A 476 -0.52 -36.14 16.10
C PHE A 476 -1.37 -37.40 16.26
N ALA A 477 -1.27 -38.35 15.32
CA ALA A 477 -2.05 -39.58 15.34
C ALA A 477 -1.67 -40.49 16.53
N ARG A 478 -0.39 -40.53 16.88
CA ARG A 478 0.09 -41.38 17.97
C ARG A 478 0.33 -40.69 19.30
N SER A 479 0.43 -39.36 19.29
CA SER A 479 0.71 -38.63 20.51
C SER A 479 -0.48 -38.52 21.45
N VAL A 480 -0.16 -38.63 22.74
CA VAL A 480 -1.02 -38.41 23.89
C VAL A 480 -1.58 -36.95 23.90
N PHE A 481 -0.86 -36.01 23.31
CA PHE A 481 -1.28 -34.62 23.21
C PHE A 481 -1.83 -34.24 21.82
N GLY A 482 -2.15 -35.24 21.00
CA GLY A 482 -2.68 -35.04 19.65
C GLY A 482 -4.13 -34.62 19.62
N SER A 483 -4.88 -35.01 20.63
CA SER A 483 -6.29 -34.65 20.75
C SER A 483 -6.70 -34.81 22.20
N GLU A 484 -7.88 -34.25 22.57
CA GLU A 484 -8.36 -34.35 23.93
C GLU A 484 -8.64 -35.82 24.28
N ALA A 485 -9.24 -36.58 23.37
CA ALA A 485 -9.55 -37.99 23.58
C ALA A 485 -8.28 -38.82 23.75
N GLN A 486 -7.22 -38.49 23.00
CA GLN A 486 -5.95 -39.19 23.11
C GLN A 486 -5.32 -38.92 24.48
N PHE A 487 -5.48 -37.71 25.02
CA PHE A 487 -4.96 -37.37 26.34
C PHE A 487 -5.73 -38.09 27.44
N ASP A 488 -7.06 -38.07 27.38
CA ASP A 488 -7.90 -38.71 28.38
C ASP A 488 -7.68 -40.21 28.44
N ALA A 489 -7.39 -40.83 27.29
CA ALA A 489 -7.07 -42.25 27.24
C ALA A 489 -5.76 -42.53 27.97
N PHE A 490 -4.79 -41.62 27.84
CA PHE A 490 -3.52 -41.71 28.54
C PHE A 490 -3.76 -41.53 30.05
N ALA A 491 -4.43 -40.43 30.45
CA ALA A 491 -4.71 -40.10 31.84
C ALA A 491 -5.46 -41.22 32.59
N ALA A 492 -6.22 -42.05 31.89
CA ALA A 492 -6.93 -43.17 32.51
C ALA A 492 -5.94 -44.29 32.82
N VAL A 493 -4.99 -44.56 31.91
CA VAL A 493 -4.02 -45.64 32.09
C VAL A 493 -2.61 -45.08 31.79
N PRO A 494 -2.07 -44.24 32.67
CA PRO A 494 -0.79 -43.60 32.36
C PRO A 494 0.46 -44.43 32.64
N SER A 495 1.27 -44.68 31.59
CA SER A 495 2.52 -45.39 31.79
C SER A 495 3.69 -44.50 31.36
N VAL A 496 4.80 -44.53 32.11
CA VAL A 496 6.00 -43.74 31.76
C VAL A 496 6.58 -44.21 30.41
N GLU A 497 6.35 -45.48 30.04
CA GLU A 497 6.78 -46.09 28.79
C GLU A 497 6.09 -45.38 27.63
N LYS A 498 4.78 -45.05 27.78
CA LYS A 498 3.98 -44.36 26.79
C LYS A 498 4.56 -42.98 26.56
N LEU A 499 4.90 -42.26 27.65
CA LEU A 499 5.46 -40.92 27.57
C LEU A 499 6.88 -40.90 27.00
N ALA A 500 7.71 -41.87 27.38
CA ALA A 500 9.10 -41.94 26.90
C ALA A 500 9.18 -42.16 25.39
N GLU A 501 8.19 -42.84 24.81
CA GLU A 501 8.18 -43.09 23.37
C GLU A 501 7.18 -42.17 22.62
N ASP A 502 6.53 -41.21 23.30
CA ASP A 502 5.57 -40.33 22.66
C ASP A 502 6.23 -39.46 21.58
N PRO A 503 5.70 -39.50 20.34
CA PRO A 503 6.34 -38.73 19.25
C PRO A 503 6.33 -37.21 19.44
N MET A 504 5.28 -36.63 20.06
CA MET A 504 5.28 -35.19 20.29
C MET A 504 6.23 -34.83 21.44
N VAL A 505 6.31 -35.66 22.50
CA VAL A 505 7.23 -35.45 23.61
C VAL A 505 8.68 -35.50 23.09
N LEU A 506 9.00 -36.52 22.26
CA LEU A 506 10.33 -36.69 21.67
C LEU A 506 10.70 -35.56 20.72
N PHE A 507 9.70 -35.02 19.97
CA PHE A 507 9.93 -33.88 19.08
C PHE A 507 10.28 -32.66 19.93
N ALA A 508 9.43 -32.28 20.90
CA ALA A 508 9.61 -31.12 21.74
C ALA A 508 10.91 -31.20 22.52
N SER A 509 11.23 -32.40 23.05
CA SER A 509 12.44 -32.64 23.81
C SER A 509 13.66 -32.43 22.95
N SER A 510 13.75 -33.08 21.77
CA SER A 510 14.95 -32.97 20.96
C SER A 510 15.13 -31.61 20.29
N VAL A 511 14.04 -30.86 20.00
CA VAL A 511 14.22 -29.53 19.42
C VAL A 511 14.71 -28.56 20.52
N PHE A 512 14.24 -28.74 21.78
CA PHE A 512 14.70 -27.92 22.87
C PHE A 512 16.12 -28.31 23.34
N ASP A 513 16.52 -29.58 23.16
CA ASP A 513 17.87 -30.03 23.49
C ASP A 513 18.85 -29.34 22.55
N GLU A 514 18.56 -29.37 21.25
CA GLU A 514 19.39 -28.76 20.22
C GLU A 514 19.46 -27.23 20.36
N TYR A 515 18.37 -26.61 20.76
CA TYR A 515 18.29 -25.17 20.97
C TYR A 515 19.23 -24.75 22.12
N ARG A 516 19.25 -25.55 23.23
CA ARG A 516 20.12 -25.31 24.38
C ARG A 516 21.58 -25.64 24.10
N LYS A 517 21.84 -26.69 23.34
CA LYS A 517 23.21 -27.06 22.94
C LYS A 517 23.82 -25.92 22.11
N LEU A 518 23.03 -25.36 21.16
CA LEU A 518 23.46 -24.27 20.28
C LEU A 518 23.72 -23.01 21.07
N TYR A 519 22.81 -22.67 22.00
CA TYR A 519 22.94 -21.52 22.88
C TYR A 519 24.23 -21.63 23.71
N ASN A 520 24.48 -22.79 24.33
CA ASN A 520 25.66 -23.00 25.15
C ASN A 520 26.95 -22.94 24.36
N GLU A 521 26.95 -23.46 23.12
CA GLU A 521 28.12 -23.39 22.28
C GLU A 521 28.40 -21.98 21.80
N LEU A 522 27.35 -21.15 21.63
CA LEU A 522 27.50 -19.79 21.14
C LEU A 522 27.85 -18.76 22.22
N ARG A 523 27.43 -19.00 23.48
CA ARG A 523 27.69 -18.09 24.61
C ARG A 523 29.18 -17.72 24.77
N PRO A 524 30.14 -18.67 24.73
CA PRO A 524 31.57 -18.29 24.82
C PRO A 524 32.05 -17.21 23.85
N TYR A 525 31.42 -17.11 22.66
CA TYR A 525 31.83 -16.15 21.64
C TYR A 525 31.45 -14.71 21.96
N ASP A 526 30.60 -14.48 22.96
CA ASP A 526 30.19 -13.11 23.32
C ASP A 526 31.29 -12.31 24.02
N ASP A 527 32.01 -12.96 24.94
CA ASP A 527 33.04 -12.35 25.78
C ASP A 527 34.25 -11.78 25.00
N PRO A 528 34.85 -12.49 24.02
CA PRO A 528 35.97 -11.88 23.28
C PRO A 528 35.57 -10.62 22.51
N ILE A 529 34.33 -10.59 21.96
CA ILE A 529 33.77 -9.44 21.24
C ILE A 529 33.57 -8.30 22.24
N LEU A 530 32.98 -8.60 23.40
CA LEU A 530 32.77 -7.59 24.43
C LEU A 530 34.10 -6.97 24.90
N ARG A 531 35.12 -7.80 25.20
CA ARG A 531 36.44 -7.31 25.63
C ARG A 531 37.09 -6.47 24.53
N ALA A 532 36.97 -6.90 23.25
CA ALA A 532 37.55 -6.18 22.12
C ALA A 532 36.83 -4.86 21.86
N GLN A 533 35.53 -4.79 22.13
CA GLN A 533 34.74 -3.55 22.00
C GLN A 533 35.14 -2.52 23.04
N ARG A 534 35.65 -2.95 24.20
CA ARG A 534 36.13 -2.01 25.22
C ARG A 534 37.35 -1.27 24.65
N THR A 535 38.27 -2.00 24.00
CA THR A 535 39.46 -1.43 23.37
C THR A 535 39.08 -0.60 22.13
N TYR A 536 38.16 -1.11 21.30
CA TYR A 536 37.68 -0.45 20.11
C TYR A 536 37.03 0.92 20.41
N ILE A 537 36.05 0.98 21.31
CA ILE A 537 35.41 2.22 21.68
C ILE A 537 36.36 3.16 22.42
N ALA A 538 37.33 2.61 23.18
CA ALA A 538 38.34 3.46 23.84
C ALA A 538 39.16 4.22 22.79
N GLY A 539 39.55 3.55 21.72
CA GLY A 539 40.26 4.18 20.62
C GLY A 539 39.43 5.22 19.92
N LEU A 540 38.15 4.93 19.62
CA LEU A 540 37.25 5.86 18.96
C LEU A 540 37.08 7.12 19.80
N LEU A 541 36.94 6.99 21.11
CA LEU A 541 36.82 8.12 22.04
C LEU A 541 38.15 8.93 22.13
N GLU A 542 39.30 8.24 22.18
CA GLU A 542 40.61 8.88 22.24
C GLU A 542 40.90 9.66 20.95
N MET A 543 40.43 9.15 19.80
CA MET A 543 40.63 9.75 18.50
C MET A 543 39.66 10.89 18.17
N ASP A 544 38.34 10.68 18.28
CA ASP A 544 37.35 11.68 17.88
C ASP A 544 36.59 12.38 19.02
N GLY A 545 36.86 11.96 20.25
CA GLY A 545 36.24 12.56 21.42
C GLY A 545 34.84 12.06 21.75
N ASP A 546 34.49 12.25 23.05
CA ASP A 546 33.19 11.96 23.70
C ASP A 546 32.29 13.18 23.41
N GLN A 547 32.24 13.59 22.12
CA GLN A 547 31.54 14.78 21.71
C GLN A 547 30.55 14.53 20.60
N ASP A 548 31.00 13.92 19.48
CA ASP A 548 30.05 13.65 18.39
C ASP A 548 29.71 12.13 18.23
N GLN A 549 30.14 11.30 19.22
CA GLN A 549 29.77 9.89 19.29
C GLN A 549 29.27 9.54 20.70
N PHE A 550 27.96 9.30 20.77
CA PHE A 550 27.18 9.05 21.96
C PHE A 550 27.37 7.61 22.45
N PRO A 551 27.17 7.34 23.76
CA PRO A 551 27.29 5.94 24.23
C PRO A 551 26.04 5.18 23.84
N ASP A 552 26.18 3.87 23.50
CA ASP A 552 24.99 3.06 23.17
C ASP A 552 23.89 3.16 24.25
N ALA A 553 22.61 3.14 23.85
CA ALA A 553 21.50 3.17 24.77
C ALA A 553 21.57 1.94 25.71
N ASN A 554 21.23 2.09 27.01
CA ASN A 554 21.27 0.98 27.98
C ASN A 554 20.19 1.13 29.06
N LEU A 555 19.01 1.62 28.66
CA LEU A 555 17.88 1.91 29.53
C LEU A 555 18.20 2.96 30.59
N THR A 556 19.06 3.92 30.26
CA THR A 556 19.36 5.04 31.14
C THR A 556 18.87 6.34 30.49
N LEU A 557 18.67 7.37 31.32
CA LEU A 557 18.16 8.67 30.91
C LEU A 557 19.07 9.36 29.89
N ARG A 558 18.50 9.72 28.74
CA ARG A 558 19.25 10.41 27.70
C ARG A 558 18.45 11.58 27.15
N PHE A 559 19.15 12.51 26.51
CA PHE A 559 18.49 13.60 25.80
C PHE A 559 18.86 13.52 24.31
N THR A 560 17.94 13.97 23.46
CA THR A 560 18.12 14.03 22.03
C THR A 560 17.45 15.30 21.53
N TYR A 561 18.00 15.92 20.50
CA TYR A 561 17.43 17.15 19.96
C TYR A 561 17.45 17.11 18.45
N GLY A 562 16.58 17.89 17.85
CA GLY A 562 16.44 17.96 16.40
C GLY A 562 15.43 19.00 16.01
N GLN A 563 14.75 18.78 14.90
CA GLN A 563 13.75 19.72 14.40
C GLN A 563 12.48 19.03 13.97
N VAL A 564 11.36 19.74 14.03
CA VAL A 564 10.08 19.25 13.55
C VAL A 564 10.20 19.32 12.01
N LYS A 565 10.32 18.17 11.36
CA LYS A 565 10.56 18.12 9.93
C LYS A 565 10.10 16.83 9.30
N GLY A 566 9.50 16.91 8.12
CA GLY A 566 9.10 15.73 7.37
C GLY A 566 10.24 15.17 6.54
N TYR A 567 9.94 14.33 5.55
CA TYR A 567 10.96 13.72 4.69
C TYR A 567 10.35 13.13 3.42
N SER A 568 11.19 12.88 2.42
CA SER A 568 10.79 12.25 1.17
C SER A 568 11.12 10.74 1.24
N PRO A 569 10.09 9.86 1.32
CA PRO A 569 10.35 8.42 1.43
C PRO A 569 10.85 7.74 0.14
N ARG A 570 10.42 8.26 -0.99
CA ARG A 570 10.75 7.75 -2.31
C ARG A 570 10.58 8.87 -3.32
N ASP A 571 11.03 8.64 -4.56
CA ASP A 571 10.95 9.58 -5.69
C ASP A 571 9.55 10.18 -5.85
N ASN A 572 9.47 11.51 -5.90
CA ASN A 572 8.25 12.28 -6.13
C ASN A 572 7.21 12.27 -4.97
N VAL A 573 7.58 11.78 -3.78
CA VAL A 573 6.67 11.73 -2.64
C VAL A 573 7.26 12.49 -1.45
N TYR A 574 6.48 13.40 -0.85
CA TYR A 574 6.93 14.08 0.36
C TYR A 574 5.91 13.88 1.46
N TYR A 575 6.41 13.57 2.65
CA TYR A 575 5.56 13.42 3.82
C TYR A 575 5.89 14.64 4.67
N GLY A 576 4.89 15.46 4.94
CA GLY A 576 5.08 16.65 5.76
C GLY A 576 5.36 16.34 7.22
N HIS A 577 5.58 17.40 8.01
CA HIS A 577 5.90 17.29 9.42
C HIS A 577 4.70 17.12 10.35
N GLN A 578 3.48 17.36 9.89
CA GLN A 578 2.30 17.37 10.76
C GLN A 578 1.04 16.72 10.17
N THR A 579 0.38 15.82 10.96
CA THR A 579 -0.90 15.25 10.53
C THR A 579 -2.04 16.00 11.24
N THR A 580 -3.26 15.93 10.67
CA THR A 580 -4.41 16.61 11.22
C THR A 580 -5.59 15.65 11.48
N LEU A 581 -6.67 16.15 12.15
CA LEU A 581 -7.89 15.41 12.45
C LEU A 581 -8.61 14.96 11.15
N ASP A 582 -8.48 15.76 10.10
CA ASP A 582 -8.95 15.53 8.76
C ASP A 582 -8.41 14.17 8.22
N GLY A 583 -7.16 13.84 8.57
CA GLY A 583 -6.50 12.59 8.19
C GLY A 583 -7.04 11.36 8.88
N VAL A 584 -7.58 11.54 10.09
CA VAL A 584 -8.27 10.51 10.86
C VAL A 584 -9.57 10.19 10.12
N MET A 585 -10.31 11.23 9.71
CA MET A 585 -11.60 11.13 9.01
C MET A 585 -11.45 10.50 7.62
N GLU A 586 -10.32 10.73 6.94
CA GLU A 586 -10.07 10.11 5.64
C GLU A 586 -9.89 8.60 5.80
N LYS A 587 -9.23 8.17 6.88
CA LYS A 587 -8.93 6.78 7.19
C LYS A 587 -10.11 5.99 7.80
N GLU A 588 -11.18 6.70 8.24
CA GLU A 588 -12.33 6.05 8.87
C GLU A 588 -12.92 4.90 8.05
N ASP A 589 -13.02 3.72 8.66
CA ASP A 589 -13.62 2.54 8.07
C ASP A 589 -14.42 1.90 9.19
N PRO A 590 -15.76 2.01 9.14
CA PRO A 590 -16.57 1.44 10.24
C PRO A 590 -16.49 -0.07 10.36
N ASP A 591 -16.18 -0.77 9.26
CA ASP A 591 -16.10 -2.22 9.32
C ASP A 591 -14.67 -2.75 9.57
N ASN A 592 -13.67 -1.85 9.75
CA ASN A 592 -12.31 -2.26 10.08
C ASN A 592 -12.05 -1.78 11.49
N TRP A 593 -11.90 -2.72 12.45
CA TRP A 593 -11.69 -2.44 13.87
C TRP A 593 -10.54 -1.48 14.16
N GLU A 594 -9.53 -1.45 13.28
CA GLU A 594 -8.38 -0.58 13.46
C GLU A 594 -8.76 0.87 13.15
N PHE A 595 -9.58 1.10 12.12
CA PHE A 595 -9.89 2.43 11.67
C PHE A 595 -11.30 2.92 12.00
N VAL A 596 -11.86 2.47 13.14
CA VAL A 596 -13.17 2.99 13.58
C VAL A 596 -12.90 4.35 14.25
N VAL A 597 -13.79 5.31 14.04
CA VAL A 597 -13.64 6.65 14.61
C VAL A 597 -14.73 6.89 15.68
N ASP A 598 -14.29 7.28 16.89
CA ASP A 598 -15.15 7.58 18.02
C ASP A 598 -16.18 8.68 17.65
N PRO A 599 -17.47 8.43 17.96
CA PRO A 599 -18.52 9.40 17.58
C PRO A 599 -18.39 10.80 18.21
N LYS A 600 -17.85 10.89 19.42
CA LYS A 600 -17.64 12.18 20.07
C LYS A 600 -16.54 12.97 19.31
N LEU A 601 -15.50 12.24 18.83
CA LEU A 601 -14.42 12.83 18.04
C LEU A 601 -14.91 13.22 16.61
N LYS A 602 -15.73 12.38 15.97
CA LYS A 602 -16.26 12.69 14.64
C LYS A 602 -17.12 13.98 14.68
N ALA A 603 -17.95 14.14 15.71
CA ALA A 603 -18.77 15.33 15.88
C ALA A 603 -17.90 16.55 16.18
N VAL A 604 -16.82 16.43 17.00
CA VAL A 604 -15.86 17.52 17.31
C VAL A 604 -15.30 18.08 16.01
N TYR A 605 -14.95 17.19 15.06
CA TYR A 605 -14.45 17.51 13.73
C TYR A 605 -15.52 18.20 12.84
N GLU A 606 -16.75 17.66 12.82
CA GLU A 606 -17.82 18.20 11.98
C GLU A 606 -18.24 19.59 12.45
N ARG A 607 -18.31 19.77 13.77
CA ARG A 607 -18.65 21.01 14.47
C ARG A 607 -17.48 22.00 14.52
N LYS A 608 -16.24 21.53 14.21
CA LYS A 608 -14.99 22.27 14.28
C LYS A 608 -14.79 22.86 15.69
N ASP A 609 -15.16 22.06 16.74
CA ASP A 609 -15.12 22.46 18.15
C ASP A 609 -13.71 22.23 18.68
N PHE A 610 -12.77 23.02 18.16
CA PHE A 610 -11.37 22.85 18.47
C PHE A 610 -10.81 23.75 19.53
N GLY A 611 -11.60 24.68 20.07
CA GLY A 611 -11.17 25.61 21.11
C GLY A 611 -9.86 26.31 20.81
N ARG A 612 -8.96 26.34 21.79
CA ARG A 612 -7.64 26.95 21.62
C ARG A 612 -6.56 25.93 21.12
N TYR A 613 -6.98 24.70 20.80
CA TYR A 613 -6.12 23.59 20.40
C TYR A 613 -5.80 23.53 18.92
N ALA A 614 -6.59 24.22 18.08
CA ALA A 614 -6.32 24.18 16.64
C ALA A 614 -5.11 25.05 16.25
N ASP A 615 -4.51 24.78 15.08
CA ASP A 615 -3.41 25.61 14.62
C ASP A 615 -3.93 26.95 14.03
N ARG A 616 -3.02 27.89 13.70
CA ARG A 616 -3.37 29.21 13.17
C ARG A 616 -4.35 29.17 11.98
N SER A 617 -4.24 28.12 11.13
CA SER A 617 -5.13 27.97 9.98
C SER A 617 -6.50 27.35 10.31
N GLY A 618 -6.75 27.07 11.59
CA GLY A 618 -7.99 26.46 12.04
C GLY A 618 -8.06 24.95 11.86
N ARG A 619 -6.94 24.31 11.47
CA ARG A 619 -6.88 22.86 11.29
C ARG A 619 -6.56 22.21 12.64
N MET A 620 -7.12 21.01 12.94
CA MET A 620 -6.83 20.39 14.23
C MET A 620 -5.61 19.46 14.17
N PRO A 621 -4.46 19.82 14.79
CA PRO A 621 -3.30 18.92 14.74
C PRO A 621 -3.49 17.60 15.47
N VAL A 622 -2.83 16.54 14.98
CA VAL A 622 -2.92 15.22 15.63
C VAL A 622 -1.52 14.74 16.07
N ALA A 623 -0.60 14.64 15.12
CA ALA A 623 0.73 14.14 15.36
C ALA A 623 1.74 14.95 14.58
N PHE A 624 3.01 14.87 14.98
CA PHE A 624 4.10 15.49 14.22
C PHE A 624 5.33 14.60 14.27
N CYS A 625 6.29 14.88 13.40
CA CYS A 625 7.50 14.07 13.39
C CYS A 625 8.74 14.95 13.52
N ALA A 626 9.81 14.38 14.10
CA ALA A 626 11.02 15.17 14.34
C ALA A 626 12.30 14.40 14.04
N THR A 627 13.40 15.10 13.81
CA THR A 627 14.68 14.47 13.52
C THR A 627 15.44 14.04 14.78
N THR A 628 14.74 13.90 15.92
CA THR A 628 15.32 13.42 17.16
C THR A 628 15.67 11.91 16.99
N HIS A 629 16.63 11.43 17.80
CA HIS A 629 17.08 10.07 17.70
C HIS A 629 16.50 9.26 18.85
N THR A 630 15.49 8.46 18.55
CA THR A 630 14.81 7.64 19.53
C THR A 630 14.86 6.16 19.15
N THR A 631 14.54 5.29 20.11
CA THR A 631 14.45 3.84 19.97
C THR A 631 13.47 3.35 21.05
N GLY A 632 13.22 2.02 21.11
CA GLY A 632 12.36 1.42 22.13
C GLY A 632 12.80 1.80 23.54
N GLY A 633 11.84 2.14 24.37
CA GLY A 633 12.12 2.67 25.69
C GLY A 633 11.73 4.13 25.74
N ASN A 634 11.78 4.83 24.57
CA ASN A 634 11.38 6.22 24.41
C ASN A 634 9.87 6.41 24.25
N SER A 635 9.07 5.34 24.24
CA SER A 635 7.60 5.46 24.20
C SER A 635 7.13 6.27 25.42
N GLY A 636 6.37 7.32 25.17
CA GLY A 636 5.84 8.17 26.23
C GLY A 636 6.73 9.32 26.62
N SER A 637 7.89 9.46 25.98
CA SER A 637 8.86 10.52 26.27
C SER A 637 8.29 11.91 26.04
N PRO A 638 8.60 12.85 26.96
CA PRO A 638 8.16 14.24 26.72
C PRO A 638 8.92 14.88 25.55
N VAL A 639 8.20 15.64 24.72
CA VAL A 639 8.79 16.38 23.61
C VAL A 639 8.71 17.86 24.01
N MET A 640 9.85 18.54 24.00
CA MET A 640 9.95 19.91 24.43
C MET A 640 10.28 20.85 23.29
N ASN A 641 9.73 22.05 23.45
CA ASN A 641 9.93 23.31 22.78
C ASN A 641 11.40 23.77 22.97
N ALA A 642 11.76 24.88 22.30
CA ALA A 642 12.97 25.64 22.54
C ALA A 642 12.96 26.18 24.02
N ASN A 643 11.77 26.35 24.64
CA ASN A 643 11.63 26.84 26.02
C ASN A 643 11.43 25.75 27.07
N GLY A 644 11.48 24.48 26.69
CA GLY A 644 11.27 23.39 27.63
C GLY A 644 9.83 23.06 27.93
N GLU A 645 8.88 23.68 27.24
CA GLU A 645 7.46 23.38 27.45
C GLU A 645 7.07 22.17 26.63
N LEU A 646 6.16 21.38 27.16
CA LEU A 646 5.70 20.15 26.51
C LEU A 646 4.88 20.47 25.28
N ILE A 647 5.28 19.91 24.13
CA ILE A 647 4.59 20.04 22.84
C ILE A 647 4.05 18.70 22.31
N GLY A 648 4.45 17.59 22.91
CA GLY A 648 4.00 16.28 22.50
C GLY A 648 4.58 15.15 23.30
N LEU A 649 4.18 13.93 22.94
CA LEU A 649 4.69 12.69 23.54
C LEU A 649 5.19 11.82 22.41
N ASN A 650 6.41 11.34 22.49
CA ASN A 650 6.91 10.40 21.48
C ASN A 650 6.14 9.07 21.65
N PHE A 651 5.80 8.39 20.55
CA PHE A 651 5.06 7.11 20.66
C PHE A 651 5.52 6.06 19.67
N ASP A 652 6.29 6.44 18.63
CA ASP A 652 6.81 5.49 17.64
C ASP A 652 7.98 6.11 16.83
N ARG A 653 8.50 5.38 15.85
CA ARG A 653 9.46 5.83 14.85
C ARG A 653 9.10 5.09 13.53
N ASN A 654 9.32 5.74 12.40
CA ASN A 654 8.97 5.15 11.10
C ASN A 654 9.90 3.95 10.77
N TRP A 655 9.43 3.03 9.91
CA TRP A 655 10.21 1.85 9.57
C TRP A 655 11.51 2.21 8.82
N GLU A 656 11.49 3.29 8.04
CA GLU A 656 12.72 3.72 7.36
C GLU A 656 13.82 4.07 8.34
N GLY A 657 13.50 4.30 9.62
CA GLY A 657 14.45 4.63 10.66
C GLY A 657 14.80 3.50 11.63
N VAL A 658 14.29 2.22 11.43
CA VAL A 658 14.66 1.16 12.36
C VAL A 658 16.19 0.82 12.30
N GLY A 659 16.82 1.02 11.15
CA GLY A 659 18.27 0.86 11.04
C GLY A 659 19.06 1.92 11.80
N GLY A 660 18.34 2.93 12.33
CA GLY A 660 18.88 4.02 13.13
C GLY A 660 19.47 3.58 14.45
N ASP A 661 19.20 2.32 14.88
CA ASP A 661 19.83 1.75 16.08
C ASP A 661 21.32 1.42 15.82
N ILE A 662 21.74 1.31 14.56
CA ILE A 662 23.11 1.06 14.13
C ILE A 662 23.66 2.37 13.54
N GLN A 663 22.88 3.05 12.69
CA GLN A 663 23.32 4.31 12.09
C GLN A 663 22.11 5.23 11.86
N TYR A 664 22.11 6.40 12.49
CA TYR A 664 21.04 7.38 12.37
C TYR A 664 20.90 7.81 10.92
N LEU A 665 19.67 7.89 10.42
CA LEU A 665 19.41 8.21 9.03
C LEU A 665 18.76 9.58 8.90
N ALA A 666 19.57 10.63 8.86
CA ALA A 666 19.16 12.02 8.80
C ALA A 666 18.03 12.32 7.81
N ASP A 667 18.05 11.73 6.61
CA ASP A 667 17.02 11.99 5.61
C ASP A 667 15.79 11.06 5.67
N TYR A 668 15.74 10.10 6.62
CA TYR A 668 14.60 9.18 6.71
C TYR A 668 14.07 9.00 8.09
N GLN A 669 14.95 8.85 9.08
CA GLN A 669 14.58 8.59 10.47
C GLN A 669 13.85 9.72 11.16
N ARG A 670 12.64 9.42 11.65
CA ARG A 670 11.83 10.42 12.34
C ARG A 670 11.16 9.80 13.57
N SER A 671 11.02 10.61 14.65
CA SER A 671 10.28 10.21 15.84
C SER A 671 8.84 10.59 15.56
N ILE A 672 7.91 9.71 15.93
CA ILE A 672 6.50 9.92 15.69
C ILE A 672 5.92 10.33 16.99
N ILE A 673 5.42 11.57 17.05
CA ILE A 673 4.99 12.22 18.27
C ILE A 673 3.53 12.61 18.22
N VAL A 674 2.78 12.42 19.31
CA VAL A 674 1.39 12.85 19.36
C VAL A 674 1.40 14.27 19.89
N ASP A 675 0.78 15.20 19.15
CA ASP A 675 0.70 16.61 19.50
C ASP A 675 -0.02 16.79 20.83
N ILE A 676 0.54 17.62 21.72
CA ILE A 676 -0.07 17.85 23.02
C ILE A 676 -1.40 18.59 22.89
N ARG A 677 -1.62 19.35 21.81
CA ARG A 677 -2.89 20.04 21.57
C ARG A 677 -4.02 19.03 21.32
N TYR A 678 -3.67 17.90 20.62
CA TYR A 678 -4.61 16.83 20.34
C TYR A 678 -4.95 16.05 21.64
N VAL A 679 -3.94 15.86 22.53
CA VAL A 679 -4.06 15.23 23.83
C VAL A 679 -5.06 16.02 24.66
N LEU A 680 -4.86 17.35 24.72
CA LEU A 680 -5.70 18.27 25.46
C LEU A 680 -7.10 18.39 24.87
N LEU A 681 -7.25 18.22 23.54
CA LEU A 681 -8.56 18.20 22.89
C LEU A 681 -9.31 16.93 23.28
N VAL A 682 -8.64 15.77 23.33
CA VAL A 682 -9.30 14.51 23.67
C VAL A 682 -9.73 14.51 25.12
N ILE A 683 -8.87 14.97 26.05
CA ILE A 683 -9.19 15.06 27.49
C ILE A 683 -10.44 15.92 27.68
N ASP A 684 -10.44 17.12 27.07
CA ASP A 684 -11.49 18.14 27.10
C ASP A 684 -12.81 17.79 26.38
N LYS A 685 -12.78 17.54 25.07
CA LYS A 685 -14.00 17.33 24.29
C LYS A 685 -14.45 15.87 24.17
N VAL A 686 -13.60 14.88 24.50
CA VAL A 686 -14.01 13.48 24.40
C VAL A 686 -14.19 12.85 25.80
N GLY A 687 -13.35 13.24 26.74
CA GLY A 687 -13.45 12.76 28.12
C GLY A 687 -14.21 13.68 29.05
N GLY A 688 -14.28 14.97 28.70
CA GLY A 688 -14.93 15.99 29.50
C GLY A 688 -14.28 16.18 30.86
N CYS A 689 -12.99 15.87 30.97
CA CYS A 689 -12.29 15.92 32.24
C CYS A 689 -11.56 17.24 32.48
N GLN A 690 -12.34 18.32 32.65
CA GLN A 690 -11.82 19.67 32.90
C GLN A 690 -10.86 19.78 34.10
N ARG A 691 -11.10 18.98 35.14
CA ARG A 691 -10.26 19.03 36.33
C ARG A 691 -8.77 18.74 36.02
N LEU A 692 -8.48 17.94 34.98
CA LEU A 692 -7.11 17.62 34.58
C LEU A 692 -6.48 18.78 33.82
N LEU A 693 -7.28 19.52 33.04
CA LEU A 693 -6.82 20.70 32.32
C LEU A 693 -6.53 21.81 33.33
N ASP A 694 -7.42 22.01 34.32
CA ASP A 694 -7.28 23.02 35.36
C ASP A 694 -6.03 22.81 36.23
N GLU A 695 -5.68 21.55 36.45
CA GLU A 695 -4.53 21.09 37.22
C GLU A 695 -3.17 21.36 36.56
N MET A 696 -3.14 21.36 35.22
CA MET A 696 -1.93 21.60 34.43
C MET A 696 -1.64 23.09 34.31
N ASN A 697 -0.37 23.45 34.10
CA ASN A 697 0.01 24.83 33.88
C ASN A 697 0.15 25.04 32.35
N ILE A 698 -0.95 25.47 31.72
CA ILE A 698 -1.05 25.70 30.28
C ILE A 698 -0.65 27.11 29.88
N VAL A 699 0.37 27.22 29.02
CA VAL A 699 0.89 28.50 28.58
C VAL A 699 0.33 28.85 27.19
N PRO A 700 -0.06 30.13 26.98
CA PRO A 700 -0.64 30.54 25.68
C PRO A 700 0.22 30.26 24.45
N GLU B 3 -10.52 22.16 -16.93
CA GLU B 3 -11.78 21.51 -16.60
C GLU B 3 -12.50 20.86 -17.77
N GLY B 4 -12.28 21.26 -19.02
CA GLY B 4 -13.04 20.65 -20.12
C GLY B 4 -12.32 19.95 -21.25
N MET B 5 -13.11 19.30 -22.12
CA MET B 5 -12.71 18.62 -23.33
C MET B 5 -13.45 19.40 -24.42
N TRP B 6 -12.79 20.42 -24.93
CA TRP B 6 -13.38 21.41 -25.82
C TRP B 6 -13.35 21.08 -27.29
N LEU B 7 -14.42 21.48 -27.99
CA LEU B 7 -14.49 21.34 -29.43
C LEU B 7 -13.43 22.29 -30.06
N MET B 8 -12.91 21.96 -31.27
CA MET B 8 -11.96 22.87 -31.92
C MET B 8 -12.62 24.22 -32.21
N GLN B 9 -13.92 24.23 -32.56
CA GLN B 9 -14.78 25.42 -32.77
C GLN B 9 -14.72 26.35 -31.55
N GLN B 10 -14.52 25.80 -30.34
CA GLN B 10 -14.47 26.57 -29.10
C GLN B 10 -13.11 27.15 -28.78
N LEU B 11 -12.08 26.95 -29.63
CA LEU B 11 -10.76 27.52 -29.40
C LEU B 11 -10.82 29.06 -29.32
N GLY B 12 -11.57 29.71 -30.23
CA GLY B 12 -11.75 31.16 -30.25
C GLY B 12 -12.25 31.70 -28.93
N ARG B 13 -13.32 31.09 -28.40
CA ARG B 13 -13.94 31.43 -27.11
C ARG B 13 -13.06 31.16 -25.89
N LYS B 14 -12.03 30.31 -26.01
CA LYS B 14 -11.16 29.93 -24.89
C LYS B 14 -9.77 30.55 -24.95
N TYR B 15 -9.33 30.98 -26.16
CA TYR B 15 -7.99 31.52 -26.43
C TYR B 15 -7.57 32.59 -25.44
N ALA B 16 -8.48 33.52 -25.08
CA ALA B 16 -8.15 34.56 -24.12
C ALA B 16 -7.77 33.96 -22.75
N GLN B 17 -8.51 32.93 -22.25
CA GLN B 17 -8.19 32.25 -20.99
C GLN B 17 -6.87 31.46 -21.07
N MET B 18 -6.60 30.88 -22.23
CA MET B 18 -5.39 30.11 -22.46
C MET B 18 -4.16 31.02 -22.45
N LYS B 19 -4.29 32.22 -23.03
CA LYS B 19 -3.20 33.19 -23.05
C LYS B 19 -2.87 33.64 -21.61
N GLU B 20 -3.92 33.87 -20.79
CA GLU B 20 -3.79 34.21 -19.37
C GLU B 20 -3.09 33.06 -18.61
N ARG B 21 -3.38 31.79 -19.00
CA ARG B 21 -2.75 30.65 -18.35
C ARG B 21 -1.32 30.33 -18.87
N GLY B 22 -0.84 31.07 -19.87
CA GLY B 22 0.51 30.85 -20.37
C GLY B 22 0.71 30.46 -21.81
N LEU B 23 -0.37 30.29 -22.61
CA LEU B 23 -0.23 29.92 -24.03
C LEU B 23 0.43 31.05 -24.83
N LYS B 24 1.48 30.73 -25.58
CA LYS B 24 2.20 31.73 -26.35
C LYS B 24 2.00 31.65 -27.84
N MET B 25 1.60 30.48 -28.36
CA MET B 25 1.44 30.34 -29.79
C MET B 25 0.16 31.07 -30.33
N LYS B 26 0.17 31.45 -31.64
CA LYS B 26 -0.99 32.14 -32.23
C LYS B 26 -2.17 31.14 -32.40
N GLU B 27 -3.42 31.62 -32.21
CA GLU B 27 -4.64 30.81 -32.27
C GLU B 27 -4.72 29.89 -33.50
N TYR B 28 -4.47 30.45 -34.69
CA TYR B 28 -4.53 29.70 -35.95
C TYR B 28 -3.34 28.78 -36.22
N ASP B 29 -2.24 28.94 -35.47
CA ASP B 29 -1.12 28.00 -35.58
C ASP B 29 -1.49 26.68 -34.86
N LEU B 30 -2.40 26.75 -33.85
CA LEU B 30 -2.93 25.61 -33.14
C LEU B 30 -4.11 24.97 -33.89
N TYR B 31 -5.15 25.76 -34.22
CA TYR B 31 -6.28 25.29 -35.02
C TYR B 31 -6.74 26.36 -35.99
N ASN B 32 -6.70 26.03 -37.28
CA ASN B 32 -7.13 26.90 -38.34
C ASN B 32 -8.25 26.14 -39.08
N PRO B 33 -9.46 26.72 -39.13
CA PRO B 33 -10.56 26.02 -39.82
C PRO B 33 -10.43 26.01 -41.34
N ASN B 34 -9.63 26.91 -41.92
CA ASN B 34 -9.43 26.99 -43.36
C ASN B 34 -7.96 27.30 -43.67
N GLY B 35 -7.10 26.41 -43.15
CA GLY B 35 -5.65 26.47 -43.29
C GLY B 35 -4.99 25.30 -42.56
N THR B 36 -3.64 25.29 -42.53
CA THR B 36 -2.86 24.25 -41.85
C THR B 36 -2.51 24.74 -40.43
N SER B 37 -2.57 23.82 -39.45
CA SER B 37 -2.30 24.10 -38.05
C SER B 37 -1.76 22.84 -37.35
N LEU B 38 -1.42 22.94 -36.06
CA LEU B 38 -0.94 21.81 -35.26
C LEU B 38 -1.92 20.66 -35.24
N LYS B 39 -3.23 20.96 -35.33
CA LYS B 39 -4.33 20.01 -35.41
C LYS B 39 -4.08 18.97 -36.50
N ASP B 40 -3.35 19.36 -37.58
CA ASP B 40 -3.07 18.49 -38.71
C ASP B 40 -1.95 17.45 -38.44
N ALA B 41 -1.34 17.48 -37.24
CA ALA B 41 -0.36 16.47 -36.86
C ALA B 41 -0.95 15.44 -35.83
N VAL B 42 -2.24 15.57 -35.46
CA VAL B 42 -2.90 14.68 -34.50
C VAL B 42 -3.70 13.62 -35.26
N VAL B 43 -3.61 12.35 -34.81
CA VAL B 43 -4.33 11.25 -35.48
C VAL B 43 -5.09 10.38 -34.50
N LEU B 44 -6.13 9.70 -34.98
CA LEU B 44 -6.84 8.69 -34.22
C LEU B 44 -6.09 7.43 -34.64
N PHE B 45 -5.34 6.85 -33.73
CA PHE B 45 -4.51 5.68 -33.98
C PHE B 45 -5.31 4.44 -33.71
N ASP B 46 -5.40 3.56 -34.69
CA ASP B 46 -6.10 2.28 -34.62
C ASP B 46 -7.50 2.32 -33.94
N GLY B 47 -8.29 3.33 -34.30
CA GLY B 47 -9.66 3.46 -33.83
C GLY B 47 -9.98 3.83 -32.39
N GLY B 48 -9.01 3.74 -31.47
CA GLY B 48 -9.29 4.04 -30.06
C GLY B 48 -8.19 4.70 -29.27
N CYS B 49 -7.10 5.04 -29.92
CA CYS B 49 -5.98 5.69 -29.28
C CYS B 49 -5.73 7.02 -30.03
N THR B 50 -4.86 7.85 -29.50
CA THR B 50 -4.40 9.05 -30.16
C THR B 50 -2.92 8.84 -30.54
N GLY B 51 -2.50 9.54 -31.56
CA GLY B 51 -1.12 9.53 -32.02
C GLY B 51 -0.73 10.91 -32.52
N GLU B 52 0.53 11.06 -32.91
CA GLU B 52 1.01 12.32 -33.41
C GLU B 52 2.16 12.14 -34.36
N VAL B 53 2.16 12.94 -35.43
CA VAL B 53 3.20 12.93 -36.45
C VAL B 53 4.32 13.82 -35.94
N VAL B 54 5.55 13.28 -35.89
CA VAL B 54 6.73 13.94 -35.32
C VAL B 54 7.89 14.15 -36.33
N SER B 55 7.64 13.90 -37.63
CA SER B 55 8.67 14.13 -38.65
C SER B 55 8.06 14.37 -40.04
N ASP B 56 8.87 14.97 -40.95
CA ASP B 56 8.49 15.22 -42.35
C ASP B 56 8.41 13.94 -43.20
N ARG B 57 8.72 12.76 -42.60
CA ARG B 57 8.63 11.46 -43.25
C ARG B 57 7.58 10.55 -42.59
N GLY B 58 6.57 11.13 -41.95
CA GLY B 58 5.43 10.42 -41.39
C GLY B 58 5.63 9.55 -40.17
N LEU B 59 6.68 9.82 -39.36
CA LEU B 59 6.91 9.08 -38.14
C LEU B 59 5.82 9.47 -37.14
N VAL B 60 5.29 8.48 -36.40
CA VAL B 60 4.18 8.65 -35.46
C VAL B 60 4.52 8.11 -34.09
N LEU B 61 4.21 8.86 -33.03
CA LEU B 61 4.36 8.38 -31.67
C LEU B 61 2.96 8.14 -31.09
N THR B 62 2.85 7.10 -30.29
CA THR B 62 1.65 6.70 -29.55
C THR B 62 2.15 5.89 -28.33
N ASN B 63 1.27 5.37 -27.50
CA ASN B 63 1.63 4.58 -26.35
C ASN B 63 2.08 3.19 -26.73
N HIS B 64 2.79 2.52 -25.82
CA HIS B 64 3.21 1.14 -25.97
C HIS B 64 1.94 0.28 -25.91
N HIS B 65 1.01 0.57 -24.98
CA HIS B 65 -0.22 -0.17 -24.90
C HIS B 65 -1.15 0.07 -26.09
N CYS B 66 -0.84 1.07 -26.94
CA CYS B 66 -1.63 1.34 -28.14
C CYS B 66 -1.14 0.53 -29.33
N GLY B 67 0.17 0.34 -29.41
CA GLY B 67 0.80 -0.46 -30.44
C GLY B 67 1.12 -1.87 -30.01
N TYR B 68 0.71 -2.25 -28.79
CA TYR B 68 0.93 -3.56 -28.18
C TYR B 68 0.52 -4.76 -29.09
N ASP B 69 -0.66 -4.73 -29.70
CA ASP B 69 -1.10 -5.82 -30.58
C ASP B 69 -0.23 -5.95 -31.82
N MET B 70 0.24 -4.84 -32.37
CA MET B 70 1.12 -4.87 -33.53
C MET B 70 2.47 -5.44 -33.16
N ILE B 71 2.99 -5.10 -31.94
CA ILE B 71 4.27 -5.60 -31.44
C ILE B 71 4.17 -7.09 -31.16
N GLN B 72 3.03 -7.55 -30.62
CA GLN B 72 2.79 -8.95 -30.29
C GLN B 72 2.61 -9.81 -31.54
N ALA B 73 1.93 -9.28 -32.58
CA ALA B 73 1.70 -10.00 -33.83
C ALA B 73 3.01 -10.28 -34.58
N HIS B 74 3.96 -9.36 -34.49
CA HIS B 74 5.27 -9.54 -35.12
C HIS B 74 6.27 -10.29 -34.25
N SER B 75 5.91 -10.65 -33.01
CA SER B 75 6.80 -11.34 -32.08
C SER B 75 6.69 -12.84 -32.26
N THR B 76 7.86 -13.51 -32.23
CA THR B 76 8.03 -14.96 -32.35
C THR B 76 8.94 -15.45 -31.18
N LEU B 77 9.21 -16.77 -31.06
CA LEU B 77 10.14 -17.26 -30.04
C LEU B 77 11.55 -16.78 -30.41
N GLU B 78 11.89 -16.77 -31.72
CA GLU B 78 13.17 -16.31 -32.25
C GLU B 78 13.38 -14.78 -32.08
N HIS B 79 12.38 -13.96 -32.43
CA HIS B 79 12.47 -12.51 -32.27
C HIS B 79 11.33 -12.02 -31.41
N ASN B 80 11.54 -12.00 -30.09
CA ASN B 80 10.51 -11.53 -29.17
C ASN B 80 10.56 -10.02 -29.03
N TYR B 81 9.86 -9.29 -29.91
CA TYR B 81 9.84 -7.84 -29.87
C TYR B 81 9.08 -7.31 -28.66
N LEU B 82 8.09 -8.06 -28.17
CA LEU B 82 7.33 -7.64 -27.00
C LEU B 82 8.20 -7.58 -25.72
N GLU B 83 9.04 -8.60 -25.48
CA GLU B 83 9.89 -8.58 -24.29
C GLU B 83 11.22 -7.81 -24.52
N ASN B 84 11.83 -7.89 -25.73
CA ASN B 84 13.13 -7.28 -26.03
C ASN B 84 13.11 -5.95 -26.76
N GLY B 85 11.96 -5.53 -27.22
CA GLY B 85 11.84 -4.31 -28.01
C GLY B 85 12.12 -4.55 -29.47
N PHE B 86 11.90 -3.53 -30.30
CA PHE B 86 12.11 -3.63 -31.73
C PHE B 86 12.62 -2.29 -32.23
N TRP B 87 13.70 -2.29 -33.03
CA TRP B 87 14.24 -1.05 -33.57
C TRP B 87 14.66 -1.29 -35.01
N ALA B 88 13.80 -0.92 -35.98
CA ALA B 88 14.09 -1.06 -37.39
C ALA B 88 15.25 -0.14 -37.74
N MET B 89 16.41 -0.70 -38.15
CA MET B 89 17.57 0.14 -38.44
C MET B 89 17.53 0.84 -39.82
N ARG B 90 16.51 0.55 -40.62
CA ARG B 90 16.27 1.17 -41.92
C ARG B 90 14.77 1.14 -42.21
N GLU B 91 14.27 2.10 -43.02
CA GLU B 91 12.86 2.19 -43.38
C GLU B 91 12.30 0.90 -44.00
N ALA B 92 13.14 0.17 -44.75
CA ALA B 92 12.76 -1.08 -45.37
C ALA B 92 12.52 -2.20 -44.34
N ASP B 93 13.11 -2.09 -43.14
CA ASP B 93 12.95 -3.04 -42.04
C ASP B 93 11.68 -2.81 -41.21
N GLU B 94 11.01 -1.67 -41.37
CA GLU B 94 9.77 -1.36 -40.66
C GLU B 94 8.67 -2.31 -41.09
N LEU B 95 8.05 -2.96 -40.11
CA LEU B 95 7.04 -4.01 -40.30
C LEU B 95 5.62 -3.50 -40.61
N PRO B 96 5.02 -3.94 -41.75
CA PRO B 96 3.63 -3.58 -42.02
C PRO B 96 2.70 -4.25 -41.04
N ASN B 97 1.48 -3.71 -40.88
CA ASN B 97 0.53 -4.26 -39.94
C ASN B 97 -0.80 -4.42 -40.58
N LYS B 98 -1.40 -5.61 -40.53
CA LYS B 98 -2.73 -5.81 -41.09
C LYS B 98 -3.74 -5.27 -40.10
N ASP B 99 -4.80 -4.64 -40.62
CA ASP B 99 -5.92 -4.12 -39.85
C ASP B 99 -5.59 -2.91 -38.98
N ILE B 100 -4.74 -2.02 -39.49
CA ILE B 100 -4.36 -0.81 -38.78
C ILE B 100 -4.82 0.43 -39.55
N SER B 101 -5.08 1.52 -38.82
CA SER B 101 -5.43 2.78 -39.47
C SER B 101 -5.01 3.97 -38.65
N VAL B 102 -4.83 5.09 -39.33
CA VAL B 102 -4.58 6.38 -38.74
C VAL B 102 -5.56 7.36 -39.43
N VAL B 103 -6.31 8.12 -38.64
CA VAL B 103 -7.26 9.05 -39.19
C VAL B 103 -6.89 10.50 -38.86
N PHE B 104 -6.76 11.32 -39.91
CA PHE B 104 -6.52 12.75 -39.75
C PHE B 104 -7.85 13.50 -39.83
N ILE B 105 -8.03 14.54 -39.03
CA ILE B 105 -9.26 15.35 -39.10
C ILE B 105 -8.95 16.56 -40.00
N ASP B 106 -9.20 16.38 -41.30
CA ASP B 106 -8.92 17.36 -42.35
C ASP B 106 -9.73 18.66 -42.21
N LYS B 107 -11.04 18.56 -42.04
CA LYS B 107 -11.93 19.71 -41.84
C LYS B 107 -12.99 19.33 -40.79
N ILE B 108 -13.49 20.34 -40.09
CA ILE B 108 -14.56 20.22 -39.12
C ILE B 108 -15.51 21.37 -39.41
N GLU B 109 -16.79 21.10 -39.60
CA GLU B 109 -17.77 22.13 -39.91
C GLU B 109 -19.02 22.03 -39.02
N ASP B 110 -19.55 23.17 -38.58
CA ASP B 110 -20.80 23.18 -37.81
C ASP B 110 -21.96 23.04 -38.81
N VAL B 111 -22.74 21.95 -38.71
CA VAL B 111 -23.90 21.65 -39.56
C VAL B 111 -25.20 21.56 -38.75
N THR B 112 -25.28 22.27 -37.61
CA THR B 112 -26.45 22.25 -36.72
C THR B 112 -27.74 22.66 -37.41
N ASP B 113 -27.76 23.82 -38.08
CA ASP B 113 -28.97 24.31 -38.73
C ASP B 113 -29.43 23.39 -39.83
N TYR B 114 -28.48 22.86 -40.62
CA TYR B 114 -28.75 21.90 -41.70
C TYR B 114 -29.45 20.64 -41.14
N VAL B 115 -28.88 20.05 -40.06
CA VAL B 115 -29.42 18.84 -39.44
C VAL B 115 -30.79 19.12 -38.78
N LYS B 116 -30.92 20.22 -38.03
CA LYS B 116 -32.16 20.61 -37.39
C LYS B 116 -33.27 20.89 -38.40
N LYS B 117 -32.91 21.39 -39.60
CA LYS B 117 -33.88 21.62 -40.66
C LYS B 117 -34.30 20.28 -41.25
N GLU B 118 -33.33 19.39 -41.56
CA GLU B 118 -33.64 18.07 -42.10
C GLU B 118 -34.54 17.27 -41.16
N LEU B 119 -34.31 17.41 -39.84
CA LEU B 119 -35.05 16.72 -38.77
C LEU B 119 -36.51 17.17 -38.67
N LYS B 120 -36.82 18.42 -39.07
CA LYS B 120 -38.19 18.96 -39.08
C LYS B 120 -39.15 18.12 -39.93
N ALA B 121 -38.63 17.37 -40.92
CA ALA B 121 -39.42 16.51 -41.77
C ALA B 121 -39.71 15.11 -41.17
N ILE B 122 -39.39 14.89 -39.86
CA ILE B 122 -39.57 13.57 -39.21
C ILE B 122 -41.03 13.19 -39.00
N LYS B 123 -41.79 14.02 -38.28
CA LYS B 123 -43.20 13.76 -37.96
C LYS B 123 -43.33 13.11 -36.59
N ASP B 124 -42.79 11.88 -36.38
CA ASP B 124 -42.86 11.28 -35.05
C ASP B 124 -41.96 12.07 -34.09
N PRO B 125 -42.53 12.72 -33.05
CA PRO B 125 -41.69 13.51 -32.13
C PRO B 125 -40.72 12.68 -31.28
N ASN B 126 -41.01 11.39 -31.14
CA ASN B 126 -40.21 10.47 -30.37
C ASN B 126 -39.14 9.74 -31.20
N SER B 127 -38.96 10.12 -32.48
CA SER B 127 -37.96 9.52 -33.36
C SER B 127 -36.53 9.69 -32.81
N MET B 128 -35.75 8.61 -32.82
CA MET B 128 -34.36 8.67 -32.37
C MET B 128 -33.37 8.84 -33.54
N ASP B 129 -33.87 9.27 -34.71
CA ASP B 129 -33.05 9.52 -35.89
C ASP B 129 -32.03 10.61 -35.64
N TYR B 130 -32.32 11.58 -34.75
CA TYR B 130 -31.40 12.67 -34.41
C TYR B 130 -30.07 12.16 -33.79
N LEU B 131 -30.06 10.93 -33.26
CA LEU B 131 -28.87 10.29 -32.71
C LEU B 131 -28.43 9.08 -33.54
N SER B 132 -29.09 8.80 -34.67
CA SER B 132 -28.81 7.63 -35.48
C SER B 132 -27.64 7.78 -36.42
N PRO B 133 -26.63 6.90 -36.28
CA PRO B 133 -25.49 6.94 -37.22
C PRO B 133 -25.90 6.73 -38.66
N LYS B 134 -26.93 5.89 -38.92
CA LYS B 134 -27.41 5.67 -40.29
C LYS B 134 -28.08 6.94 -40.86
N TYR B 135 -28.97 7.57 -40.09
CA TYR B 135 -29.63 8.79 -40.53
C TYR B 135 -28.64 9.93 -40.77
N LEU B 136 -27.73 10.14 -39.81
CA LEU B 136 -26.72 11.21 -39.89
C LEU B 136 -25.74 10.95 -41.03
N GLN B 137 -25.44 9.67 -41.37
CA GLN B 137 -24.59 9.37 -42.52
C GLN B 137 -25.29 9.70 -43.82
N LYS B 138 -26.60 9.47 -43.90
CA LYS B 138 -27.39 9.86 -45.09
C LYS B 138 -27.34 11.38 -45.27
N LEU B 139 -27.39 12.15 -44.16
CA LEU B 139 -27.34 13.61 -44.19
C LEU B 139 -25.97 14.12 -44.59
N ALA B 140 -24.91 13.45 -44.09
CA ALA B 140 -23.53 13.76 -44.38
C ALA B 140 -23.27 13.54 -45.88
N ASP B 141 -23.75 12.41 -46.44
CA ASP B 141 -23.61 12.08 -47.85
C ASP B 141 -24.36 13.08 -48.74
N LYS B 142 -25.56 13.48 -48.31
CA LYS B 142 -26.35 14.45 -49.07
C LYS B 142 -25.60 15.80 -49.12
N LYS B 143 -25.01 16.22 -48.00
CA LYS B 143 -24.26 17.47 -47.95
C LYS B 143 -22.92 17.41 -48.72
N ALA B 144 -22.09 16.38 -48.51
CA ALA B 144 -20.80 16.26 -49.18
C ALA B 144 -20.93 16.05 -50.68
N GLY B 145 -21.88 15.21 -51.08
CA GLY B 145 -22.07 14.89 -52.47
C GLY B 145 -22.17 13.40 -52.70
N LYS B 146 -22.71 13.03 -53.87
CA LYS B 146 -22.88 11.61 -54.23
C LYS B 146 -21.51 10.99 -54.53
N ASN B 147 -20.73 11.63 -55.42
CA ASN B 147 -19.41 11.12 -55.79
C ASN B 147 -18.25 11.74 -54.95
N PHE B 148 -18.46 11.96 -53.64
CA PHE B 148 -17.44 12.59 -52.81
C PHE B 148 -16.14 11.76 -52.62
N SER B 149 -16.24 10.48 -52.21
CA SER B 149 -15.06 9.67 -51.97
C SER B 149 -14.26 9.36 -53.25
N ALA B 150 -14.91 9.42 -54.42
CA ALA B 150 -14.24 9.21 -55.69
C ALA B 150 -13.64 10.54 -56.20
N LYS B 151 -14.34 11.68 -55.97
CA LYS B 151 -13.81 12.99 -56.40
C LYS B 151 -12.67 13.49 -55.48
N ASN B 152 -12.66 13.05 -54.21
CA ASN B 152 -11.69 13.40 -53.18
C ASN B 152 -11.16 12.10 -52.54
N PRO B 153 -10.15 11.44 -53.14
CA PRO B 153 -9.72 10.12 -52.61
C PRO B 153 -8.99 10.18 -51.26
N GLY B 154 -9.22 9.13 -50.45
CA GLY B 154 -8.70 9.02 -49.09
C GLY B 154 -9.60 9.67 -48.04
N LEU B 155 -10.38 10.67 -48.49
CA LEU B 155 -11.32 11.44 -47.68
C LEU B 155 -12.69 10.75 -47.51
N SER B 156 -13.33 11.01 -46.38
CA SER B 156 -14.68 10.56 -46.01
C SER B 156 -15.32 11.58 -45.08
N VAL B 157 -16.64 11.63 -45.01
CA VAL B 157 -17.33 12.57 -44.14
C VAL B 157 -18.14 11.84 -43.06
N GLU B 158 -18.47 12.55 -41.98
CA GLU B 158 -19.24 11.99 -40.89
C GLU B 158 -19.90 13.08 -40.06
N ILE B 159 -21.16 12.91 -39.67
CA ILE B 159 -21.83 13.86 -38.79
C ILE B 159 -22.03 13.22 -37.43
N LYS B 160 -21.72 13.96 -36.37
CA LYS B 160 -21.92 13.49 -35.01
C LYS B 160 -22.80 14.48 -34.24
N ALA B 161 -23.60 13.98 -33.30
CA ALA B 161 -24.41 14.79 -32.40
C ALA B 161 -23.56 15.16 -31.19
N PHE B 162 -23.78 16.34 -30.66
CA PHE B 162 -23.07 16.87 -29.48
C PHE B 162 -24.12 17.52 -28.61
N TYR B 163 -23.80 17.73 -27.32
CA TYR B 163 -24.73 18.35 -26.36
C TYR B 163 -26.13 17.71 -26.33
N GLY B 164 -26.17 16.39 -26.42
CA GLY B 164 -27.42 15.63 -26.41
C GLY B 164 -28.32 15.81 -27.62
N GLY B 165 -27.76 16.23 -28.75
CA GLY B 165 -28.54 16.48 -29.96
C GLY B 165 -28.82 17.95 -30.22
N ASN B 166 -28.12 18.87 -29.53
CA ASN B 166 -28.29 20.31 -29.68
C ASN B 166 -27.24 20.99 -30.58
N LEU B 167 -26.20 20.26 -30.97
CA LEU B 167 -25.14 20.75 -31.84
C LEU B 167 -24.68 19.58 -32.74
N TYR B 168 -24.40 19.82 -34.01
CA TYR B 168 -23.93 18.77 -34.92
C TYR B 168 -22.69 19.24 -35.66
N LEU B 169 -21.68 18.39 -35.79
CA LEU B 169 -20.48 18.73 -36.55
C LEU B 169 -20.22 17.69 -37.61
N MET B 170 -19.77 18.13 -38.78
CA MET B 170 -19.38 17.24 -39.86
C MET B 170 -17.87 17.23 -39.93
N PHE B 171 -17.28 16.04 -39.95
CA PHE B 171 -15.84 15.88 -40.01
C PHE B 171 -15.46 15.31 -41.34
N THR B 172 -14.45 15.88 -41.97
CA THR B 172 -13.89 15.33 -43.19
C THR B 172 -12.58 14.66 -42.72
N LYS B 173 -12.54 13.34 -42.82
CA LYS B 173 -11.46 12.50 -42.34
C LYS B 173 -10.61 11.95 -43.47
N LYS B 174 -9.30 11.86 -43.26
CA LYS B 174 -8.40 11.26 -44.23
C LYS B 174 -7.83 9.99 -43.55
N THR B 175 -8.04 8.81 -44.12
CA THR B 175 -7.63 7.55 -43.48
C THR B 175 -6.51 6.82 -44.20
N TYR B 176 -5.42 6.49 -43.49
CA TYR B 176 -4.26 5.76 -44.04
C TYR B 176 -4.23 4.40 -43.39
N THR B 177 -4.10 3.34 -44.20
CA THR B 177 -4.11 1.98 -43.65
C THR B 177 -2.77 1.24 -43.76
N ASP B 178 -1.75 1.87 -44.35
CA ASP B 178 -0.42 1.28 -44.38
C ASP B 178 0.38 2.02 -43.28
N VAL B 179 0.32 1.53 -42.03
CA VAL B 179 0.99 2.18 -40.90
C VAL B 179 1.94 1.12 -40.33
N ARG B 180 3.24 1.32 -40.51
CA ARG B 180 4.24 0.33 -40.14
C ARG B 180 4.91 0.53 -38.79
N LEU B 181 5.29 -0.57 -38.13
CA LEU B 181 5.95 -0.54 -36.83
C LEU B 181 7.40 -0.14 -37.05
N VAL B 182 7.89 0.89 -36.34
CA VAL B 182 9.25 1.38 -36.49
C VAL B 182 10.11 1.06 -35.26
N GLY B 183 9.55 1.27 -34.08
CA GLY B 183 10.28 1.05 -32.84
C GLY B 183 9.42 0.88 -31.61
N ALA B 184 9.93 0.17 -30.62
CA ALA B 184 9.21 -0.05 -29.37
C ALA B 184 10.22 -0.43 -28.31
N PRO B 185 10.02 0.10 -27.09
CA PRO B 185 10.92 -0.30 -26.00
C PRO B 185 10.56 -1.72 -25.54
N PRO B 186 11.42 -2.39 -24.76
CA PRO B 186 11.02 -3.69 -24.21
C PRO B 186 9.83 -3.50 -23.26
N SER B 187 9.06 -4.55 -23.02
CA SER B 187 7.94 -4.47 -22.08
C SER B 187 8.36 -4.06 -20.69
N SER B 188 9.63 -4.26 -20.31
CA SER B 188 10.12 -3.80 -19.00
C SER B 188 10.03 -2.26 -18.92
N ILE B 189 10.20 -1.55 -20.05
CA ILE B 189 10.05 -0.08 -20.04
C ILE B 189 8.63 0.35 -20.37
N GLY B 190 8.09 -0.18 -21.47
CA GLY B 190 6.77 0.18 -21.99
C GLY B 190 5.61 -0.09 -21.05
N LYS B 191 5.79 -1.05 -20.15
CA LYS B 191 4.80 -1.47 -19.20
C LYS B 191 5.42 -1.68 -17.80
N PHE B 192 6.40 -0.84 -17.38
CA PHE B 192 7.12 -1.00 -16.10
C PHE B 192 6.24 -1.28 -14.87
N GLY B 193 5.26 -0.44 -14.60
CA GLY B 193 4.42 -0.69 -13.42
C GLY B 193 3.57 -1.94 -13.55
N ALA B 194 3.21 -2.26 -14.81
CA ALA B 194 2.37 -3.33 -15.29
C ALA B 194 0.97 -3.17 -14.58
N ASP B 195 0.34 -4.19 -13.94
CA ASP B 195 -0.95 -4.01 -13.33
C ASP B 195 -0.88 -3.31 -11.99
N THR B 196 0.21 -3.48 -11.20
CA THR B 196 0.34 -2.82 -9.89
C THR B 196 0.26 -1.30 -10.00
N ASP B 197 0.97 -0.71 -10.99
CA ASP B 197 0.96 0.74 -11.14
C ASP B 197 -0.10 1.27 -12.05
N ASN B 198 -1.05 0.44 -12.54
CA ASN B 198 -2.14 0.97 -13.38
C ASN B 198 -3.00 1.93 -12.58
N TRP B 199 -3.33 3.09 -13.18
CA TRP B 199 -4.08 4.19 -12.54
C TRP B 199 -3.31 4.82 -11.40
N ILE B 200 -1.99 4.59 -11.28
CA ILE B 200 -1.22 5.10 -10.16
C ILE B 200 -0.30 6.28 -10.51
N TRP B 201 -0.28 7.28 -9.64
CA TRP B 201 0.67 8.37 -9.68
C TRP B 201 1.25 8.42 -8.27
N PRO B 202 2.60 8.47 -8.06
CA PRO B 202 3.69 8.55 -9.04
C PRO B 202 3.78 7.34 -9.98
N ARG B 203 4.23 7.58 -11.22
CA ARG B 203 4.30 6.55 -12.25
C ARG B 203 5.65 6.60 -12.94
N HIS B 204 6.25 5.43 -13.28
CA HIS B 204 7.60 5.35 -13.86
C HIS B 204 7.69 4.56 -15.17
N THR B 205 6.58 4.53 -15.90
CA THR B 205 6.42 3.77 -17.15
C THR B 205 6.77 4.56 -18.41
N GLY B 206 7.62 4.00 -19.26
CA GLY B 206 7.97 4.61 -20.54
C GLY B 206 7.07 4.09 -21.63
N ASP B 207 5.77 4.41 -21.51
CA ASP B 207 4.67 3.99 -22.37
C ASP B 207 4.67 4.65 -23.73
N PHE B 208 5.53 4.13 -24.62
CA PHE B 208 5.59 4.64 -26.00
C PHE B 208 5.95 3.53 -26.99
N SER B 209 5.54 3.73 -28.25
CA SER B 209 5.84 2.93 -29.42
C SER B 209 5.82 3.88 -30.62
N ILE B 210 6.58 3.52 -31.65
CA ILE B 210 6.80 4.35 -32.83
C ILE B 210 6.33 3.64 -34.09
N PHE B 211 5.57 4.34 -34.91
CA PHE B 211 5.05 3.83 -36.17
C PHE B 211 5.41 4.81 -37.32
N ARG B 212 5.06 4.49 -38.56
CA ARG B 212 5.26 5.38 -39.69
C ARG B 212 4.12 5.20 -40.66
N ILE B 213 3.52 6.31 -41.09
CA ILE B 213 2.46 6.29 -42.08
C ILE B 213 3.08 6.18 -43.47
N TYR B 214 2.57 5.25 -44.25
CA TYR B 214 2.95 5.05 -45.64
C TYR B 214 1.76 5.42 -46.55
N ALA B 215 2.06 5.87 -47.76
CA ALA B 215 1.07 6.34 -48.73
C ALA B 215 1.56 6.05 -50.20
N ASP B 216 0.75 6.37 -51.23
CA ASP B 216 1.19 6.22 -52.61
C ASP B 216 2.17 7.36 -52.97
N LYS B 217 2.72 7.36 -54.22
CA LYS B 217 3.67 8.38 -54.69
C LYS B 217 3.22 9.83 -54.46
N ASN B 218 1.90 10.08 -54.44
CA ASN B 218 1.35 11.44 -54.26
C ASN B 218 0.97 11.80 -52.83
N GLY B 219 1.25 10.92 -51.88
CA GLY B 219 0.88 11.11 -50.48
C GLY B 219 -0.57 10.78 -50.17
N ASN B 220 -1.25 10.10 -51.10
CA ASN B 220 -2.65 9.73 -50.93
C ASN B 220 -2.74 8.38 -50.24
N PRO B 221 -3.78 8.17 -49.43
CA PRO B 221 -3.93 6.89 -48.75
C PRO B 221 -3.96 5.72 -49.72
N ALA B 222 -3.29 4.65 -49.34
CA ALA B 222 -3.23 3.43 -50.12
C ALA B 222 -3.03 2.27 -49.13
N PRO B 223 -3.70 1.13 -49.36
CA PRO B 223 -3.46 -0.03 -48.48
C PRO B 223 -2.04 -0.55 -48.65
N TYR B 224 -1.59 -1.46 -47.75
CA TYR B 224 -0.23 -2.00 -47.86
C TYR B 224 0.14 -2.49 -49.29
N SER B 225 1.24 -1.94 -49.79
CA SER B 225 1.87 -2.27 -51.05
C SER B 225 3.37 -2.12 -50.84
N GLU B 226 4.17 -3.06 -51.39
CA GLU B 226 5.62 -2.97 -51.30
C GLU B 226 6.18 -1.69 -52.00
N ASP B 227 5.34 -1.03 -52.84
CA ASP B 227 5.66 0.20 -53.57
C ASP B 227 5.30 1.48 -52.81
N ASN B 228 4.66 1.36 -51.63
CA ASN B 228 4.30 2.52 -50.83
C ASN B 228 5.54 3.22 -50.26
N VAL B 229 5.44 4.53 -50.16
CA VAL B 229 6.50 5.43 -49.74
C VAL B 229 6.04 6.23 -48.49
N PRO B 230 6.95 6.59 -47.56
CA PRO B 230 6.54 7.36 -46.38
C PRO B 230 5.75 8.62 -46.70
N LEU B 231 4.78 8.98 -45.84
CA LEU B 231 3.98 10.16 -46.06
C LEU B 231 4.71 11.44 -45.67
N LYS B 232 4.77 12.46 -46.55
CA LYS B 232 5.33 13.75 -46.16
C LYS B 232 4.10 14.54 -45.69
N PRO B 233 3.93 14.72 -44.38
CA PRO B 233 2.70 15.38 -43.90
C PRO B 233 2.76 16.90 -43.99
N LYS B 234 1.59 17.56 -43.98
CA LYS B 234 1.56 19.02 -44.05
C LYS B 234 1.97 19.69 -42.72
N ARG B 235 1.91 18.95 -41.61
CA ARG B 235 2.29 19.45 -40.31
C ARG B 235 2.81 18.29 -39.44
N PHE B 236 3.83 18.57 -38.65
CA PHE B 236 4.36 17.62 -37.69
C PHE B 236 4.83 18.38 -36.44
N PHE B 237 4.92 17.69 -35.32
CA PHE B 237 5.34 18.33 -34.07
C PHE B 237 6.85 18.47 -33.97
N ASN B 238 7.30 19.60 -33.41
CA ASN B 238 8.71 19.73 -33.08
C ASN B 238 8.84 19.13 -31.66
N ILE B 239 9.98 18.52 -31.35
CA ILE B 239 10.22 17.94 -30.03
C ILE B 239 10.96 18.97 -29.19
N SER B 240 10.46 19.30 -27.99
CA SER B 240 11.16 20.24 -27.12
C SER B 240 12.11 19.49 -26.17
N LEU B 241 13.26 20.07 -25.87
CA LEU B 241 14.16 19.49 -24.85
C LEU B 241 14.29 20.39 -23.60
N GLY B 242 13.53 21.50 -23.56
CA GLY B 242 13.48 22.42 -22.43
C GLY B 242 12.82 21.82 -21.20
N GLY B 243 12.04 20.76 -21.41
CA GLY B 243 11.37 20.03 -20.35
C GLY B 243 10.21 20.75 -19.72
N VAL B 244 9.91 20.36 -18.48
CA VAL B 244 8.81 20.94 -17.72
C VAL B 244 9.26 21.41 -16.36
N GLN B 245 8.53 22.38 -15.81
CA GLN B 245 8.67 22.93 -14.47
C GLN B 245 7.30 22.99 -13.84
N GLU B 246 7.25 22.99 -12.51
CA GLU B 246 5.96 23.08 -11.80
C GLU B 246 5.23 24.38 -12.21
N ASN B 247 3.94 24.24 -12.52
CA ASN B 247 3.04 25.32 -12.94
C ASN B 247 3.16 25.68 -14.41
N ASP B 248 4.03 25.01 -15.18
CA ASP B 248 4.12 25.28 -16.63
C ASP B 248 2.79 24.99 -17.31
N TYR B 249 2.44 25.78 -18.31
CA TYR B 249 1.22 25.57 -19.08
C TYR B 249 1.44 24.32 -19.93
N ALA B 250 0.39 23.49 -20.01
CA ALA B 250 0.42 22.31 -20.87
C ALA B 250 -0.96 22.15 -21.57
N MET B 251 -0.95 21.63 -22.79
CA MET B 251 -2.20 21.38 -23.51
C MET B 251 -2.14 20.05 -24.25
N ILE B 252 -3.30 19.46 -24.48
CA ILE B 252 -3.42 18.19 -25.16
C ILE B 252 -4.50 18.28 -26.22
N MET B 253 -4.31 17.53 -27.32
CA MET B 253 -5.28 17.29 -28.36
C MET B 253 -5.40 15.76 -28.48
N GLY B 254 -6.61 15.27 -28.67
CA GLY B 254 -6.85 13.85 -28.76
C GLY B 254 -8.31 13.50 -28.91
N PHE B 255 -8.62 12.21 -28.75
CA PHE B 255 -9.96 11.72 -28.97
C PHE B 255 -10.57 11.09 -27.73
N PRO B 256 -10.93 11.89 -26.70
CA PRO B 256 -11.59 11.30 -25.52
C PRO B 256 -12.90 10.63 -25.95
N GLY B 257 -13.13 9.44 -25.45
CA GLY B 257 -14.25 8.59 -25.85
C GLY B 257 -15.59 8.91 -25.26
N THR B 258 -15.73 8.89 -23.92
CA THR B 258 -17.02 9.13 -23.28
C THR B 258 -16.87 9.84 -21.93
N THR B 259 -17.86 10.66 -21.60
CA THR B 259 -18.02 11.34 -20.32
C THR B 259 -19.52 11.35 -20.01
N HIS B 260 -19.91 11.68 -18.79
CA HIS B 260 -21.30 11.74 -18.37
C HIS B 260 -21.42 12.98 -17.49
N ARG B 261 -21.10 14.14 -18.08
CA ARG B 261 -21.09 15.44 -17.41
C ARG B 261 -22.47 15.98 -17.13
N TYR B 262 -23.50 15.46 -17.81
CA TYR B 262 -24.85 15.96 -17.60
C TYR B 262 -25.77 14.93 -16.96
N PHE B 263 -25.18 14.03 -16.14
CA PHE B 263 -25.92 13.04 -15.37
C PHE B 263 -26.78 13.80 -14.36
N THR B 264 -27.98 13.29 -14.06
CA THR B 264 -28.78 13.87 -12.99
C THR B 264 -28.22 13.22 -11.70
N ALA B 265 -28.61 13.75 -10.51
CA ALA B 265 -28.23 13.15 -9.26
C ALA B 265 -28.73 11.68 -9.15
N SER B 266 -29.92 11.38 -9.69
CA SER B 266 -30.45 10.01 -9.66
C SER B 266 -29.62 9.03 -10.50
N GLU B 267 -29.02 9.52 -11.58
CA GLU B 267 -28.15 8.72 -12.45
C GLU B 267 -26.82 8.44 -11.76
N VAL B 268 -26.33 9.38 -10.93
CA VAL B 268 -25.12 9.19 -10.14
C VAL B 268 -25.42 8.12 -9.07
N ASP B 269 -26.61 8.16 -8.43
CA ASP B 269 -26.98 7.16 -7.41
C ASP B 269 -27.04 5.78 -7.98
N GLU B 270 -27.59 5.67 -9.20
CA GLU B 270 -27.75 4.41 -9.91
C GLU B 270 -26.39 3.83 -10.29
N TRP B 271 -25.49 4.68 -10.78
CA TRP B 271 -24.15 4.30 -11.18
C TRP B 271 -23.37 3.77 -9.98
N LYS B 272 -23.55 4.39 -8.81
CA LYS B 272 -22.92 3.95 -7.60
C LYS B 272 -23.52 2.63 -7.05
N SER B 273 -24.85 2.61 -6.82
CA SER B 273 -25.55 1.53 -6.13
C SER B 273 -25.88 0.32 -6.94
N ILE B 274 -25.92 0.45 -8.26
CA ILE B 274 -26.17 -0.70 -9.11
C ILE B 274 -24.87 -1.05 -9.83
N ASP B 275 -24.46 -0.26 -10.82
CA ASP B 275 -23.31 -0.51 -11.66
C ASP B 275 -22.06 -0.79 -10.86
N ASN B 276 -21.58 0.20 -10.09
CA ASN B 276 -20.35 0.08 -9.35
C ASN B 276 -20.41 -0.92 -8.20
N ASP B 277 -21.42 -0.83 -7.30
CA ASP B 277 -21.49 -1.76 -6.17
C ASP B 277 -21.57 -3.23 -6.62
N ILE B 278 -22.35 -3.54 -7.68
CA ILE B 278 -22.44 -4.92 -8.16
C ILE B 278 -21.09 -5.35 -8.75
N ARG B 279 -20.49 -4.54 -9.65
CA ARG B 279 -19.17 -4.86 -10.19
C ARG B 279 -18.12 -5.08 -9.08
N ILE B 280 -18.12 -4.21 -8.04
CA ILE B 280 -17.20 -4.31 -6.91
C ILE B 280 -17.42 -5.59 -6.12
N ARG B 281 -18.65 -5.84 -5.69
CA ARG B 281 -18.97 -7.04 -4.92
C ARG B 281 -18.70 -8.35 -5.70
N MET B 282 -19.15 -8.41 -6.96
CA MET B 282 -18.99 -9.65 -7.76
C MET B 282 -17.55 -9.94 -8.15
N ARG B 283 -16.80 -8.92 -8.59
CA ARG B 283 -15.39 -9.11 -8.95
C ARG B 283 -14.53 -9.36 -7.73
N ASP B 284 -14.92 -8.85 -6.55
CA ASP B 284 -14.17 -9.14 -5.33
C ASP B 284 -14.32 -10.62 -4.94
N ILE B 285 -15.51 -11.23 -5.13
CA ILE B 285 -15.69 -12.66 -4.85
C ILE B 285 -14.90 -13.50 -5.85
N ARG B 286 -15.01 -13.16 -7.14
CA ARG B 286 -14.35 -13.86 -8.24
C ARG B 286 -12.82 -13.85 -8.09
N GLN B 287 -12.24 -12.65 -7.90
CA GLN B 287 -10.81 -12.42 -7.75
C GLN B 287 -10.26 -13.08 -6.50
N GLY B 288 -11.04 -13.07 -5.42
CA GLY B 288 -10.66 -13.72 -4.18
C GLY B 288 -10.45 -15.21 -4.34
N VAL B 289 -11.36 -15.92 -5.04
CA VAL B 289 -11.24 -17.37 -5.26
C VAL B 289 -10.09 -17.67 -6.21
N MET B 290 -9.99 -16.89 -7.27
CA MET B 290 -8.95 -17.00 -8.27
C MET B 290 -7.55 -16.83 -7.65
N LEU B 291 -7.38 -15.83 -6.76
CA LEU B 291 -6.13 -15.58 -6.06
C LEU B 291 -5.70 -16.75 -5.18
N ARG B 292 -6.60 -17.32 -4.32
CA ARG B 292 -6.28 -18.46 -3.48
C ARG B 292 -5.75 -19.62 -4.32
N GLU B 293 -6.39 -19.89 -5.47
CA GLU B 293 -6.01 -20.98 -6.34
C GLU B 293 -4.70 -20.73 -7.06
N MET B 294 -4.47 -19.47 -7.48
CA MET B 294 -3.23 -19.12 -8.17
C MET B 294 -2.04 -19.21 -7.22
N LEU B 295 -2.21 -18.77 -5.95
CA LEU B 295 -1.17 -18.82 -4.92
C LEU B 295 -0.87 -20.23 -4.42
N ALA B 296 -1.80 -21.18 -4.60
CA ALA B 296 -1.62 -22.55 -4.13
C ALA B 296 -0.98 -23.45 -5.19
N ASP B 297 -1.24 -23.18 -6.47
CA ASP B 297 -0.70 -23.99 -7.55
C ASP B 297 -0.07 -23.08 -8.58
N PRO B 298 1.27 -23.15 -8.73
CA PRO B 298 1.95 -22.30 -9.73
C PRO B 298 1.48 -22.46 -11.17
N GLN B 299 0.94 -23.64 -11.50
CA GLN B 299 0.43 -23.89 -12.83
C GLN B 299 -0.89 -23.11 -13.02
N ILE B 300 -1.73 -22.97 -11.96
CA ILE B 300 -2.96 -22.18 -11.99
C ILE B 300 -2.65 -20.68 -12.12
N LYS B 301 -1.55 -20.22 -11.51
CA LYS B 301 -1.09 -18.83 -11.62
C LYS B 301 -0.77 -18.51 -13.09
N ILE B 302 -0.13 -19.45 -13.81
CA ILE B 302 0.20 -19.25 -15.21
C ILE B 302 -1.08 -19.21 -16.05
N MET B 303 -2.01 -20.12 -15.79
CA MET B 303 -3.26 -20.18 -16.55
C MET B 303 -4.25 -19.05 -16.30
N TYR B 304 -4.36 -18.58 -15.05
CA TYR B 304 -5.37 -17.58 -14.69
C TYR B 304 -4.87 -16.14 -14.52
N SER B 305 -3.58 -15.87 -14.73
CA SER B 305 -3.00 -14.52 -14.55
C SER B 305 -3.60 -13.45 -15.43
N ALA B 306 -3.78 -13.73 -16.72
CA ALA B 306 -4.35 -12.77 -17.63
C ALA B 306 -5.83 -12.53 -17.29
N LYS B 307 -6.57 -13.60 -16.92
CA LYS B 307 -7.99 -13.49 -16.55
C LYS B 307 -8.16 -12.69 -15.27
N TYR B 308 -7.26 -12.90 -14.31
CA TYR B 308 -7.28 -12.17 -13.04
C TYR B 308 -7.01 -10.67 -13.26
N ALA B 309 -5.96 -10.37 -14.04
CA ALA B 309 -5.60 -9.00 -14.37
C ALA B 309 -6.73 -8.27 -15.15
N ALA B 310 -7.33 -8.95 -16.15
CA ALA B 310 -8.43 -8.36 -16.92
C ALA B 310 -9.61 -7.98 -16.00
N SER B 311 -9.94 -8.84 -15.03
CA SER B 311 -11.05 -8.59 -14.11
C SER B 311 -10.75 -7.41 -13.16
N GLN B 312 -9.48 -7.29 -12.70
CA GLN B 312 -9.04 -6.25 -11.78
C GLN B 312 -9.12 -4.85 -12.35
N ASN B 313 -8.87 -4.69 -13.65
CA ASN B 313 -8.84 -3.38 -14.29
C ASN B 313 -10.14 -2.53 -14.05
N ALA B 314 -11.32 -3.05 -14.43
CA ALA B 314 -12.57 -2.31 -14.24
C ALA B 314 -13.04 -2.33 -12.77
N TYR B 315 -12.58 -3.31 -11.99
CA TYR B 315 -12.82 -3.39 -10.56
C TYR B 315 -12.14 -2.16 -9.89
N LYS B 316 -10.87 -1.87 -10.23
CA LYS B 316 -10.14 -0.73 -9.68
C LYS B 316 -10.77 0.60 -10.12
N ARG B 317 -11.29 0.65 -11.36
CA ARG B 317 -11.96 1.84 -11.87
C ARG B 317 -13.21 2.11 -11.04
N ALA B 318 -13.96 1.06 -10.72
CA ALA B 318 -15.18 1.18 -9.91
C ALA B 318 -14.89 1.65 -8.49
N ILE B 319 -13.78 1.16 -7.88
CA ILE B 319 -13.37 1.58 -6.55
C ILE B 319 -13.03 3.09 -6.58
N GLY B 320 -12.32 3.53 -7.63
CA GLY B 320 -11.93 4.91 -7.78
C GLY B 320 -13.11 5.82 -7.99
N ALA B 321 -14.09 5.37 -8.78
CA ALA B 321 -15.32 6.10 -9.09
C ALA B 321 -16.18 6.22 -7.83
N ASN B 322 -16.33 5.14 -7.08
CA ASN B 322 -17.12 5.15 -5.84
C ASN B 322 -16.47 6.01 -4.75
N TRP B 323 -15.13 6.11 -4.73
CA TRP B 323 -14.43 6.99 -3.80
C TRP B 323 -14.81 8.44 -4.12
N ALA B 324 -14.86 8.82 -5.40
CA ALA B 324 -15.23 10.19 -5.79
C ALA B 324 -16.69 10.51 -5.43
N ILE B 325 -17.62 9.58 -5.68
CA ILE B 325 -19.03 9.78 -5.33
C ILE B 325 -19.18 9.98 -3.83
N LYS B 326 -18.43 9.19 -3.05
CA LYS B 326 -18.48 9.23 -1.61
C LYS B 326 -17.80 10.45 -0.99
N THR B 327 -16.64 10.85 -1.51
CA THR B 327 -15.85 11.91 -0.88
C THR B 327 -15.86 13.27 -1.57
N ARG B 328 -16.18 13.33 -2.88
CA ARG B 328 -16.11 14.61 -3.59
C ARG B 328 -17.47 15.25 -3.90
N GLY B 329 -18.56 14.66 -3.39
CA GLY B 329 -19.90 15.21 -3.55
C GLY B 329 -20.35 15.31 -4.99
N LEU B 330 -20.22 14.23 -5.76
CA LEU B 330 -20.64 14.24 -7.16
C LEU B 330 -22.15 14.33 -7.27
N ARG B 331 -22.86 13.59 -6.42
CA ARG B 331 -24.32 13.58 -6.41
C ARG B 331 -24.89 14.97 -6.10
N GLN B 332 -24.30 15.64 -5.11
CA GLN B 332 -24.70 16.94 -4.62
C GLN B 332 -24.51 18.00 -5.65
N ASN B 333 -23.41 17.95 -6.40
CA ASN B 333 -23.15 18.93 -7.44
C ASN B 333 -24.05 18.76 -8.65
N LYS B 334 -24.50 17.52 -8.93
CA LYS B 334 -25.44 17.30 -10.01
C LYS B 334 -26.82 17.81 -9.58
N GLN B 335 -27.20 17.59 -8.31
CA GLN B 335 -28.45 18.05 -7.71
C GLN B 335 -28.49 19.58 -7.72
N ALA B 336 -27.35 20.24 -7.43
CA ALA B 336 -27.29 21.70 -7.43
C ALA B 336 -27.43 22.27 -8.86
N MET B 337 -26.88 21.56 -9.86
CA MET B 337 -26.92 21.95 -11.26
C MET B 337 -28.39 21.91 -11.73
N GLN B 338 -29.09 20.81 -11.48
CA GLN B 338 -30.47 20.65 -11.92
C GLN B 338 -31.42 21.55 -11.13
N ASP B 339 -31.11 21.86 -9.85
CA ASP B 339 -31.98 22.78 -9.07
C ASP B 339 -31.87 24.21 -9.55
N ARG B 340 -30.67 24.61 -9.94
CA ARG B 340 -30.40 25.94 -10.47
C ARG B 340 -31.19 26.09 -11.83
N LEU B 341 -31.19 25.05 -12.69
CA LEU B 341 -31.94 25.10 -13.93
C LEU B 341 -33.46 25.14 -13.69
N ILE B 342 -33.97 24.35 -12.72
CA ILE B 342 -35.40 24.29 -12.40
C ILE B 342 -35.92 25.63 -11.88
N ALA B 343 -35.09 26.33 -11.09
CA ALA B 343 -35.42 27.64 -10.52
C ALA B 343 -35.42 28.72 -11.61
N TRP B 344 -34.50 28.61 -12.57
CA TRP B 344 -34.41 29.56 -13.68
C TRP B 344 -35.55 29.33 -14.67
N GLY B 345 -35.91 28.08 -14.91
CA GLY B 345 -37.02 27.73 -15.78
C GLY B 345 -38.35 28.21 -15.19
N ALA B 346 -38.48 28.18 -13.86
CA ALA B 346 -39.68 28.68 -13.16
C ALA B 346 -39.79 30.20 -13.34
N LYS B 347 -38.63 30.89 -13.29
CA LYS B 347 -38.50 32.31 -13.48
C LYS B 347 -38.92 32.67 -14.91
N GLN B 348 -38.42 31.95 -15.94
CA GLN B 348 -38.77 32.25 -17.33
C GLN B 348 -40.19 31.84 -17.75
N GLY B 349 -40.89 31.07 -16.92
CA GLY B 349 -42.22 30.59 -17.26
C GLY B 349 -42.22 29.41 -18.22
N THR B 350 -41.06 28.73 -18.36
CA THR B 350 -40.90 27.55 -19.24
C THR B 350 -40.70 26.31 -18.36
N PRO B 351 -41.72 25.45 -18.23
CA PRO B 351 -41.58 24.28 -17.35
C PRO B 351 -40.94 23.05 -17.97
N ARG B 352 -40.56 23.08 -19.26
CA ARG B 352 -40.04 21.90 -19.95
C ARG B 352 -38.73 21.32 -19.37
N TYR B 353 -37.91 22.14 -18.70
CA TYR B 353 -36.65 21.68 -18.14
C TYR B 353 -36.90 20.89 -16.87
N GLU B 354 -37.79 21.38 -15.99
CA GLU B 354 -38.14 20.64 -14.80
C GLU B 354 -38.84 19.31 -15.19
N GLU B 355 -39.67 19.34 -16.24
CA GLU B 355 -40.34 18.15 -16.75
C GLU B 355 -39.33 17.12 -17.29
N ALA B 356 -38.22 17.60 -17.91
CA ALA B 356 -37.16 16.75 -18.44
C ALA B 356 -36.38 16.04 -17.34
N VAL B 357 -36.02 16.75 -16.25
CA VAL B 357 -35.32 16.16 -15.11
C VAL B 357 -36.24 15.12 -14.44
N HIS B 358 -37.54 15.44 -14.29
CA HIS B 358 -38.51 14.51 -13.73
C HIS B 358 -38.60 13.22 -14.58
N GLU B 359 -38.61 13.34 -15.93
CA GLU B 359 -38.67 12.19 -16.82
C GLU B 359 -37.46 11.27 -16.59
N ILE B 360 -36.25 11.85 -16.48
CA ILE B 360 -35.01 11.10 -16.23
C ILE B 360 -35.08 10.38 -14.89
N ASP B 361 -35.51 11.10 -13.84
CA ASP B 361 -35.65 10.52 -12.50
C ASP B 361 -36.64 9.36 -12.48
N ALA B 362 -37.80 9.55 -13.12
CA ALA B 362 -38.83 8.53 -13.14
C ALA B 362 -38.38 7.28 -13.93
N THR B 363 -37.62 7.49 -15.01
CA THR B 363 -37.12 6.39 -15.81
C THR B 363 -36.10 5.60 -15.03
N VAL B 364 -35.15 6.29 -14.35
CA VAL B 364 -34.14 5.64 -13.52
C VAL B 364 -34.83 4.82 -12.43
N ALA B 365 -35.82 5.41 -11.77
CA ALA B 365 -36.55 4.71 -10.70
C ALA B 365 -37.30 3.48 -11.21
N LYS B 366 -37.92 3.57 -12.39
CA LYS B 366 -38.67 2.50 -13.00
C LYS B 366 -37.82 1.31 -13.44
N ARG B 367 -36.59 1.55 -13.90
CA ARG B 367 -35.74 0.46 -14.38
C ARG B 367 -34.78 -0.14 -13.31
N ALA B 368 -34.82 0.35 -12.07
CA ALA B 368 -33.92 -0.08 -10.99
C ALA B 368 -33.83 -1.59 -10.76
N ASP B 369 -34.96 -2.31 -10.63
CA ASP B 369 -34.91 -3.74 -10.39
C ASP B 369 -34.38 -4.49 -11.62
N LEU B 370 -34.81 -4.13 -12.84
CA LEU B 370 -34.31 -4.75 -14.06
C LEU B 370 -32.77 -4.55 -14.23
N ARG B 371 -32.27 -3.30 -14.03
CA ARG B 371 -30.85 -2.96 -14.16
C ARG B 371 -30.00 -3.71 -13.13
N ARG B 372 -30.54 -3.88 -11.90
CA ARG B 372 -29.89 -4.62 -10.83
C ARG B 372 -29.76 -6.09 -11.27
N ARG B 373 -30.84 -6.65 -11.82
CA ARG B 373 -30.85 -8.04 -12.30
C ARG B 373 -29.89 -8.24 -13.46
N TYR B 374 -29.77 -7.24 -14.34
CA TYR B 374 -28.88 -7.28 -15.49
C TYR B 374 -27.40 -7.28 -15.06
N TRP B 375 -27.04 -6.36 -14.14
CA TRP B 375 -25.68 -6.26 -13.65
C TRP B 375 -25.32 -7.48 -12.79
N MET B 376 -26.28 -8.00 -12.04
CA MET B 376 -26.10 -9.18 -11.21
C MET B 376 -25.75 -10.38 -12.07
N ILE B 377 -26.48 -10.60 -13.19
CA ILE B 377 -26.20 -11.74 -14.07
C ILE B 377 -24.96 -11.51 -14.93
N GLU B 378 -24.72 -10.28 -15.37
CA GLU B 378 -23.57 -9.97 -16.20
C GLU B 378 -22.26 -10.11 -15.42
N GLU B 379 -22.14 -9.48 -14.26
CA GLU B 379 -20.95 -9.57 -13.43
C GLU B 379 -20.84 -10.92 -12.74
N GLY B 380 -21.98 -11.41 -12.26
CA GLY B 380 -22.03 -12.66 -11.54
C GLY B 380 -21.83 -13.91 -12.34
N ILE B 381 -22.45 -13.99 -13.53
CA ILE B 381 -22.45 -15.24 -14.29
C ILE B 381 -21.80 -15.14 -15.67
N ILE B 382 -22.26 -14.19 -16.52
CA ILE B 382 -21.78 -14.00 -17.88
C ILE B 382 -20.26 -13.77 -17.89
N ARG B 383 -19.75 -12.87 -17.04
CA ARG B 383 -18.29 -12.72 -16.95
C ARG B 383 -17.70 -13.42 -15.69
N GLY B 384 -18.51 -13.76 -14.70
CA GLY B 384 -18.04 -14.41 -13.49
C GLY B 384 -17.74 -15.89 -13.57
N ILE B 385 -18.56 -16.67 -14.32
CA ILE B 385 -18.42 -18.11 -14.43
C ILE B 385 -18.03 -18.53 -15.87
N GLU B 386 -16.89 -19.22 -16.00
CA GLU B 386 -16.39 -19.64 -17.29
C GLU B 386 -17.29 -20.63 -18.03
N PHE B 387 -17.93 -21.58 -17.31
CA PHE B 387 -18.80 -22.54 -18.00
C PHE B 387 -20.13 -21.91 -18.45
N ALA B 388 -20.37 -20.62 -18.19
CA ALA B 388 -21.51 -19.92 -18.76
C ALA B 388 -21.25 -19.78 -20.27
N ARG B 389 -19.97 -19.65 -20.70
CA ARG B 389 -19.59 -19.54 -22.10
C ARG B 389 -19.14 -20.90 -22.69
N SER B 390 -19.71 -21.99 -22.18
CA SER B 390 -19.44 -23.32 -22.68
C SER B 390 -20.28 -23.52 -23.97
N PRO B 391 -20.01 -24.55 -24.81
CA PRO B 391 -20.75 -24.69 -26.07
C PRO B 391 -22.25 -24.96 -25.98
N ILE B 392 -23.00 -24.27 -26.84
CA ILE B 392 -24.43 -24.49 -26.97
C ILE B 392 -24.66 -24.92 -28.43
N PRO B 393 -25.23 -26.12 -28.63
CA PRO B 393 -25.48 -26.59 -30.00
C PRO B 393 -26.44 -25.67 -30.75
N THR B 394 -26.06 -25.27 -31.98
CA THR B 394 -26.90 -24.41 -32.82
C THR B 394 -28.15 -25.19 -33.33
N GLU B 395 -29.11 -24.50 -34.00
CA GLU B 395 -30.27 -25.21 -34.58
C GLU B 395 -29.78 -26.07 -35.78
N ASP B 396 -28.76 -25.60 -36.52
CA ASP B 396 -28.16 -26.33 -37.64
C ASP B 396 -27.44 -27.58 -37.14
N GLU B 397 -26.79 -27.49 -35.98
CA GLU B 397 -26.08 -28.63 -35.40
C GLU B 397 -27.04 -29.68 -34.84
N THR B 398 -28.17 -29.25 -34.25
CA THR B 398 -29.14 -30.22 -33.74
C THR B 398 -29.88 -30.88 -34.92
N LYS B 399 -30.23 -30.08 -35.96
CA LYS B 399 -30.85 -30.60 -37.16
C LYS B 399 -29.72 -31.01 -38.11
N ALA B 400 -28.96 -32.02 -37.69
CA ALA B 400 -27.81 -32.68 -38.31
C ALA B 400 -27.52 -33.93 -37.47
N LEU B 401 -27.58 -33.82 -36.13
CA LEU B 401 -27.45 -34.99 -35.27
C LEU B 401 -28.81 -35.75 -35.23
N GLN B 402 -29.95 -35.06 -35.55
CA GLN B 402 -31.31 -35.59 -35.62
C GLN B 402 -32.32 -34.45 -35.90
N ALA B 406 -27.76 -38.06 -42.54
CA ALA B 406 -26.57 -37.83 -43.37
C ALA B 406 -25.27 -37.72 -42.53
N SER B 407 -24.08 -37.88 -43.16
CA SER B 407 -22.79 -37.72 -42.47
C SER B 407 -22.50 -36.26 -42.06
N ALA B 408 -23.50 -35.36 -42.21
CA ALA B 408 -23.42 -33.99 -41.71
C ALA B 408 -23.39 -34.00 -40.14
N ARG B 409 -23.64 -35.19 -39.50
CA ARG B 409 -23.54 -35.51 -38.10
C ARG B 409 -22.05 -35.35 -37.70
N LYS B 410 -21.13 -35.84 -38.55
CA LYS B 410 -19.68 -35.75 -38.35
C LYS B 410 -19.18 -34.31 -38.50
N GLU B 411 -19.87 -33.50 -39.32
CA GLU B 411 -19.59 -32.08 -39.52
C GLU B 411 -20.04 -31.31 -38.26
N ALA B 412 -21.22 -31.69 -37.70
CA ALA B 412 -21.78 -31.09 -36.50
C ALA B 412 -20.83 -31.34 -35.31
N ILE B 413 -20.43 -32.60 -35.07
CA ILE B 413 -19.53 -32.96 -33.99
C ILE B 413 -18.16 -32.28 -34.10
N ASP B 414 -17.69 -32.03 -35.33
CA ASP B 414 -16.39 -31.36 -35.49
C ASP B 414 -16.47 -29.88 -35.14
N LYS B 415 -17.61 -29.24 -35.41
CA LYS B 415 -17.82 -27.84 -35.10
C LYS B 415 -18.00 -27.68 -33.58
N ILE B 416 -18.81 -28.57 -32.95
CA ILE B 416 -19.03 -28.57 -31.50
C ILE B 416 -17.72 -28.86 -30.75
N ARG B 417 -16.92 -29.81 -31.25
CA ARG B 417 -15.61 -30.19 -30.70
C ARG B 417 -14.66 -28.98 -30.70
N THR B 418 -14.66 -28.22 -31.81
CA THR B 418 -13.81 -27.05 -31.96
C THR B 418 -14.13 -26.00 -30.88
N ARG B 419 -15.44 -25.76 -30.64
CA ARG B 419 -15.91 -24.83 -29.62
C ARG B 419 -15.63 -25.35 -28.21
N TYR B 420 -15.72 -26.66 -28.01
CA TYR B 420 -15.44 -27.24 -26.71
C TYR B 420 -13.92 -27.06 -26.39
N SER B 421 -13.07 -27.25 -27.40
CA SER B 421 -11.61 -27.11 -27.28
C SER B 421 -11.20 -25.67 -26.94
N LYS B 422 -11.96 -24.68 -27.46
CA LYS B 422 -11.69 -23.28 -27.19
C LYS B 422 -12.16 -22.92 -25.76
N PHE B 423 -13.22 -23.57 -25.24
CA PHE B 423 -13.73 -23.35 -23.89
C PHE B 423 -12.77 -24.02 -22.87
N ALA B 424 -12.51 -25.32 -23.05
CA ALA B 424 -11.62 -26.05 -22.16
C ALA B 424 -10.22 -25.99 -22.77
N ASN B 425 -9.64 -24.80 -22.86
CA ASN B 425 -8.30 -24.63 -23.46
C ASN B 425 -7.16 -24.90 -22.46
N LYS B 426 -5.88 -24.58 -22.86
CA LYS B 426 -4.70 -24.75 -22.01
C LYS B 426 -4.76 -23.94 -20.71
N ASP B 427 -5.54 -22.84 -20.70
CA ASP B 427 -5.70 -21.98 -19.54
C ASP B 427 -6.96 -22.25 -18.72
N TYR B 428 -7.78 -23.24 -19.11
CA TYR B 428 -9.02 -23.52 -18.39
C TYR B 428 -8.89 -24.63 -17.38
N SER B 429 -9.25 -24.35 -16.14
CA SER B 429 -9.26 -25.36 -15.08
C SER B 429 -10.70 -25.57 -14.61
N ALA B 430 -11.24 -26.80 -14.77
CA ALA B 430 -12.61 -27.13 -14.34
C ALA B 430 -12.73 -27.05 -12.83
N GLU B 431 -11.68 -27.45 -12.09
CA GLU B 431 -11.65 -27.38 -10.64
C GLU B 431 -11.70 -25.93 -10.12
N VAL B 432 -10.94 -25.03 -10.72
CA VAL B 432 -10.94 -23.62 -10.36
C VAL B 432 -12.28 -23.00 -10.75
N ASP B 433 -12.83 -23.37 -11.92
CA ASP B 433 -14.13 -22.88 -12.37
C ASP B 433 -15.29 -23.35 -11.48
N LYS B 434 -15.26 -24.60 -10.98
CA LYS B 434 -16.28 -25.08 -10.05
C LYS B 434 -16.19 -24.28 -8.73
N LYS B 435 -14.96 -23.91 -8.29
CA LYS B 435 -14.78 -23.15 -7.05
C LYS B 435 -15.29 -21.75 -7.21
N VAL B 436 -14.99 -21.10 -8.35
CA VAL B 436 -15.48 -19.75 -8.61
C VAL B 436 -17.02 -19.78 -8.70
N ALA B 437 -17.58 -20.70 -9.50
CA ALA B 437 -19.03 -20.81 -9.67
C ALA B 437 -19.78 -21.00 -8.38
N VAL B 438 -19.26 -21.83 -7.46
CA VAL B 438 -19.93 -22.06 -6.19
C VAL B 438 -19.99 -20.75 -5.36
N ALA B 439 -18.91 -19.95 -5.37
CA ALA B 439 -18.92 -18.68 -4.63
C ALA B 439 -19.79 -17.61 -5.33
N MET B 440 -19.71 -17.52 -6.65
CA MET B 440 -20.45 -16.54 -7.47
C MET B 440 -21.95 -16.84 -7.47
N LEU B 441 -22.33 -18.12 -7.57
CA LEU B 441 -23.74 -18.52 -7.57
C LEU B 441 -24.33 -18.37 -6.20
N THR B 442 -23.57 -18.61 -5.11
CA THR B 442 -24.06 -18.44 -3.75
C THR B 442 -24.49 -16.97 -3.50
N GLU B 443 -23.66 -16.01 -3.98
CA GLU B 443 -23.98 -14.61 -3.87
C GLU B 443 -25.19 -14.26 -4.77
N TYR B 444 -25.20 -14.79 -5.98
CA TYR B 444 -26.26 -14.53 -6.95
C TYR B 444 -27.61 -15.04 -6.44
N LEU B 445 -27.65 -16.26 -5.91
CA LEU B 445 -28.88 -16.87 -5.40
C LEU B 445 -29.43 -16.17 -4.16
N LYS B 446 -28.58 -15.48 -3.40
CA LYS B 446 -29.04 -14.72 -2.26
C LYS B 446 -29.55 -13.31 -2.67
N GLU B 447 -29.18 -12.82 -3.86
CA GLU B 447 -29.57 -11.49 -4.33
C GLU B 447 -30.67 -11.50 -5.37
N ILE B 448 -30.90 -12.62 -6.05
CA ILE B 448 -31.93 -12.73 -7.06
C ILE B 448 -32.96 -13.74 -6.58
N PRO B 449 -34.24 -13.33 -6.41
CA PRO B 449 -35.27 -14.29 -5.94
C PRO B 449 -35.59 -15.38 -6.96
N TYR B 450 -36.12 -16.50 -6.50
CA TYR B 450 -36.53 -17.66 -7.29
C TYR B 450 -37.30 -17.31 -8.57
N GLU B 451 -38.33 -16.48 -8.46
CA GLU B 451 -39.15 -16.10 -9.62
C GLU B 451 -38.42 -15.24 -10.65
N ASN B 452 -37.23 -14.74 -10.32
CA ASN B 452 -36.43 -13.93 -11.24
C ASN B 452 -35.16 -14.66 -11.76
N LEU B 453 -34.90 -15.88 -11.32
CA LEU B 453 -33.73 -16.66 -11.68
C LEU B 453 -33.78 -17.21 -13.09
N PRO B 454 -32.61 -17.38 -13.76
CA PRO B 454 -32.61 -18.14 -15.03
C PRO B 454 -33.14 -19.55 -14.73
N LEU B 455 -34.01 -20.07 -15.60
CA LEU B 455 -34.72 -21.35 -15.43
C LEU B 455 -33.91 -22.49 -14.78
N HIS B 456 -32.68 -22.77 -15.25
CA HIS B 456 -31.88 -23.87 -14.68
C HIS B 456 -31.46 -23.66 -13.24
N LEU B 457 -31.26 -22.40 -12.82
CA LEU B 457 -30.86 -22.07 -11.45
C LEU B 457 -31.97 -22.34 -10.42
N ARG B 458 -33.21 -22.53 -10.86
CA ARG B 458 -34.33 -22.93 -9.99
C ARG B 458 -34.10 -24.34 -9.42
N LEU B 459 -33.32 -25.19 -10.15
CA LEU B 459 -32.97 -26.54 -9.72
C LEU B 459 -32.18 -26.55 -8.42
N VAL B 460 -31.48 -25.45 -8.06
CA VAL B 460 -30.72 -25.41 -6.82
C VAL B 460 -31.64 -25.63 -5.61
N LYS B 461 -32.77 -24.92 -5.58
CA LYS B 461 -33.76 -25.09 -4.51
C LYS B 461 -34.61 -26.36 -4.70
N ASP B 462 -35.14 -26.56 -5.91
CA ASP B 462 -36.05 -27.68 -6.19
C ASP B 462 -35.44 -29.08 -6.18
N ARG B 463 -34.33 -29.28 -6.88
CA ARG B 463 -33.71 -30.58 -7.02
C ARG B 463 -32.56 -30.81 -6.05
N PHE B 464 -31.79 -29.77 -5.73
CA PHE B 464 -30.59 -29.93 -4.90
C PHE B 464 -30.73 -29.47 -3.46
N ALA B 465 -31.94 -29.07 -3.04
CA ALA B 465 -32.19 -28.61 -1.68
C ALA B 465 -31.22 -27.53 -1.19
N GLY B 466 -31.00 -26.53 -2.03
CA GLY B 466 -30.12 -25.41 -1.71
C GLY B 466 -28.63 -25.68 -1.75
N ASP B 467 -28.20 -26.91 -2.12
CA ASP B 467 -26.78 -27.24 -2.17
C ASP B 467 -26.17 -26.81 -3.51
N VAL B 468 -25.54 -25.63 -3.51
CA VAL B 468 -24.90 -25.03 -4.67
C VAL B 468 -23.73 -25.89 -5.13
N GLN B 469 -22.96 -26.44 -4.17
CA GLN B 469 -21.82 -27.30 -4.50
C GLN B 469 -22.31 -28.57 -5.21
N ALA B 470 -23.43 -29.15 -4.78
CA ALA B 470 -24.01 -30.34 -5.42
C ALA B 470 -24.50 -30.03 -6.83
N TYR B 471 -25.11 -28.87 -7.03
CA TYR B 471 -25.63 -28.46 -8.32
C TYR B 471 -24.47 -28.31 -9.32
N VAL B 472 -23.39 -27.63 -8.91
CA VAL B 472 -22.21 -27.43 -9.75
C VAL B 472 -21.48 -28.77 -9.98
N ASP B 473 -21.36 -29.61 -8.94
CA ASP B 473 -20.73 -30.92 -9.06
C ASP B 473 -21.48 -31.78 -10.07
N ASP B 474 -22.82 -31.71 -10.04
CA ASP B 474 -23.68 -32.49 -10.95
C ASP B 474 -23.55 -32.02 -12.40
N ILE B 475 -23.41 -30.68 -12.64
CA ILE B 475 -23.27 -30.09 -13.97
C ILE B 475 -22.04 -30.69 -14.65
N PHE B 476 -20.91 -30.77 -13.92
CA PHE B 476 -19.67 -31.31 -14.46
C PHE B 476 -19.66 -32.83 -14.55
N ALA B 477 -20.24 -33.53 -13.55
CA ALA B 477 -20.29 -34.98 -13.51
C ALA B 477 -21.13 -35.58 -14.65
N ARG B 478 -22.23 -34.92 -15.01
CA ARG B 478 -23.11 -35.41 -16.07
C ARG B 478 -22.96 -34.74 -17.44
N SER B 479 -22.36 -33.54 -17.53
CA SER B 479 -22.24 -32.86 -18.81
C SER B 479 -21.23 -33.47 -19.76
N VAL B 480 -21.58 -33.45 -21.09
CA VAL B 480 -20.69 -33.87 -22.18
C VAL B 480 -19.49 -32.90 -22.29
N PHE B 481 -19.54 -31.71 -21.65
CA PHE B 481 -18.41 -30.77 -21.64
C PHE B 481 -17.71 -30.71 -20.26
N GLY B 482 -17.98 -31.67 -19.37
CA GLY B 482 -17.41 -31.74 -18.04
C GLY B 482 -15.97 -32.19 -18.00
N SER B 483 -15.53 -32.94 -19.03
CA SER B 483 -14.16 -33.45 -19.16
C SER B 483 -13.94 -33.89 -20.60
N GLU B 484 -12.67 -34.11 -21.00
CA GLU B 484 -12.38 -34.54 -22.36
C GLU B 484 -12.97 -35.92 -22.62
N ALA B 485 -12.86 -36.82 -21.64
CA ALA B 485 -13.41 -38.18 -21.74
C ALA B 485 -14.93 -38.17 -21.87
N GLN B 486 -15.59 -37.26 -21.15
CA GLN B 486 -17.04 -37.15 -21.21
C GLN B 486 -17.48 -36.66 -22.58
N PHE B 487 -16.71 -35.74 -23.20
CA PHE B 487 -17.01 -35.26 -24.54
C PHE B 487 -16.78 -36.35 -25.59
N ASP B 488 -15.66 -37.09 -25.54
CA ASP B 488 -15.36 -38.16 -26.50
C ASP B 488 -16.39 -39.27 -26.45
N ALA B 489 -16.93 -39.56 -25.26
CA ALA B 489 -17.99 -40.56 -25.12
C ALA B 489 -19.26 -40.08 -25.83
N PHE B 490 -19.56 -38.79 -25.75
CA PHE B 490 -20.69 -38.21 -26.45
C PHE B 490 -20.44 -38.27 -27.98
N ALA B 491 -19.27 -37.77 -28.46
CA ALA B 491 -18.89 -37.71 -29.86
C ALA B 491 -18.89 -39.07 -30.56
N ALA B 492 -18.73 -40.16 -29.79
CA ALA B 492 -18.79 -41.51 -30.33
C ALA B 492 -20.25 -41.94 -30.57
N VAL B 493 -21.15 -41.59 -29.64
CA VAL B 493 -22.58 -41.96 -29.73
C VAL B 493 -23.43 -40.69 -29.50
N PRO B 494 -23.42 -39.73 -30.44
CA PRO B 494 -24.14 -38.48 -30.19
C PRO B 494 -25.64 -38.48 -30.43
N SER B 495 -26.43 -38.20 -29.39
CA SER B 495 -27.88 -38.08 -29.57
C SER B 495 -28.32 -36.67 -29.19
N VAL B 496 -29.27 -36.09 -29.96
CA VAL B 496 -29.80 -34.76 -29.65
C VAL B 496 -30.52 -34.74 -28.29
N GLU B 497 -31.04 -35.90 -27.84
CA GLU B 497 -31.70 -36.11 -26.56
C GLU B 497 -30.70 -35.85 -25.44
N LYS B 498 -29.45 -36.31 -25.60
CA LYS B 498 -28.35 -36.13 -24.64
C LYS B 498 -28.06 -34.64 -24.52
N LEU B 499 -27.97 -33.93 -25.64
CA LEU B 499 -27.69 -32.49 -25.66
C LEU B 499 -28.83 -31.66 -25.10
N ALA B 500 -30.07 -32.02 -25.42
CA ALA B 500 -31.25 -31.28 -24.95
C ALA B 500 -31.41 -31.33 -23.43
N GLU B 501 -30.95 -32.42 -22.80
CA GLU B 501 -31.01 -32.56 -21.36
C GLU B 501 -29.65 -32.34 -20.64
N ASP B 502 -28.61 -31.92 -21.39
CA ASP B 502 -27.28 -31.68 -20.81
C ASP B 502 -27.31 -30.55 -19.78
N PRO B 503 -26.85 -30.84 -18.54
CA PRO B 503 -26.91 -29.81 -17.49
C PRO B 503 -26.08 -28.56 -17.76
N MET B 504 -24.90 -28.68 -18.41
CA MET B 504 -24.10 -27.49 -18.72
C MET B 504 -24.74 -26.71 -19.87
N VAL B 505 -25.27 -27.42 -20.90
CA VAL B 505 -25.97 -26.78 -22.02
C VAL B 505 -27.19 -25.99 -21.48
N LEU B 506 -28.00 -26.61 -20.61
CA LEU B 506 -29.19 -25.99 -20.01
C LEU B 506 -28.82 -24.80 -19.12
N PHE B 507 -27.67 -24.88 -18.41
CA PHE B 507 -27.21 -23.77 -17.58
C PHE B 507 -26.85 -22.60 -18.51
N ALA B 508 -25.95 -22.81 -19.49
CA ALA B 508 -25.48 -21.78 -20.40
C ALA B 508 -26.64 -21.17 -21.18
N SER B 509 -27.57 -22.00 -21.63
CA SER B 509 -28.74 -21.55 -22.38
C SER B 509 -29.62 -20.67 -21.54
N SER B 510 -30.01 -21.10 -20.33
CA SER B 510 -30.93 -20.31 -19.53
C SER B 510 -30.30 -19.04 -18.94
N VAL B 511 -28.96 -19.01 -18.68
CA VAL B 511 -28.35 -17.78 -18.18
C VAL B 511 -28.25 -16.77 -19.33
N PHE B 512 -28.01 -17.24 -20.57
CA PHE B 512 -27.96 -16.35 -21.73
C PHE B 512 -29.37 -15.90 -22.15
N ASP B 513 -30.40 -16.72 -21.90
CA ASP B 513 -31.78 -16.34 -22.23
C ASP B 513 -32.18 -15.20 -21.33
N GLU B 514 -31.92 -15.32 -20.03
CA GLU B 514 -32.25 -14.31 -19.04
C GLU B 514 -31.47 -13.02 -19.27
N TYR B 515 -30.22 -13.12 -19.68
CA TYR B 515 -29.37 -11.98 -19.97
C TYR B 515 -29.94 -11.16 -21.15
N ARG B 516 -30.43 -11.86 -22.22
CA ARG B 516 -31.05 -11.21 -23.39
C ARG B 516 -32.43 -10.67 -23.09
N LYS B 517 -33.22 -11.38 -22.30
CA LYS B 517 -34.55 -10.93 -21.89
C LYS B 517 -34.41 -9.60 -21.11
N LEU B 518 -33.42 -9.53 -20.18
CA LEU B 518 -33.16 -8.34 -19.36
C LEU B 518 -32.70 -7.18 -20.20
N TYR B 519 -31.78 -7.44 -21.14
CA TYR B 519 -31.28 -6.44 -22.07
C TYR B 519 -32.42 -5.85 -22.90
N ASN B 520 -33.29 -6.69 -23.47
CA ASN B 520 -34.41 -6.26 -24.29
C ASN B 520 -35.44 -5.47 -23.49
N GLU B 521 -35.68 -5.86 -22.24
CA GLU B 521 -36.63 -5.13 -21.40
C GLU B 521 -36.06 -3.78 -20.98
N LEU B 522 -34.74 -3.66 -20.83
CA LEU B 522 -34.10 -2.43 -20.41
C LEU B 522 -33.84 -1.43 -21.53
N ARG B 523 -33.64 -1.89 -22.78
CA ARG B 523 -33.39 -1.04 -23.94
C ARG B 523 -34.42 0.09 -24.11
N PRO B 524 -35.75 -0.17 -24.04
CA PRO B 524 -36.73 0.93 -24.14
C PRO B 524 -36.53 2.11 -23.19
N TYR B 525 -35.93 1.89 -22.02
CA TYR B 525 -35.72 2.95 -21.04
C TYR B 525 -34.60 3.94 -21.40
N ASP B 526 -33.79 3.63 -22.41
CA ASP B 526 -32.72 4.53 -22.83
C ASP B 526 -33.24 5.77 -23.56
N ASP B 527 -34.21 5.59 -24.46
CA ASP B 527 -34.78 6.64 -25.31
C ASP B 527 -35.46 7.78 -24.57
N PRO B 528 -36.31 7.57 -23.53
CA PRO B 528 -36.90 8.72 -22.83
C PRO B 528 -35.86 9.58 -22.14
N ILE B 529 -34.80 8.96 -21.57
CA ILE B 529 -33.68 9.63 -20.91
C ILE B 529 -32.92 10.44 -21.95
N LEU B 530 -32.60 9.82 -23.10
CA LEU B 530 -31.92 10.51 -24.18
C LEU B 530 -32.72 11.75 -24.67
N ARG B 531 -34.03 11.58 -24.93
CA ARG B 531 -34.88 12.69 -25.37
C ARG B 531 -34.94 13.80 -24.32
N ALA B 532 -35.04 13.42 -23.03
CA ALA B 532 -35.09 14.39 -21.92
C ALA B 532 -33.78 15.12 -21.73
N GLN B 533 -32.64 14.44 -22.01
CA GLN B 533 -31.32 15.07 -21.93
C GLN B 533 -31.12 16.12 -23.02
N ARG B 534 -31.81 15.99 -24.17
CA ARG B 534 -31.73 16.99 -25.22
C ARG B 534 -32.33 18.31 -24.69
N THR B 535 -33.48 18.22 -24.00
CA THR B 535 -34.14 19.38 -23.39
C THR B 535 -33.34 19.90 -22.19
N TYR B 536 -32.84 18.99 -21.35
CA TYR B 536 -32.05 19.33 -20.17
C TYR B 536 -30.77 20.12 -20.53
N ILE B 537 -29.94 19.60 -21.44
CA ILE B 537 -28.72 20.30 -21.86
C ILE B 537 -29.05 21.57 -22.62
N ALA B 538 -30.18 21.62 -23.36
CA ALA B 538 -30.58 22.84 -24.06
C ALA B 538 -30.83 23.97 -23.05
N GLY B 539 -31.50 23.64 -21.94
CA GLY B 539 -31.73 24.60 -20.87
C GLY B 539 -30.46 25.06 -20.19
N LEU B 540 -29.54 24.13 -19.89
CA LEU B 540 -28.26 24.45 -19.27
C LEU B 540 -27.46 25.41 -20.16
N LEU B 541 -27.45 25.17 -21.47
CA LEU B 541 -26.75 26.06 -22.39
C LEU B 541 -27.45 27.42 -22.55
N GLU B 542 -28.79 27.44 -22.59
CA GLU B 542 -29.56 28.69 -22.69
C GLU B 542 -29.36 29.56 -21.43
N MET B 543 -29.21 28.92 -20.27
CA MET B 543 -29.00 29.57 -18.98
C MET B 543 -27.56 30.03 -18.73
N ASP B 544 -26.57 29.13 -18.84
CA ASP B 544 -25.17 29.46 -18.53
C ASP B 544 -24.20 29.54 -19.74
N GLY B 545 -24.59 29.05 -20.90
CA GLY B 545 -23.76 29.07 -22.09
C GLY B 545 -22.59 28.10 -22.18
N ASP B 546 -21.90 28.13 -23.36
CA ASP B 546 -20.71 27.33 -23.76
C ASP B 546 -19.40 28.03 -23.35
N GLN B 547 -18.89 27.64 -22.16
CA GLN B 547 -17.68 28.14 -21.50
C GLN B 547 -17.97 27.73 -20.07
N ASP B 548 -17.30 26.65 -19.62
CA ASP B 548 -17.51 25.90 -18.37
C ASP B 548 -18.29 24.58 -18.71
N GLN B 549 -19.24 24.67 -19.66
CA GLN B 549 -20.06 23.53 -20.05
C GLN B 549 -19.62 22.96 -21.39
N PHE B 550 -18.57 22.10 -21.39
CA PHE B 550 -18.08 21.40 -22.58
C PHE B 550 -19.05 20.28 -22.99
N PRO B 551 -19.07 19.88 -24.28
CA PRO B 551 -19.96 18.77 -24.67
C PRO B 551 -19.35 17.45 -24.24
N ASP B 552 -20.17 16.47 -23.84
CA ASP B 552 -19.65 15.13 -23.49
C ASP B 552 -18.74 14.56 -24.59
N ALA B 553 -17.66 13.84 -24.20
CA ALA B 553 -16.73 13.21 -25.12
C ALA B 553 -17.49 12.20 -25.97
N ASN B 554 -17.13 12.08 -27.28
CA ASN B 554 -17.83 11.13 -28.19
C ASN B 554 -16.90 10.61 -29.27
N LEU B 555 -15.65 10.38 -28.91
CA LEU B 555 -14.56 9.94 -29.79
C LEU B 555 -14.28 10.94 -30.91
N THR B 556 -14.45 12.23 -30.63
CA THR B 556 -14.11 13.29 -31.57
C THR B 556 -12.96 14.12 -31.00
N LEU B 557 -12.24 14.80 -31.90
CA LEU B 557 -11.07 15.61 -31.55
C LEU B 557 -11.41 16.75 -30.57
N ARG B 558 -10.69 16.78 -29.43
CA ARG B 558 -10.90 17.81 -28.43
C ARG B 558 -9.55 18.36 -27.96
N PHE B 559 -9.60 19.56 -27.37
CA PHE B 559 -8.44 20.11 -26.75
C PHE B 559 -8.75 20.33 -25.25
N THR B 560 -7.69 20.23 -24.46
CA THR B 560 -7.74 20.45 -23.03
C THR B 560 -6.43 21.13 -22.63
N TYR B 561 -6.51 22.01 -21.63
CA TYR B 561 -5.34 22.74 -21.19
C TYR B 561 -5.30 22.79 -19.68
N GLY B 562 -4.12 22.97 -19.13
CA GLY B 562 -3.93 23.03 -17.69
C GLY B 562 -2.49 23.34 -17.37
N GLN B 563 -2.01 22.81 -16.25
CA GLN B 563 -0.63 23.05 -15.82
C GLN B 563 0.04 21.78 -15.35
N VAL B 564 1.38 21.75 -15.44
CA VAL B 564 2.19 20.65 -14.94
C VAL B 564 2.17 20.85 -13.41
N LYS B 565 1.43 20.00 -12.70
CA LYS B 565 1.25 20.17 -11.27
C LYS B 565 0.93 18.86 -10.58
N GLY B 566 1.50 18.66 -9.40
CA GLY B 566 1.19 17.50 -8.60
C GLY B 566 -0.04 17.73 -7.74
N TYR B 567 -0.22 16.93 -6.69
CA TYR B 567 -1.37 17.05 -5.80
C TYR B 567 -1.15 16.29 -4.49
N SER B 568 -1.97 16.62 -3.49
CA SER B 568 -1.95 15.94 -2.21
C SER B 568 -3.05 14.86 -2.18
N PRO B 569 -2.67 13.56 -2.19
CA PRO B 569 -3.69 12.49 -2.22
C PRO B 569 -4.45 12.28 -0.91
N ARG B 570 -3.77 12.53 0.20
CA ARG B 570 -4.29 12.37 1.55
C ARG B 570 -3.53 13.29 2.48
N ASP B 571 -4.01 13.43 3.71
CA ASP B 571 -3.41 14.27 4.75
C ASP B 571 -1.91 14.03 4.91
N ASN B 572 -1.13 15.13 4.84
CA ASN B 572 0.32 15.14 5.04
C ASN B 572 1.16 14.46 3.95
N VAL B 573 0.57 14.15 2.80
CA VAL B 573 1.29 13.52 1.68
C VAL B 573 1.19 14.39 0.42
N TYR B 574 2.33 14.68 -0.22
CA TYR B 574 2.32 15.40 -1.48
C TYR B 574 3.01 14.59 -2.56
N TYR B 575 2.40 14.53 -3.73
CA TYR B 575 2.96 13.85 -4.88
C TYR B 575 3.35 14.98 -5.80
N GLY B 576 4.63 15.09 -6.12
CA GLY B 576 5.10 16.14 -7.01
C GLY B 576 4.64 15.95 -8.47
N HIS B 577 5.03 16.87 -9.31
CA HIS B 577 4.66 16.88 -10.71
C HIS B 577 5.53 16.01 -11.62
N GLN B 578 6.70 15.53 -11.15
CA GLN B 578 7.64 14.82 -12.02
C GLN B 578 8.32 13.60 -11.39
N THR B 579 8.34 12.45 -12.08
CA THR B 579 9.10 11.28 -11.63
C THR B 579 10.45 11.20 -12.38
N THR B 580 11.42 10.48 -11.84
CA THR B 580 12.76 10.35 -12.41
C THR B 580 13.21 8.90 -12.55
N LEU B 581 14.34 8.66 -13.28
CA LEU B 581 14.92 7.33 -13.53
C LEU B 581 15.29 6.64 -12.22
N ASP B 582 15.67 7.42 -11.23
CA ASP B 582 15.94 7.04 -9.87
C ASP B 582 14.75 6.26 -9.25
N GLY B 583 13.53 6.68 -9.58
CA GLY B 583 12.29 6.06 -9.14
C GLY B 583 12.02 4.69 -9.74
N VAL B 584 12.54 4.47 -10.96
CA VAL B 584 12.50 3.18 -11.65
C VAL B 584 13.42 2.22 -10.87
N MET B 585 14.63 2.69 -10.53
CA MET B 585 15.63 1.92 -9.81
C MET B 585 15.22 1.58 -8.37
N GLU B 586 14.43 2.45 -7.73
CA GLU B 586 13.90 2.18 -6.39
C GLU B 586 12.93 1.01 -6.43
N LYS B 587 12.11 0.95 -7.49
CA LYS B 587 11.07 -0.05 -7.70
C LYS B 587 11.59 -1.38 -8.22
N GLU B 588 12.85 -1.44 -8.70
CA GLU B 588 13.41 -2.66 -9.26
C GLU B 588 13.30 -3.89 -8.36
N ASP B 589 12.68 -4.94 -8.87
CA ASP B 589 12.54 -6.21 -8.18
C ASP B 589 12.80 -7.27 -9.25
N PRO B 590 13.95 -7.93 -9.18
CA PRO B 590 14.28 -8.91 -10.24
C PRO B 590 13.37 -10.12 -10.25
N ASP B 591 12.75 -10.46 -9.10
CA ASP B 591 11.86 -11.61 -9.04
C ASP B 591 10.38 -11.25 -9.27
N ASN B 592 10.05 -9.97 -9.53
CA ASN B 592 8.67 -9.56 -9.84
C ASN B 592 8.69 -9.10 -11.29
N TRP B 593 8.03 -9.87 -12.18
CA TRP B 593 7.98 -9.61 -13.62
C TRP B 593 7.56 -8.20 -14.01
N GLU B 594 6.77 -7.54 -13.15
CA GLU B 594 6.30 -6.18 -13.43
C GLU B 594 7.43 -5.17 -13.21
N PHE B 595 8.25 -5.39 -12.18
CA PHE B 595 9.28 -4.44 -11.82
C PHE B 595 10.70 -4.86 -12.17
N VAL B 596 10.89 -5.62 -13.27
CA VAL B 596 12.23 -5.95 -13.74
C VAL B 596 12.76 -4.73 -14.51
N VAL B 597 14.04 -4.41 -14.37
CA VAL B 597 14.63 -3.26 -15.04
C VAL B 597 15.62 -3.74 -16.11
N ASP B 598 15.46 -3.22 -17.33
CA ASP B 598 16.29 -3.52 -18.48
C ASP B 598 17.75 -3.19 -18.20
N PRO B 599 18.66 -4.15 -18.47
CA PRO B 599 20.08 -3.93 -18.14
C PRO B 599 20.75 -2.77 -18.87
N LYS B 600 20.34 -2.47 -20.10
CA LYS B 600 20.90 -1.32 -20.83
C LYS B 600 20.48 -0.04 -20.13
N LEU B 601 19.20 0.04 -19.66
CA LEU B 601 18.66 1.18 -18.92
C LEU B 601 19.31 1.34 -17.53
N LYS B 602 19.51 0.23 -16.81
CA LYS B 602 20.16 0.26 -15.50
C LYS B 602 21.61 0.81 -15.63
N ALA B 603 22.29 0.43 -16.73
CA ALA B 603 23.65 0.86 -17.06
C ALA B 603 23.71 2.37 -17.33
N VAL B 604 22.76 2.91 -18.12
CA VAL B 604 22.63 4.35 -18.41
C VAL B 604 22.51 5.13 -17.09
N TYR B 605 21.65 4.66 -16.19
CA TYR B 605 21.45 5.29 -14.90
C TYR B 605 22.76 5.28 -14.06
N GLU B 606 23.46 4.14 -13.99
CA GLU B 606 24.68 4.02 -13.19
C GLU B 606 25.79 4.92 -13.71
N ARG B 607 25.93 4.98 -15.03
CA ARG B 607 26.93 5.80 -15.69
C ARG B 607 26.48 7.26 -15.92
N LYS B 608 25.21 7.60 -15.64
CA LYS B 608 24.64 8.93 -15.87
C LYS B 608 24.74 9.31 -17.36
N ASP B 609 24.62 8.32 -18.27
CA ASP B 609 24.73 8.56 -19.69
C ASP B 609 23.41 9.11 -20.19
N PHE B 610 23.05 10.32 -19.73
CA PHE B 610 21.78 10.98 -20.04
C PHE B 610 21.83 11.97 -21.19
N GLY B 611 23.02 12.25 -21.73
CA GLY B 611 23.24 13.20 -22.83
C GLY B 611 22.53 14.52 -22.64
N ARG B 612 21.85 14.93 -23.69
CA ARG B 612 21.07 16.17 -23.71
C ARG B 612 19.66 16.00 -23.14
N TYR B 613 19.34 14.88 -22.46
CA TYR B 613 17.99 14.63 -21.97
C TYR B 613 17.77 14.83 -20.46
N ALA B 614 18.83 14.88 -19.63
CA ALA B 614 18.67 15.10 -18.19
C ALA B 614 18.23 16.53 -17.87
N ASP B 615 17.68 16.79 -16.66
CA ASP B 615 17.22 18.13 -16.29
C ASP B 615 18.40 19.04 -15.87
N ARG B 616 18.13 20.30 -15.50
CA ARG B 616 19.16 21.26 -15.09
C ARG B 616 19.95 20.76 -13.85
N SER B 617 19.35 19.86 -13.05
CA SER B 617 20.05 19.32 -11.87
C SER B 617 20.78 17.98 -12.10
N GLY B 618 20.78 17.49 -13.34
CA GLY B 618 21.42 16.22 -13.67
C GLY B 618 20.56 14.99 -13.39
N ARG B 619 19.27 15.19 -13.12
CA ARG B 619 18.34 14.09 -12.88
C ARG B 619 17.64 13.72 -14.18
N MET B 620 17.46 12.42 -14.44
CA MET B 620 16.82 11.98 -15.66
C MET B 620 15.33 11.89 -15.44
N PRO B 621 14.49 12.73 -16.11
CA PRO B 621 13.04 12.61 -15.90
C PRO B 621 12.46 11.38 -16.60
N VAL B 622 11.28 10.97 -16.15
CA VAL B 622 10.58 9.82 -16.71
C VAL B 622 9.13 10.21 -17.13
N ALA B 623 8.36 10.70 -16.17
CA ALA B 623 6.97 11.03 -16.40
C ALA B 623 6.61 12.31 -15.66
N PHE B 624 5.50 12.94 -16.05
CA PHE B 624 5.00 14.10 -15.35
C PHE B 624 3.47 14.08 -15.35
N CYS B 625 2.85 14.89 -14.50
CA CYS B 625 1.40 14.92 -14.45
C CYS B 625 0.85 16.34 -14.64
N ALA B 626 -0.36 16.45 -15.18
CA ALA B 626 -0.93 17.77 -15.47
C ALA B 626 -2.42 17.87 -15.12
N THR B 627 -2.94 19.09 -14.94
CA THR B 627 -4.33 19.31 -14.60
C THR B 627 -5.25 19.31 -15.85
N THR B 628 -4.79 18.74 -16.96
CA THR B 628 -5.59 18.60 -18.16
C THR B 628 -6.73 17.58 -17.90
N HIS B 629 -7.82 17.70 -18.66
CA HIS B 629 -8.97 16.83 -18.48
C HIS B 629 -8.99 15.77 -19.58
N THR B 630 -8.58 14.55 -19.21
CA THR B 630 -8.51 13.46 -20.16
C THR B 630 -9.37 12.28 -19.70
N THR B 631 -9.60 11.32 -20.62
CA THR B 631 -10.33 10.07 -20.38
C THR B 631 -9.83 9.05 -21.42
N GLY B 632 -10.37 7.81 -21.39
CA GLY B 632 -10.06 6.78 -22.37
C GLY B 632 -10.25 7.27 -23.79
N GLY B 633 -9.29 6.97 -24.66
CA GLY B 633 -9.26 7.51 -26.00
C GLY B 633 -8.13 8.51 -26.14
N ASN B 634 -7.75 9.17 -25.01
CA ASN B 634 -6.63 10.10 -24.92
C ASN B 634 -5.26 9.41 -24.77
N SER B 635 -5.21 8.06 -24.73
CA SER B 635 -3.93 7.34 -24.70
C SER B 635 -3.13 7.68 -25.94
N GLY B 636 -1.91 8.13 -25.76
CA GLY B 636 -1.01 8.48 -26.87
C GLY B 636 -1.10 9.92 -27.32
N SER B 637 -1.95 10.72 -26.68
CA SER B 637 -2.16 12.12 -27.04
C SER B 637 -0.90 12.95 -26.90
N PRO B 638 -0.65 13.86 -27.87
CA PRO B 638 0.50 14.77 -27.71
C PRO B 638 0.27 15.78 -26.58
N VAL B 639 1.32 16.06 -25.81
CA VAL B 639 1.29 17.05 -24.76
C VAL B 639 2.18 18.19 -25.23
N MET B 640 1.63 19.40 -25.27
CA MET B 640 2.30 20.57 -25.79
C MET B 640 2.58 21.60 -24.73
N ASN B 641 3.70 22.25 -24.94
CA ASN B 641 4.27 23.45 -24.35
C ASN B 641 3.32 24.65 -24.57
N ALA B 642 3.65 25.79 -23.98
CA ALA B 642 3.05 27.08 -24.28
C ALA B 642 3.30 27.44 -25.78
N ASN B 643 4.38 26.90 -26.41
CA ASN B 643 4.73 27.16 -27.80
C ASN B 643 4.26 26.09 -28.79
N GLY B 644 3.52 25.09 -28.34
CA GLY B 644 3.05 24.01 -29.21
C GLY B 644 4.06 22.92 -29.49
N GLU B 645 5.22 22.93 -28.81
CA GLU B 645 6.22 21.88 -29.00
C GLU B 645 5.89 20.69 -28.10
N LEU B 646 6.18 19.49 -28.59
CA LEU B 646 5.89 18.26 -27.88
C LEU B 646 6.79 18.11 -26.65
N ILE B 647 6.18 17.94 -25.48
CA ILE B 647 6.86 17.72 -24.20
C ILE B 647 6.57 16.33 -23.57
N GLY B 648 5.59 15.61 -24.12
CA GLY B 648 5.23 14.30 -23.62
C GLY B 648 4.08 13.66 -24.35
N LEU B 649 3.74 12.44 -23.94
CA LEU B 649 2.59 11.68 -24.47
C LEU B 649 1.72 11.30 -23.29
N ASN B 650 0.42 11.56 -23.37
CA ASN B 650 -0.49 11.14 -22.30
C ASN B 650 -0.60 9.59 -22.37
N PHE B 651 -0.66 8.91 -21.22
CA PHE B 651 -0.76 7.45 -21.24
C PHE B 651 -1.72 6.88 -20.21
N ASP B 652 -2.15 7.68 -19.23
CA ASP B 652 -3.08 7.24 -18.20
C ASP B 652 -3.59 8.45 -17.42
N ARG B 653 -4.40 8.22 -16.41
CA ARG B 653 -4.87 9.19 -15.43
C ARG B 653 -4.91 8.44 -14.06
N ASN B 654 -4.72 9.15 -12.96
CA ASN B 654 -4.70 8.53 -11.64
C ASN B 654 -6.12 8.07 -11.25
N TRP B 655 -6.22 7.09 -10.33
CA TRP B 655 -7.53 6.57 -9.92
C TRP B 655 -8.38 7.60 -9.21
N GLU B 656 -7.75 8.54 -8.48
CA GLU B 656 -8.51 9.59 -7.83
C GLU B 656 -9.26 10.47 -8.83
N GLY B 657 -8.89 10.40 -10.11
CA GLY B 657 -9.55 11.16 -11.16
C GLY B 657 -10.48 10.39 -12.06
N VAL B 658 -10.77 9.07 -11.79
CA VAL B 658 -11.70 8.34 -12.67
C VAL B 658 -13.16 8.91 -12.58
N GLY B 659 -13.54 9.47 -11.44
CA GLY B 659 -14.83 10.14 -11.29
C GLY B 659 -14.92 11.44 -12.11
N GLY B 660 -13.79 11.85 -12.70
CA GLY B 660 -13.66 13.02 -13.56
C GLY B 660 -14.45 12.93 -14.85
N ASP B 661 -14.94 11.72 -15.20
CA ASP B 661 -15.81 11.55 -16.38
C ASP B 661 -17.21 12.12 -16.08
N ILE B 662 -17.59 12.30 -14.80
CA ILE B 662 -18.85 12.86 -14.36
C ILE B 662 -18.57 14.28 -13.83
N GLN B 663 -17.52 14.45 -13.03
CA GLN B 663 -17.16 15.76 -12.50
C GLN B 663 -15.65 15.88 -12.34
N TYR B 664 -15.03 16.81 -13.06
CA TYR B 664 -13.59 17.05 -13.00
C TYR B 664 -13.17 17.39 -11.56
N LEU B 665 -12.09 16.79 -11.08
CA LEU B 665 -11.63 16.97 -9.72
C LEU B 665 -10.35 17.75 -9.68
N ALA B 666 -10.44 19.08 -9.68
CA ALA B 666 -9.31 20.00 -9.72
C ALA B 666 -8.17 19.67 -8.76
N ASP B 667 -8.47 19.22 -7.53
CA ASP B 667 -7.43 18.92 -6.55
C ASP B 667 -6.92 17.46 -6.55
N TYR B 668 -7.44 16.60 -7.45
CA TYR B 668 -7.00 15.21 -7.48
C TYR B 668 -6.71 14.70 -8.86
N GLN B 669 -7.56 15.03 -9.83
CA GLN B 669 -7.46 14.54 -11.20
C GLN B 669 -6.23 15.03 -11.97
N ARG B 670 -5.41 14.09 -12.44
CA ARG B 670 -4.22 14.43 -13.19
C ARG B 670 -4.05 13.50 -14.39
N SER B 671 -3.52 14.02 -15.52
CA SER B 671 -3.17 13.20 -16.67
C SER B 671 -1.72 12.71 -16.42
N ILE B 672 -1.45 11.42 -16.64
CA ILE B 672 -0.13 10.83 -16.42
C ILE B 672 0.51 10.74 -17.78
N ILE B 673 1.60 11.49 -17.94
CA ILE B 673 2.27 11.72 -19.18
C ILE B 673 3.70 11.22 -19.16
N VAL B 674 4.17 10.56 -20.23
CA VAL B 674 5.56 10.13 -20.31
C VAL B 674 6.34 11.28 -20.92
N ASP B 675 7.40 11.72 -20.25
CA ASP B 675 8.26 12.83 -20.66
C ASP B 675 8.90 12.49 -21.99
N ILE B 676 8.87 13.44 -22.95
CA ILE B 676 9.46 13.21 -24.26
C ILE B 676 10.99 13.07 -24.17
N ARG B 677 11.61 13.64 -23.14
CA ARG B 677 13.06 13.50 -22.92
C ARG B 677 13.44 12.06 -22.54
N TYR B 678 12.53 11.33 -21.88
CA TYR B 678 12.73 9.94 -21.50
C TYR B 678 12.53 9.05 -22.75
N VAL B 679 11.55 9.39 -23.62
CA VAL B 679 11.25 8.74 -24.89
C VAL B 679 12.53 8.77 -25.76
N LEU B 680 13.13 9.96 -25.96
CA LEU B 680 14.35 10.08 -26.74
C LEU B 680 15.55 9.39 -26.11
N LEU B 681 15.61 9.34 -24.78
CA LEU B 681 16.69 8.65 -24.08
C LEU B 681 16.59 7.13 -24.37
N VAL B 682 15.36 6.57 -24.37
CA VAL B 682 15.16 5.14 -24.64
C VAL B 682 15.46 4.81 -26.10
N ILE B 683 14.97 5.63 -27.05
CA ILE B 683 15.25 5.45 -28.50
C ILE B 683 16.76 5.43 -28.74
N ASP B 684 17.47 6.44 -28.20
CA ASP B 684 18.91 6.67 -28.31
C ASP B 684 19.82 5.66 -27.57
N LYS B 685 19.70 5.53 -26.24
CA LYS B 685 20.61 4.68 -25.45
C LYS B 685 20.15 3.25 -25.27
N VAL B 686 18.88 2.96 -25.50
CA VAL B 686 18.40 1.58 -25.34
C VAL B 686 18.25 0.91 -26.72
N GLY B 687 17.64 1.62 -27.65
CA GLY B 687 17.41 1.10 -28.98
C GLY B 687 18.52 1.37 -29.98
N GLY B 688 19.32 2.40 -29.72
CA GLY B 688 20.41 2.81 -30.58
C GLY B 688 19.94 3.27 -31.95
N CYS B 689 18.70 3.75 -32.03
CA CYS B 689 18.11 4.16 -33.30
C CYS B 689 18.28 5.65 -33.61
N GLN B 690 19.53 6.09 -33.82
CA GLN B 690 19.86 7.49 -34.13
C GLN B 690 19.12 8.08 -35.34
N ARG B 691 18.80 7.24 -36.34
CA ARG B 691 18.11 7.69 -37.53
C ARG B 691 16.74 8.32 -37.21
N LEU B 692 16.08 7.88 -36.12
CA LEU B 692 14.78 8.42 -35.69
C LEU B 692 14.93 9.77 -35.00
N LEU B 693 16.03 9.95 -34.27
CA LEU B 693 16.35 11.22 -33.63
C LEU B 693 16.68 12.25 -34.69
N ASP B 694 17.52 11.86 -35.69
CA ASP B 694 17.95 12.73 -36.79
C ASP B 694 16.78 13.21 -37.67
N GLU B 695 15.76 12.37 -37.80
CA GLU B 695 14.54 12.60 -38.55
C GLU B 695 13.60 13.63 -37.92
N MET B 696 13.61 13.73 -36.59
CA MET B 696 12.77 14.65 -35.82
C MET B 696 13.36 16.06 -35.82
N ASN B 697 12.51 17.08 -35.63
CA ASN B 697 12.98 18.45 -35.48
C ASN B 697 13.03 18.78 -33.98
N ILE B 698 14.20 18.56 -33.38
CA ILE B 698 14.45 18.77 -31.97
C ILE B 698 14.93 20.18 -31.67
N VAL B 699 14.19 20.90 -30.81
CA VAL B 699 14.51 22.28 -30.45
C VAL B 699 15.21 22.31 -29.09
N PRO B 700 16.27 23.13 -28.97
CA PRO B 700 17.04 23.18 -27.70
C PRO B 700 16.24 23.56 -26.45
#